data_2KPF
#
_entry.id   2KPF
#
_entity_poly.entity_id   1
_entity_poly.type   'polypeptide(L)'
_entity_poly.pdbx_seq_one_letter_code
;RVQLAHHFSEPEITLIIFGVMAGVIGTILLISYGIRRL
;
_entity_poly.pdbx_strand_id   A,B
#
# COMPACT_ATOMS: atom_id res chain seq x y z
N ARG A 1 10.53 18.50 4.00
CA ARG A 1 9.57 17.81 3.15
C ARG A 1 8.62 18.80 2.49
N VAL A 2 9.17 19.83 1.85
CA VAL A 2 8.37 20.84 1.18
C VAL A 2 8.31 20.59 -0.32
N GLN A 3 7.12 20.72 -0.88
CA GLN A 3 6.93 20.51 -2.32
C GLN A 3 7.26 21.77 -3.10
N LEU A 4 7.17 21.68 -4.42
CA LEU A 4 7.46 22.81 -5.29
C LEU A 4 6.71 22.70 -6.61
N ALA A 5 6.52 23.83 -7.29
CA ALA A 5 5.82 23.85 -8.57
C ALA A 5 4.33 23.63 -8.38
N HIS A 6 3.56 24.71 -8.40
CA HIS A 6 2.11 24.62 -8.23
C HIS A 6 1.46 23.94 -9.44
N HIS A 7 1.14 22.66 -9.29
CA HIS A 7 0.52 21.90 -10.36
C HIS A 7 0.25 20.47 -9.92
N PHE A 8 -0.61 19.77 -10.67
CA PHE A 8 -0.96 18.39 -10.34
C PHE A 8 0.09 17.42 -10.89
N SER A 9 0.25 16.30 -10.21
CA SER A 9 1.22 15.29 -10.63
C SER A 9 0.87 13.92 -10.05
N GLU A 10 1.73 12.94 -10.30
CA GLU A 10 1.50 11.59 -9.82
C GLU A 10 0.10 11.10 -10.19
N PRO A 11 -0.11 10.85 -11.50
CA PRO A 11 -1.39 10.38 -12.01
C PRO A 11 -1.70 8.94 -11.60
N GLU A 12 -0.72 8.30 -10.96
CA GLU A 12 -0.88 6.92 -10.50
C GLU A 12 -1.67 6.87 -9.20
N ILE A 13 -2.48 7.89 -8.96
CA ILE A 13 -3.28 7.95 -7.75
C ILE A 13 -4.12 6.69 -7.57
N THR A 14 -4.95 6.39 -8.56
CA THR A 14 -5.80 5.21 -8.53
C THR A 14 -5.00 3.97 -8.16
N LEU A 15 -3.83 3.82 -8.79
CA LEU A 15 -2.96 2.68 -8.53
C LEU A 15 -2.64 2.56 -7.04
N ILE A 16 -2.21 3.67 -6.44
CA ILE A 16 -1.87 3.68 -5.03
C ILE A 16 -3.04 3.23 -4.18
N ILE A 17 -4.23 3.75 -4.48
CA ILE A 17 -5.43 3.38 -3.74
C ILE A 17 -5.75 1.91 -3.90
N PHE A 18 -5.77 1.45 -5.15
CA PHE A 18 -6.07 0.05 -5.46
C PHE A 18 -5.14 -0.88 -4.68
N GLY A 19 -3.84 -0.58 -4.73
CA GLY A 19 -2.87 -1.40 -4.03
C GLY A 19 -3.17 -1.53 -2.56
N VAL A 20 -3.30 -0.40 -1.88
CA VAL A 20 -3.60 -0.38 -0.45
C VAL A 20 -4.93 -1.05 -0.16
N MET A 21 -5.89 -0.88 -1.07
CA MET A 21 -7.21 -1.47 -0.91
C MET A 21 -7.13 -2.99 -0.95
N ALA A 22 -6.40 -3.53 -1.92
CA ALA A 22 -6.25 -4.96 -2.07
C ALA A 22 -5.48 -5.55 -0.90
N GLY A 23 -4.37 -4.91 -0.54
CA GLY A 23 -3.55 -5.38 0.56
C GLY A 23 -4.32 -5.39 1.88
N VAL A 24 -4.91 -4.26 2.23
CA VAL A 24 -5.67 -4.14 3.47
C VAL A 24 -6.72 -5.24 3.58
N ILE A 25 -7.60 -5.31 2.58
CA ILE A 25 -8.66 -6.31 2.58
C ILE A 25 -8.08 -7.72 2.69
N GLY A 26 -6.99 -7.96 1.97
CA GLY A 26 -6.36 -9.26 1.99
C GLY A 26 -5.94 -9.67 3.39
N THR A 27 -5.21 -8.79 4.07
CA THR A 27 -4.74 -9.07 5.42
C THR A 27 -5.91 -9.38 6.35
N ILE A 28 -6.96 -8.56 6.27
CA ILE A 28 -8.14 -8.75 7.11
C ILE A 28 -8.69 -10.17 6.97
N LEU A 29 -8.89 -10.61 5.73
CA LEU A 29 -9.41 -11.94 5.47
C LEU A 29 -8.52 -13.00 6.12
N LEU A 30 -7.23 -12.95 5.82
CA LEU A 30 -6.28 -13.91 6.37
C LEU A 30 -6.31 -13.89 7.90
N ILE A 31 -6.18 -12.70 8.47
CA ILE A 31 -6.19 -12.54 9.92
C ILE A 31 -7.45 -13.15 10.52
N SER A 32 -8.60 -12.80 9.95
CA SER A 32 -9.88 -13.31 10.44
C SER A 32 -9.88 -14.83 10.47
N TYR A 33 -9.11 -15.43 9.57
CA TYR A 33 -9.02 -16.89 9.49
C TYR A 33 -8.22 -17.46 10.66
N GLY A 34 -7.18 -16.73 11.07
CA GLY A 34 -6.35 -17.17 12.17
C GLY A 34 -7.11 -17.20 13.49
N ILE A 35 -8.00 -16.23 13.68
CA ILE A 35 -8.79 -16.16 14.91
C ILE A 35 -9.74 -17.34 15.02
N ARG A 36 -10.22 -17.82 13.88
CA ARG A 36 -11.13 -18.96 13.84
C ARG A 36 -10.39 -20.26 14.13
N ARG A 37 -9.21 -20.40 13.56
CA ARG A 37 -8.40 -21.60 13.75
C ARG A 37 -8.93 -22.76 12.90
N LEU A 38 -10.25 -22.92 12.91
CA LEU A 38 -10.88 -23.99 12.13
C LEU A 38 -10.23 -25.33 12.42
N ARG B 1 18.78 20.68 -20.75
CA ARG B 1 18.24 19.57 -19.98
C ARG B 1 18.97 18.27 -20.30
N VAL B 2 19.94 17.91 -19.48
CA VAL B 2 20.70 16.68 -19.68
C VAL B 2 21.54 16.34 -18.46
N GLN B 3 21.46 15.08 -18.02
CA GLN B 3 22.21 14.64 -16.85
C GLN B 3 21.78 15.40 -15.61
N LEU B 4 21.86 14.72 -14.45
CA LEU B 4 21.48 15.34 -13.19
C LEU B 4 20.06 15.87 -13.25
N ALA B 5 19.62 16.52 -12.17
CA ALA B 5 18.28 17.09 -12.10
C ALA B 5 17.23 15.99 -11.96
N HIS B 6 17.59 14.92 -11.27
CA HIS B 6 16.68 13.80 -11.06
C HIS B 6 16.00 13.40 -12.37
N HIS B 7 16.67 12.58 -13.15
CA HIS B 7 16.12 12.12 -14.43
C HIS B 7 14.72 11.57 -14.25
N PHE B 8 13.75 12.19 -14.93
CA PHE B 8 12.36 11.75 -14.84
C PHE B 8 12.22 10.29 -15.26
N SER B 9 11.03 9.74 -15.04
CA SER B 9 10.76 8.34 -15.39
C SER B 9 9.26 8.08 -15.40
N GLU B 10 8.90 6.79 -15.45
CA GLU B 10 7.50 6.39 -15.47
C GLU B 10 7.31 5.05 -14.78
N PRO B 11 7.45 5.04 -13.44
CA PRO B 11 7.29 3.82 -12.63
C PRO B 11 5.85 3.34 -12.58
N GLU B 12 5.63 2.21 -11.93
CA GLU B 12 4.30 1.64 -11.82
C GLU B 12 4.28 0.49 -10.79
N ILE B 13 5.00 -0.57 -11.11
CA ILE B 13 5.08 -1.73 -10.21
C ILE B 13 5.38 -1.30 -8.78
N THR B 14 6.45 -0.53 -8.62
CA THR B 14 6.86 -0.05 -7.31
C THR B 14 5.69 0.55 -6.55
N LEU B 15 4.95 1.44 -7.22
CA LEU B 15 3.79 2.08 -6.61
C LEU B 15 2.79 1.05 -6.09
N ILE B 16 2.46 0.09 -6.95
CA ILE B 16 1.52 -0.96 -6.56
C ILE B 16 1.98 -1.69 -5.32
N ILE B 17 3.27 -2.04 -5.28
CA ILE B 17 3.84 -2.75 -4.14
C ILE B 17 3.79 -1.89 -2.88
N PHE B 18 4.27 -0.65 -3.00
CA PHE B 18 4.28 0.27 -1.87
C PHE B 18 2.88 0.41 -1.27
N GLY B 19 1.90 0.64 -2.13
CA GLY B 19 0.53 0.80 -1.66
C GLY B 19 0.07 -0.40 -0.85
N VAL B 20 0.16 -1.59 -1.43
CA VAL B 20 -0.25 -2.81 -0.75
C VAL B 20 0.55 -3.04 0.51
N MET B 21 1.82 -2.66 0.48
CA MET B 21 2.70 -2.82 1.63
C MET B 21 2.24 -1.94 2.79
N ALA B 22 1.95 -0.68 2.50
CA ALA B 22 1.50 0.25 3.52
C ALA B 22 0.14 -0.16 4.08
N GLY B 23 -0.78 -0.51 3.18
CA GLY B 23 -2.11 -0.92 3.61
C GLY B 23 -2.09 -2.16 4.47
N VAL B 24 -1.43 -3.20 3.97
CA VAL B 24 -1.34 -4.47 4.71
C VAL B 24 -0.80 -4.24 6.13
N ILE B 25 0.39 -3.66 6.22
CA ILE B 25 1.01 -3.39 7.51
C ILE B 25 0.10 -2.54 8.39
N GLY B 26 -0.56 -1.55 7.78
CA GLY B 26 -1.45 -0.69 8.52
C GLY B 26 -2.57 -1.46 9.20
N THR B 27 -3.27 -2.28 8.42
CA THR B 27 -4.38 -3.07 8.95
C THR B 27 -3.91 -3.97 10.10
N ILE B 28 -2.78 -4.62 9.91
CA ILE B 28 -2.23 -5.51 10.94
C ILE B 28 -2.08 -4.77 12.27
N LEU B 29 -1.45 -3.61 12.23
CA LEU B 29 -1.25 -2.82 13.44
C LEU B 29 -2.57 -2.50 14.11
N LEU B 30 -3.50 -1.94 13.35
CA LEU B 30 -4.82 -1.59 13.86
C LEU B 30 -5.51 -2.83 14.46
N ILE B 31 -5.58 -3.89 13.68
CA ILE B 31 -6.21 -5.13 14.12
C ILE B 31 -5.59 -5.63 15.42
N SER B 32 -4.26 -5.67 15.45
CA SER B 32 -3.53 -6.14 16.63
C SER B 32 -3.93 -5.33 17.86
N TYR B 33 -4.34 -4.08 17.64
CA TYR B 33 -4.75 -3.21 18.74
C TYR B 33 -6.12 -3.63 19.29
N GLY B 34 -7.00 -4.07 18.39
CA GLY B 34 -8.32 -4.49 18.80
C GLY B 34 -8.28 -5.72 19.69
N ILE B 35 -7.39 -6.65 19.38
CA ILE B 35 -7.25 -7.87 20.16
C ILE B 35 -6.78 -7.57 21.58
N ARG B 36 -5.98 -6.52 21.73
CA ARG B 36 -5.45 -6.13 23.03
C ARG B 36 -6.54 -5.45 23.86
N ARG B 37 -7.43 -4.74 23.20
CA ARG B 37 -8.52 -4.04 23.88
C ARG B 37 -7.96 -2.98 24.82
N LEU B 38 -6.79 -2.45 24.50
CA LEU B 38 -6.16 -1.43 25.32
C LEU B 38 -5.11 -0.66 24.51
N ARG A 1 14.36 10.66 4.57
CA ARG A 1 15.80 10.46 4.63
C ARG A 1 16.55 11.73 4.24
N VAL A 2 15.95 12.51 3.34
CA VAL A 2 16.56 13.75 2.88
C VAL A 2 15.49 14.76 2.46
N GLN A 3 15.86 16.03 2.49
CA GLN A 3 14.93 17.10 2.12
C GLN A 3 14.82 17.20 0.59
N LEU A 4 13.95 18.10 0.14
CA LEU A 4 13.75 18.30 -1.29
C LEU A 4 13.09 19.65 -1.56
N ALA A 5 12.80 19.92 -2.84
CA ALA A 5 12.17 21.17 -3.23
C ALA A 5 11.43 21.02 -4.55
N HIS A 6 10.78 19.88 -4.73
CA HIS A 6 10.03 19.61 -5.95
C HIS A 6 8.92 18.58 -5.70
N HIS A 7 8.11 18.34 -6.73
CA HIS A 7 7.01 17.38 -6.61
C HIS A 7 6.30 17.22 -7.95
N PHE A 8 6.86 16.38 -8.81
CA PHE A 8 6.28 16.13 -10.12
C PHE A 8 4.85 15.62 -10.00
N SER A 9 4.19 15.43 -11.14
CA SER A 9 2.82 14.94 -11.16
C SER A 9 2.76 13.47 -10.77
N GLU A 10 1.64 13.07 -10.18
CA GLU A 10 1.46 11.68 -9.74
C GLU A 10 0.08 11.17 -10.12
N PRO A 11 -0.13 10.94 -11.43
CA PRO A 11 -1.41 10.44 -11.94
C PRO A 11 -1.70 9.00 -11.53
N GLU A 12 -0.71 8.37 -10.89
CA GLU A 12 -0.85 6.99 -10.44
C GLU A 12 -1.64 6.92 -9.14
N ILE A 13 -2.46 7.93 -8.90
CA ILE A 13 -3.27 7.98 -7.69
C ILE A 13 -4.11 6.71 -7.53
N THR A 14 -4.94 6.42 -8.53
CA THR A 14 -5.78 5.23 -8.50
C THR A 14 -4.97 3.99 -8.15
N LEU A 15 -3.80 3.87 -8.75
CA LEU A 15 -2.93 2.72 -8.51
C LEU A 15 -2.61 2.58 -7.02
N ILE A 16 -2.18 3.68 -6.41
CA ILE A 16 -1.86 3.69 -4.99
C ILE A 16 -3.03 3.21 -4.15
N ILE A 17 -4.22 3.75 -4.45
CA ILE A 17 -5.43 3.37 -3.73
C ILE A 17 -5.75 1.90 -3.91
N PHE A 18 -5.76 1.44 -5.17
CA PHE A 18 -6.04 0.05 -5.47
C PHE A 18 -5.12 -0.89 -4.71
N GLY A 19 -3.82 -0.60 -4.75
CA GLY A 19 -2.86 -1.43 -4.06
C GLY A 19 -3.17 -1.55 -2.58
N VAL A 20 -3.30 -0.42 -1.89
CA VAL A 20 -3.60 -0.41 -0.47
C VAL A 20 -4.94 -1.07 -0.19
N MET A 21 -5.88 -0.91 -1.11
CA MET A 21 -7.20 -1.50 -0.95
C MET A 21 -7.13 -3.03 -0.98
N ALA A 22 -6.41 -3.56 -1.95
CA ALA A 22 -6.26 -5.00 -2.09
C ALA A 22 -5.49 -5.59 -0.92
N GLY A 23 -4.39 -4.93 -0.54
CA GLY A 23 -3.58 -5.39 0.57
C GLY A 23 -4.34 -5.39 1.88
N VAL A 24 -4.95 -4.26 2.21
CA VAL A 24 -5.72 -4.13 3.45
C VAL A 24 -6.76 -5.23 3.56
N ILE A 25 -7.65 -5.31 2.58
CA ILE A 25 -8.70 -6.32 2.57
C ILE A 25 -8.11 -7.72 2.67
N GLY A 26 -7.01 -7.96 1.97
CA GLY A 26 -6.38 -9.25 2.00
C GLY A 26 -5.96 -9.66 3.40
N THR A 27 -5.22 -8.79 4.07
CA THR A 27 -4.76 -9.06 5.43
C THR A 27 -5.92 -9.36 6.36
N ILE A 28 -6.98 -8.56 6.26
CA ILE A 28 -8.16 -8.74 7.09
C ILE A 28 -8.71 -10.15 6.97
N LEU A 29 -8.92 -10.59 5.74
CA LEU A 29 -9.43 -11.94 5.48
C LEU A 29 -8.54 -13.00 6.13
N LEU A 30 -7.26 -12.93 5.83
CA LEU A 30 -6.30 -13.89 6.39
C LEU A 30 -6.32 -13.86 7.91
N ILE A 31 -6.20 -12.67 8.48
CA ILE A 31 -6.21 -12.51 9.93
C ILE A 31 -7.46 -13.13 10.54
N SER A 32 -8.62 -12.79 9.98
CA SER A 32 -9.89 -13.31 10.47
C SER A 32 -9.88 -14.84 10.49
N TYR A 33 -9.11 -15.44 9.58
CA TYR A 33 -9.01 -16.89 9.50
C TYR A 33 -8.20 -17.45 10.65
N GLY A 34 -7.15 -16.72 11.04
CA GLY A 34 -6.30 -17.15 12.14
C GLY A 34 -7.04 -17.20 13.46
N ILE A 35 -7.94 -16.24 13.68
CA ILE A 35 -8.71 -16.18 14.91
C ILE A 35 -9.65 -17.38 15.02
N ARG A 36 -10.13 -17.86 13.88
CA ARG A 36 -11.03 -19.01 13.87
C ARG A 36 -10.27 -20.31 14.14
N ARG A 37 -9.07 -20.40 13.60
CA ARG A 37 -8.23 -21.59 13.78
C ARG A 37 -8.95 -22.83 13.27
N LEU A 38 -9.86 -22.63 12.31
CA LEU A 38 -10.62 -23.75 11.73
C LEU A 38 -9.83 -24.41 10.61
N ARG B 1 2.96 18.35 -18.11
CA ARG B 1 4.30 18.59 -18.61
C ARG B 1 5.29 17.59 -18.02
N VAL B 2 5.84 16.74 -18.88
CA VAL B 2 6.81 15.74 -18.44
C VAL B 2 8.22 16.10 -18.88
N GLN B 3 9.21 15.71 -18.08
CA GLN B 3 10.61 15.99 -18.39
C GLN B 3 11.14 15.01 -19.43
N LEU B 4 12.38 15.23 -19.86
CA LEU B 4 13.01 14.36 -20.85
C LEU B 4 14.53 14.38 -20.71
N ALA B 5 15.14 13.20 -20.65
CA ALA B 5 16.58 13.09 -20.53
C ALA B 5 17.05 11.68 -20.86
N HIS B 6 16.35 11.02 -21.79
CA HIS B 6 16.70 9.67 -22.21
C HIS B 6 16.96 8.79 -20.99
N HIS B 7 15.90 8.23 -20.42
CA HIS B 7 16.02 7.36 -19.25
C HIS B 7 14.67 6.77 -18.87
N PHE B 8 14.17 5.85 -19.69
CA PHE B 8 12.88 5.22 -19.44
C PHE B 8 12.91 4.44 -18.13
N SER B 9 11.73 4.02 -17.67
CA SER B 9 11.62 3.27 -16.43
C SER B 9 10.22 2.68 -16.27
N GLU B 10 9.91 2.20 -15.07
CA GLU B 10 8.61 1.61 -14.80
C GLU B 10 8.30 1.66 -13.30
N PRO B 11 8.10 2.88 -12.78
CA PRO B 11 7.78 3.10 -11.36
C PRO B 11 6.40 2.59 -10.99
N GLU B 12 5.60 2.28 -11.99
CA GLU B 12 4.24 1.78 -11.78
C GLU B 12 4.23 0.62 -10.79
N ILE B 13 4.93 -0.45 -11.14
CA ILE B 13 5.01 -1.63 -10.30
C ILE B 13 5.33 -1.25 -8.86
N THR B 14 6.42 -0.50 -8.67
CA THR B 14 6.84 -0.07 -7.35
C THR B 14 5.67 0.53 -6.58
N LEU B 15 4.94 1.43 -7.22
CA LEU B 15 3.79 2.08 -6.58
C LEU B 15 2.79 1.04 -6.08
N ILE B 16 2.45 0.09 -6.94
CA ILE B 16 1.52 -0.97 -6.58
C ILE B 16 1.97 -1.72 -5.33
N ILE B 17 3.25 -2.08 -5.31
CA ILE B 17 3.81 -2.80 -4.17
C ILE B 17 3.78 -1.94 -2.91
N PHE B 18 4.26 -0.71 -3.01
CA PHE B 18 4.29 0.21 -1.89
C PHE B 18 2.90 0.36 -1.28
N GLY B 19 1.90 0.58 -2.13
CA GLY B 19 0.54 0.74 -1.66
C GLY B 19 0.06 -0.44 -0.85
N VAL B 20 0.17 -1.64 -1.43
CA VAL B 20 -0.25 -2.86 -0.76
C VAL B 20 0.56 -3.09 0.52
N MET B 21 1.83 -2.71 0.48
CA MET B 21 2.70 -2.88 1.63
C MET B 21 2.24 -2.00 2.80
N ALA B 22 1.95 -0.74 2.51
CA ALA B 22 1.49 0.19 3.52
C ALA B 22 0.13 -0.22 4.08
N GLY B 23 -0.78 -0.59 3.19
CA GLY B 23 -2.11 -0.99 3.61
C GLY B 23 -2.08 -2.25 4.47
N VAL B 24 -1.42 -3.29 3.97
CA VAL B 24 -1.34 -4.55 4.70
C VAL B 24 -0.80 -4.33 6.11
N ILE B 25 0.40 -3.74 6.20
CA ILE B 25 1.01 -3.48 7.50
C ILE B 25 0.09 -2.65 8.39
N GLY B 26 -0.57 -1.66 7.79
CA GLY B 26 -1.47 -0.80 8.54
C GLY B 26 -2.59 -1.59 9.21
N THR B 27 -3.28 -2.40 8.43
CA THR B 27 -4.38 -3.21 8.94
C THR B 27 -3.91 -4.10 10.09
N ILE B 28 -2.76 -4.74 9.89
CA ILE B 28 -2.21 -5.63 10.91
C ILE B 28 -2.07 -4.92 12.25
N LEU B 29 -1.43 -3.75 12.23
CA LEU B 29 -1.24 -2.96 13.44
C LEU B 29 -2.58 -2.66 14.11
N LEU B 30 -3.51 -2.11 13.35
CA LEU B 30 -4.83 -1.77 13.88
C LEU B 30 -5.51 -3.01 14.45
N ILE B 31 -5.56 -4.07 13.66
CA ILE B 31 -6.18 -5.31 14.09
C ILE B 31 -5.58 -5.81 15.40
N SER B 32 -4.26 -5.84 15.46
CA SER B 32 -3.55 -6.29 16.65
C SER B 32 -3.99 -5.50 17.87
N TYR B 33 -4.39 -4.25 17.65
CA TYR B 33 -4.83 -3.38 18.73
C TYR B 33 -6.20 -3.80 19.25
N GLY B 34 -7.06 -4.23 18.32
CA GLY B 34 -8.40 -4.65 18.69
C GLY B 34 -8.40 -5.88 19.58
N ILE B 35 -7.47 -6.80 19.31
CA ILE B 35 -7.36 -8.03 20.08
C ILE B 35 -6.95 -7.73 21.53
N ARG B 36 -6.17 -6.67 21.71
CA ARG B 36 -5.71 -6.29 23.03
C ARG B 36 -6.83 -5.62 23.83
N ARG B 37 -7.58 -4.75 23.16
CA ARG B 37 -8.69 -4.05 23.81
C ARG B 37 -8.22 -3.37 25.09
N LEU B 38 -6.96 -2.98 25.11
CA LEU B 38 -6.39 -2.31 26.28
C LEU B 38 -6.68 -3.10 27.56
N ARG A 1 22.00 21.83 -3.54
CA ARG A 1 21.07 20.95 -4.26
C ARG A 1 20.41 19.97 -3.31
N VAL A 2 19.30 20.39 -2.71
CA VAL A 2 18.56 19.55 -1.78
C VAL A 2 18.07 18.27 -2.45
N GLN A 3 18.46 17.13 -1.90
CA GLN A 3 18.06 15.83 -2.45
C GLN A 3 16.68 15.42 -1.94
N LEU A 4 16.02 14.55 -2.70
CA LEU A 4 14.69 14.08 -2.33
C LEU A 4 13.74 15.25 -2.09
N ALA A 5 12.57 14.95 -1.56
CA ALA A 5 11.57 15.98 -1.28
C ALA A 5 10.94 16.51 -2.57
N HIS A 6 10.85 15.63 -3.57
CA HIS A 6 10.27 16.01 -4.86
C HIS A 6 8.75 16.11 -4.76
N HIS A 7 8.10 16.27 -5.91
CA HIS A 7 6.64 16.38 -5.95
C HIS A 7 6.14 16.40 -7.39
N PHE A 8 6.82 15.66 -8.26
CA PHE A 8 6.44 15.61 -9.67
C PHE A 8 5.04 15.03 -9.84
N SER A 9 4.52 15.10 -11.05
CA SER A 9 3.18 14.59 -11.35
C SER A 9 3.03 13.15 -10.87
N GLU A 10 1.91 12.87 -10.21
CA GLU A 10 1.64 11.53 -9.69
C GLU A 10 0.25 11.06 -10.10
N PRO A 11 0.05 10.83 -11.40
CA PRO A 11 -1.24 10.38 -11.94
C PRO A 11 -1.56 8.94 -11.54
N GLU A 12 -0.60 8.29 -10.90
CA GLU A 12 -0.78 6.90 -10.46
C GLU A 12 -1.59 6.85 -9.16
N ILE A 13 -2.39 7.89 -8.92
CA ILE A 13 -3.21 7.95 -7.72
C ILE A 13 -4.05 6.69 -7.55
N THR A 14 -4.86 6.40 -8.56
CA THR A 14 -5.73 5.22 -8.53
C THR A 14 -4.93 3.97 -8.17
N LEU A 15 -3.76 3.83 -8.77
CA LEU A 15 -2.90 2.67 -8.51
C LEU A 15 -2.60 2.55 -7.02
N ILE A 16 -2.16 3.66 -6.42
CA ILE A 16 -1.83 3.68 -5.00
C ILE A 16 -3.01 3.22 -4.16
N ILE A 17 -4.19 3.75 -4.46
CA ILE A 17 -5.41 3.39 -3.73
C ILE A 17 -5.73 1.91 -3.91
N PHE A 18 -5.74 1.45 -5.16
CA PHE A 18 -6.04 0.06 -5.46
C PHE A 18 -5.12 -0.88 -4.68
N GLY A 19 -3.83 -0.59 -4.72
CA GLY A 19 -2.85 -1.41 -4.02
C GLY A 19 -3.17 -1.54 -2.54
N VAL A 20 -3.30 -0.40 -1.87
CA VAL A 20 -3.60 -0.39 -0.44
C VAL A 20 -4.95 -1.05 -0.16
N MET A 21 -5.89 -0.89 -1.08
CA MET A 21 -7.21 -1.47 -0.92
C MET A 21 -7.15 -2.99 -0.96
N ALA A 22 -6.41 -3.52 -1.93
CA ALA A 22 -6.27 -4.97 -2.07
C ALA A 22 -5.51 -5.56 -0.90
N GLY A 23 -4.39 -4.91 -0.53
CA GLY A 23 -3.59 -5.39 0.58
C GLY A 23 -4.35 -5.40 1.89
N VAL A 24 -4.95 -4.26 2.23
CA VAL A 24 -5.72 -4.13 3.46
C VAL A 24 -6.77 -5.23 3.57
N ILE A 25 -7.65 -5.29 2.57
CA ILE A 25 -8.70 -6.30 2.56
C ILE A 25 -8.14 -7.71 2.67
N GLY A 26 -7.03 -7.95 1.96
CA GLY A 26 -6.40 -9.26 2.00
C GLY A 26 -5.99 -9.66 3.41
N THR A 27 -5.25 -8.78 4.08
CA THR A 27 -4.79 -9.06 5.44
C THR A 27 -5.96 -9.36 6.36
N ILE A 28 -7.02 -8.56 6.25
CA ILE A 28 -8.20 -8.74 7.08
C ILE A 28 -8.76 -10.16 6.96
N LEU A 29 -8.95 -10.60 5.72
CA LEU A 29 -9.48 -11.94 5.46
C LEU A 29 -8.59 -13.00 6.11
N LEU A 30 -7.30 -12.95 5.81
CA LEU A 30 -6.35 -13.90 6.36
C LEU A 30 -6.38 -13.87 7.89
N ILE A 31 -6.27 -12.67 8.46
CA ILE A 31 -6.29 -12.51 9.91
C ILE A 31 -7.52 -13.15 10.51
N SER A 32 -8.68 -12.88 9.92
CA SER A 32 -9.94 -13.43 10.40
C SER A 32 -9.87 -14.95 10.49
N TYR A 33 -9.14 -15.57 9.56
CA TYR A 33 -9.00 -17.01 9.54
C TYR A 33 -8.13 -17.50 10.70
N GLY A 34 -7.11 -16.71 11.02
CA GLY A 34 -6.22 -17.07 12.11
C GLY A 34 -6.91 -17.08 13.46
N ILE A 35 -7.84 -16.14 13.64
CA ILE A 35 -8.58 -16.05 14.91
C ILE A 35 -9.46 -17.28 15.11
N ARG A 36 -9.94 -17.85 14.01
CA ARG A 36 -10.79 -19.03 14.08
C ARG A 36 -9.98 -20.28 14.41
N ARG A 37 -8.82 -20.40 13.78
CA ARG A 37 -7.94 -21.55 14.02
C ARG A 37 -8.64 -22.85 13.63
N LEU A 38 -8.72 -23.11 12.33
CA LEU A 38 -9.35 -24.32 11.82
C LEU A 38 -8.90 -24.62 10.40
N ARG B 1 19.34 17.28 -11.22
CA ARG B 1 17.95 16.99 -10.86
C ARG B 1 17.86 15.71 -10.03
N VAL B 2 18.95 15.38 -9.35
CA VAL B 2 19.00 14.18 -8.51
C VAL B 2 18.58 12.95 -9.31
N GLN B 3 19.54 12.31 -9.95
CA GLN B 3 19.26 11.11 -10.74
C GLN B 3 19.17 9.88 -9.86
N LEU B 4 18.83 8.74 -10.46
CA LEU B 4 18.71 7.49 -9.73
C LEU B 4 18.96 6.29 -10.64
N ALA B 5 19.77 5.36 -10.17
CA ALA B 5 20.08 4.16 -10.95
C ALA B 5 20.73 3.09 -10.07
N HIS B 6 19.90 2.20 -9.52
CA HIS B 6 20.38 1.14 -8.66
C HIS B 6 19.42 -0.05 -8.67
N HIS B 7 18.67 -0.19 -9.75
CA HIS B 7 17.71 -1.27 -9.88
C HIS B 7 16.97 -1.20 -11.22
N PHE B 8 16.39 -2.31 -11.63
CA PHE B 8 15.66 -2.37 -12.90
C PHE B 8 14.52 -1.34 -12.93
N SER B 9 13.96 -1.14 -14.12
CA SER B 9 12.88 -0.17 -14.27
C SER B 9 11.56 -0.74 -13.71
N GLU B 10 10.88 0.07 -12.92
CA GLU B 10 9.62 -0.34 -12.32
C GLU B 10 8.95 0.81 -11.58
N PRO B 11 8.54 1.85 -12.33
CA PRO B 11 7.90 3.04 -11.77
C PRO B 11 6.50 2.74 -11.26
N GLU B 12 5.69 2.07 -12.08
CA GLU B 12 4.33 1.72 -11.70
C GLU B 12 4.31 0.57 -10.70
N ILE B 13 5.04 -0.49 -11.03
CA ILE B 13 5.11 -1.66 -10.17
C ILE B 13 5.42 -1.26 -8.73
N THR B 14 6.49 -0.51 -8.54
CA THR B 14 6.89 -0.06 -7.22
C THR B 14 5.71 0.55 -6.46
N LEU B 15 4.98 1.42 -7.13
CA LEU B 15 3.83 2.08 -6.52
C LEU B 15 2.82 1.05 -6.02
N ILE B 16 2.49 0.08 -6.87
CA ILE B 16 1.55 -0.96 -6.50
C ILE B 16 2.00 -1.70 -5.24
N ILE B 17 3.28 -2.06 -5.20
CA ILE B 17 3.85 -2.76 -4.06
C ILE B 17 3.79 -1.90 -2.80
N PHE B 18 4.27 -0.67 -2.92
CA PHE B 18 4.27 0.27 -1.79
C PHE B 18 2.88 0.40 -1.20
N GLY B 19 1.90 0.63 -2.06
CA GLY B 19 0.53 0.79 -1.61
C GLY B 19 0.04 -0.40 -0.80
N VAL B 20 0.15 -1.59 -1.38
CA VAL B 20 -0.28 -2.81 -0.71
C VAL B 20 0.52 -3.04 0.57
N MET B 21 1.79 -2.66 0.54
CA MET B 21 2.67 -2.82 1.70
C MET B 21 2.20 -1.95 2.86
N ALA B 22 1.91 -0.69 2.57
CA ALA B 22 1.46 0.25 3.59
C ALA B 22 0.09 -0.16 4.13
N GLY B 23 -0.82 -0.52 3.23
CA GLY B 23 -2.15 -0.93 3.64
C GLY B 23 -2.14 -2.18 4.50
N VAL B 24 -1.48 -3.22 4.01
CA VAL B 24 -1.40 -4.48 4.75
C VAL B 24 -0.88 -4.26 6.16
N ILE B 25 0.31 -3.67 6.27
CA ILE B 25 0.92 -3.40 7.56
C ILE B 25 -0.01 -2.57 8.45
N GLY B 26 -0.64 -1.57 7.84
CA GLY B 26 -1.55 -0.72 8.58
C GLY B 26 -2.68 -1.50 9.24
N THR B 27 -3.36 -2.31 8.44
CA THR B 27 -4.47 -3.11 8.94
C THR B 27 -4.03 -4.01 10.10
N ILE B 28 -2.90 -4.69 9.92
CA ILE B 28 -2.37 -5.57 10.94
C ILE B 28 -2.25 -4.84 12.28
N LEU B 29 -1.61 -3.68 12.26
CA LEU B 29 -1.42 -2.89 13.46
C LEU B 29 -2.76 -2.58 14.13
N LEU B 30 -3.69 -2.03 13.35
CA LEU B 30 -5.01 -1.69 13.87
C LEU B 30 -5.70 -2.92 14.45
N ILE B 31 -5.76 -3.99 13.66
CA ILE B 31 -6.40 -5.23 14.10
C ILE B 31 -5.76 -5.74 15.39
N SER B 32 -4.43 -5.79 15.40
CA SER B 32 -3.71 -6.27 16.57
C SER B 32 -4.10 -5.47 17.82
N TYR B 33 -4.43 -4.21 17.61
CA TYR B 33 -4.82 -3.33 18.72
C TYR B 33 -6.21 -3.71 19.24
N GLY B 34 -7.09 -4.11 18.33
CA GLY B 34 -8.44 -4.49 18.72
C GLY B 34 -8.47 -5.73 19.59
N ILE B 35 -7.58 -6.68 19.29
CA ILE B 35 -7.50 -7.92 20.05
C ILE B 35 -7.05 -7.65 21.48
N ARG B 36 -6.23 -6.63 21.67
CA ARG B 36 -5.73 -6.27 22.98
C ARG B 36 -6.81 -5.58 23.82
N ARG B 37 -7.55 -4.67 23.17
CA ARG B 37 -8.61 -3.94 23.84
C ARG B 37 -8.09 -3.28 25.11
N LEU B 38 -6.81 -2.94 25.12
CA LEU B 38 -6.19 -2.30 26.27
C LEU B 38 -6.48 -3.07 27.55
N ARG A 1 10.97 -1.74 -17.12
CA ARG A 1 11.59 -2.23 -15.89
C ARG A 1 12.99 -1.66 -15.72
N VAL A 2 13.18 -0.42 -16.16
CA VAL A 2 14.47 0.24 -16.05
C VAL A 2 14.36 1.55 -15.28
N GLN A 3 14.49 1.46 -13.96
CA GLN A 3 14.40 2.64 -13.10
C GLN A 3 13.02 3.27 -13.19
N LEU A 4 12.59 3.89 -12.10
CA LEU A 4 11.27 4.54 -12.04
C LEU A 4 11.18 5.47 -10.84
N ALA A 5 10.04 6.15 -10.72
CA ALA A 5 9.81 7.07 -9.62
C ALA A 5 10.65 8.34 -9.78
N HIS A 6 10.44 9.04 -10.89
CA HIS A 6 11.17 10.27 -11.17
C HIS A 6 10.39 11.18 -12.10
N HIS A 7 9.06 11.11 -12.01
CA HIS A 7 8.19 11.92 -12.85
C HIS A 7 6.72 11.71 -12.47
N PHE A 8 6.09 12.77 -11.97
CA PHE A 8 4.69 12.71 -11.56
C PHE A 8 3.77 12.84 -12.78
N SER A 9 2.50 12.52 -12.58
CA SER A 9 1.52 12.60 -13.65
C SER A 9 0.09 12.48 -13.09
N GLU A 10 -0.87 12.31 -14.00
CA GLU A 10 -2.27 12.19 -13.60
C GLU A 10 -2.55 10.79 -13.04
N PRO A 11 -2.36 9.77 -13.88
CA PRO A 11 -2.59 8.37 -13.49
C PRO A 11 -1.56 7.87 -12.49
N GLU A 12 -1.92 7.86 -11.21
CA GLU A 12 -1.02 7.41 -10.16
C GLU A 12 -1.79 7.14 -8.87
N ILE A 13 -2.61 8.11 -8.46
CA ILE A 13 -3.40 7.98 -7.24
C ILE A 13 -4.20 6.68 -7.24
N THR A 14 -4.91 6.44 -8.34
CA THR A 14 -5.73 5.24 -8.47
C THR A 14 -4.92 3.99 -8.12
N LEU A 15 -3.76 3.86 -8.73
CA LEU A 15 -2.89 2.71 -8.49
C LEU A 15 -2.58 2.57 -7.01
N ILE A 16 -2.15 3.67 -6.38
CA ILE A 16 -1.83 3.66 -4.96
C ILE A 16 -3.02 3.20 -4.13
N ILE A 17 -4.20 3.71 -4.45
CA ILE A 17 -5.41 3.35 -3.72
C ILE A 17 -5.73 1.86 -3.91
N PHE A 18 -5.73 1.41 -5.15
CA PHE A 18 -6.02 0.03 -5.47
C PHE A 18 -5.09 -0.91 -4.68
N GLY A 19 -3.80 -0.61 -4.69
CA GLY A 19 -2.84 -1.43 -3.97
C GLY A 19 -3.17 -1.56 -2.51
N VAL A 20 -3.34 -0.42 -1.84
CA VAL A 20 -3.66 -0.40 -0.41
C VAL A 20 -5.01 -1.08 -0.15
N MET A 21 -5.93 -0.92 -1.08
CA MET A 21 -7.26 -1.51 -0.95
C MET A 21 -7.19 -3.04 -0.98
N ALA A 22 -6.44 -3.57 -1.95
CA ALA A 22 -6.29 -5.01 -2.09
C ALA A 22 -5.52 -5.59 -0.91
N GLY A 23 -4.44 -4.93 -0.52
CA GLY A 23 -3.64 -5.40 0.60
C GLY A 23 -4.41 -5.40 1.90
N VAL A 24 -5.02 -4.27 2.23
CA VAL A 24 -5.79 -4.14 3.46
C VAL A 24 -6.83 -5.26 3.57
N ILE A 25 -7.71 -5.32 2.57
CA ILE A 25 -8.76 -6.33 2.55
C ILE A 25 -8.18 -7.74 2.66
N GLY A 26 -7.08 -7.97 1.96
CA GLY A 26 -6.44 -9.26 1.99
C GLY A 26 -6.01 -9.67 3.39
N THR A 27 -5.25 -8.79 4.04
CA THR A 27 -4.78 -9.06 5.40
C THR A 27 -5.93 -9.38 6.34
N ILE A 28 -7.00 -8.61 6.23
CA ILE A 28 -8.17 -8.80 7.07
C ILE A 28 -8.72 -10.23 6.93
N LEU A 29 -8.86 -10.68 5.69
CA LEU A 29 -9.38 -12.01 5.41
C LEU A 29 -8.50 -13.08 6.08
N LEU A 30 -7.21 -13.04 5.77
CA LEU A 30 -6.26 -13.99 6.33
C LEU A 30 -6.26 -13.93 7.85
N ILE A 31 -6.13 -12.72 8.39
CA ILE A 31 -6.11 -12.52 9.83
C ILE A 31 -7.38 -13.09 10.47
N SER A 32 -8.52 -12.72 9.92
CA SER A 32 -9.81 -13.20 10.43
C SER A 32 -9.85 -14.72 10.49
N TYR A 33 -9.12 -15.35 9.59
CA TYR A 33 -9.08 -16.81 9.52
C TYR A 33 -8.25 -17.38 10.68
N GLY A 34 -7.17 -16.67 11.03
CA GLY A 34 -6.31 -17.11 12.11
C GLY A 34 -7.03 -17.11 13.45
N ILE A 35 -7.89 -16.12 13.66
CA ILE A 35 -8.64 -16.00 14.90
C ILE A 35 -9.60 -17.17 15.08
N ARG A 36 -10.09 -17.70 13.96
CA ARG A 36 -11.02 -18.83 14.00
C ARG A 36 -10.29 -20.13 14.33
N ARG A 37 -9.14 -20.32 13.70
CA ARG A 37 -8.33 -21.52 13.91
C ARG A 37 -9.17 -22.78 13.69
N LEU A 38 -10.18 -22.67 12.84
CA LEU A 38 -11.06 -23.79 12.52
C LEU A 38 -11.58 -24.43 13.80
N ARG B 1 20.31 23.68 -24.38
CA ARG B 1 20.40 22.39 -25.08
C ARG B 1 19.02 21.77 -25.24
N VAL B 2 18.46 21.28 -24.15
CA VAL B 2 17.13 20.67 -24.18
C VAL B 2 17.14 19.42 -25.06
N GLN B 3 17.09 18.25 -24.40
CA GLN B 3 17.08 16.98 -25.12
C GLN B 3 15.67 16.64 -25.61
N LEU B 4 15.57 15.55 -26.36
CA LEU B 4 14.28 15.11 -26.89
C LEU B 4 14.27 13.61 -27.13
N ALA B 5 13.46 12.89 -26.34
CA ALA B 5 13.36 11.44 -26.46
C ALA B 5 12.14 10.91 -25.72
N HIS B 6 11.03 10.77 -26.45
CA HIS B 6 9.79 10.28 -25.87
C HIS B 6 9.90 8.80 -25.55
N HIS B 7 10.23 8.48 -24.30
CA HIS B 7 10.37 7.09 -23.87
C HIS B 7 10.75 7.02 -22.39
N PHE B 8 10.22 7.95 -21.60
CA PHE B 8 10.51 8.00 -20.17
C PHE B 8 10.19 6.65 -19.52
N SER B 9 10.58 6.50 -18.26
CA SER B 9 10.35 5.27 -17.52
C SER B 9 8.86 4.95 -17.48
N GLU B 10 8.53 3.79 -16.92
CA GLU B 10 7.13 3.36 -16.82
C GLU B 10 6.76 3.07 -15.37
N PRO B 11 6.57 4.14 -14.58
CA PRO B 11 6.21 4.03 -13.16
C PRO B 11 4.79 3.52 -12.97
N GLU B 12 4.65 2.43 -12.22
CA GLU B 12 3.33 1.84 -11.97
C GLU B 12 3.45 0.69 -10.98
N ILE B 13 4.21 -0.33 -11.35
CA ILE B 13 4.39 -1.51 -10.50
C ILE B 13 4.74 -1.09 -9.07
N THR B 14 5.75 -0.23 -8.94
CA THR B 14 6.18 0.25 -7.64
C THR B 14 5.00 0.72 -6.80
N LEU B 15 4.17 1.57 -7.40
CA LEU B 15 3.00 2.10 -6.72
C LEU B 15 2.10 0.98 -6.20
N ILE B 16 1.81 0.02 -7.07
CA ILE B 16 0.97 -1.12 -6.70
C ILE B 16 1.55 -1.85 -5.49
N ILE B 17 2.85 -2.10 -5.52
CA ILE B 17 3.52 -2.79 -4.43
C ILE B 17 3.49 -1.96 -3.15
N PHE B 18 3.89 -0.71 -3.26
CA PHE B 18 3.91 0.19 -2.11
C PHE B 18 2.54 0.26 -1.45
N GLY B 19 1.51 0.47 -2.26
CA GLY B 19 0.16 0.55 -1.74
C GLY B 19 -0.23 -0.67 -0.92
N VAL B 20 -0.09 -1.85 -1.54
CA VAL B 20 -0.42 -3.10 -0.87
C VAL B 20 0.44 -3.31 0.37
N MET B 21 1.70 -2.88 0.29
CA MET B 21 2.63 -3.02 1.40
C MET B 21 2.20 -2.16 2.58
N ALA B 22 1.89 -0.89 2.31
CA ALA B 22 1.45 0.02 3.35
C ALA B 22 0.11 -0.39 3.93
N GLY B 23 -0.83 -0.73 3.06
CA GLY B 23 -2.15 -1.14 3.51
C GLY B 23 -2.10 -2.39 4.38
N VAL B 24 -1.43 -3.41 3.89
CA VAL B 24 -1.30 -4.67 4.62
C VAL B 24 -0.74 -4.43 6.03
N ILE B 25 0.44 -3.84 6.09
CA ILE B 25 1.09 -3.56 7.36
C ILE B 25 0.19 -2.72 8.26
N GLY B 26 -0.50 -1.75 7.66
CA GLY B 26 -1.38 -0.90 8.42
C GLY B 26 -2.48 -1.67 9.12
N THR B 27 -3.20 -2.50 8.36
CA THR B 27 -4.28 -3.29 8.92
C THR B 27 -3.78 -4.18 10.06
N ILE B 28 -2.63 -4.82 9.85
CA ILE B 28 -2.05 -5.69 10.86
C ILE B 28 -1.89 -4.96 12.19
N LEU B 29 -1.26 -3.79 12.13
CA LEU B 29 -1.04 -2.99 13.34
C LEU B 29 -2.36 -2.68 14.04
N LEU B 30 -3.30 -2.13 13.29
CA LEU B 30 -4.61 -1.79 13.84
C LEU B 30 -5.28 -3.03 14.45
N ILE B 31 -5.34 -4.11 13.67
CA ILE B 31 -5.94 -5.35 14.13
C ILE B 31 -5.33 -5.81 15.45
N SER B 32 -4.00 -5.81 15.51
CA SER B 32 -3.29 -6.24 16.70
C SER B 32 -3.75 -5.43 17.92
N TYR B 33 -4.15 -4.18 17.68
CA TYR B 33 -4.59 -3.31 18.75
C TYR B 33 -5.98 -3.73 19.25
N GLY B 34 -6.83 -4.15 18.32
CA GLY B 34 -8.17 -4.58 18.69
C GLY B 34 -8.16 -5.81 19.58
N ILE B 35 -7.21 -6.70 19.35
CA ILE B 35 -7.09 -7.92 20.13
C ILE B 35 -6.77 -7.61 21.59
N ARG B 36 -6.04 -6.52 21.80
CA ARG B 36 -5.65 -6.12 23.14
C ARG B 36 -6.83 -5.50 23.89
N ARG B 37 -7.56 -4.62 23.21
CA ARG B 37 -8.72 -3.96 23.81
C ARG B 37 -8.32 -3.23 25.08
N LEU B 38 -7.05 -2.87 25.19
CA LEU B 38 -6.54 -2.17 26.36
C LEU B 38 -6.96 -2.87 27.64
N ARG A 1 10.27 26.04 -1.09
CA ARG A 1 11.27 25.33 -1.90
C ARG A 1 10.63 24.74 -3.15
N VAL A 2 10.60 25.52 -4.22
CA VAL A 2 10.03 25.07 -5.48
C VAL A 2 8.82 24.19 -5.24
N GLN A 3 7.66 24.82 -5.02
CA GLN A 3 6.43 24.09 -4.78
C GLN A 3 5.87 23.53 -6.08
N LEU A 4 4.79 22.74 -5.96
CA LEU A 4 4.15 22.15 -7.14
C LEU A 4 2.71 21.76 -6.83
N ALA A 5 2.06 21.11 -7.79
CA ALA A 5 0.68 20.68 -7.62
C ALA A 5 -0.28 21.87 -7.66
N HIS A 6 -0.90 22.07 -8.81
CA HIS A 6 -1.84 23.17 -8.98
C HIS A 6 -2.85 22.87 -10.09
N HIS A 7 -3.12 21.59 -10.30
CA HIS A 7 -4.06 21.16 -11.32
C HIS A 7 -4.19 19.64 -11.33
N PHE A 8 -5.31 19.14 -11.87
CA PHE A 8 -5.55 17.71 -11.95
C PHE A 8 -4.46 17.01 -12.75
N SER A 9 -4.45 15.69 -12.69
CA SER A 9 -3.46 14.90 -13.40
C SER A 9 -3.67 13.40 -13.17
N GLU A 10 -3.63 13.00 -11.90
CA GLU A 10 -3.81 11.60 -11.54
C GLU A 10 -2.89 10.70 -12.34
N PRO A 11 -1.58 10.81 -12.08
CA PRO A 11 -0.57 10.01 -12.78
C PRO A 11 -0.62 8.54 -12.38
N GLU A 12 -0.95 8.27 -11.13
CA GLU A 12 -1.04 6.90 -10.64
C GLU A 12 -1.81 6.84 -9.31
N ILE A 13 -2.66 7.84 -9.10
CA ILE A 13 -3.46 7.90 -7.87
C ILE A 13 -4.26 6.62 -7.67
N THR A 14 -5.11 6.31 -8.64
CA THR A 14 -5.95 5.12 -8.57
C THR A 14 -5.12 3.89 -8.22
N LEU A 15 -3.95 3.77 -8.84
CA LEU A 15 -3.06 2.64 -8.58
C LEU A 15 -2.72 2.53 -7.10
N ILE A 16 -2.29 3.65 -6.52
CA ILE A 16 -1.93 3.69 -5.10
C ILE A 16 -3.09 3.21 -4.23
N ILE A 17 -4.28 3.73 -4.52
CA ILE A 17 -5.47 3.35 -3.76
C ILE A 17 -5.77 1.87 -3.90
N PHE A 18 -5.79 1.40 -5.15
CA PHE A 18 -6.07 -0.01 -5.42
C PHE A 18 -5.11 -0.91 -4.65
N GLY A 19 -3.83 -0.57 -4.70
CA GLY A 19 -2.82 -1.38 -4.00
C GLY A 19 -3.12 -1.49 -2.53
N VAL A 20 -3.28 -0.35 -1.85
CA VAL A 20 -3.55 -0.34 -0.43
C VAL A 20 -4.88 -1.03 -0.12
N MET A 21 -5.84 -0.87 -1.02
CA MET A 21 -7.15 -1.49 -0.84
C MET A 21 -7.06 -3.01 -0.89
N ALA A 22 -6.30 -3.52 -1.85
CA ALA A 22 -6.12 -4.96 -2.01
C ALA A 22 -5.36 -5.54 -0.83
N GLY A 23 -4.25 -4.90 -0.46
CA GLY A 23 -3.45 -5.38 0.65
C GLY A 23 -4.21 -5.38 1.96
N VAL A 24 -4.81 -4.24 2.30
CA VAL A 24 -5.58 -4.12 3.53
C VAL A 24 -6.64 -5.20 3.62
N ILE A 25 -7.53 -5.25 2.64
CA ILE A 25 -8.59 -6.24 2.60
C ILE A 25 -8.03 -7.65 2.71
N GLY A 26 -6.93 -7.90 1.99
CA GLY A 26 -6.31 -9.21 2.03
C GLY A 26 -5.91 -9.64 3.42
N THR A 27 -5.17 -8.78 4.11
CA THR A 27 -4.72 -9.07 5.46
C THR A 27 -5.89 -9.36 6.38
N ILE A 28 -6.93 -8.54 6.30
CA ILE A 28 -8.11 -8.72 7.13
C ILE A 28 -8.69 -10.13 6.98
N LEU A 29 -8.88 -10.55 5.73
CA LEU A 29 -9.42 -11.88 5.46
C LEU A 29 -8.55 -12.96 6.10
N LEU A 30 -7.26 -12.92 5.80
CA LEU A 30 -6.32 -13.90 6.35
C LEU A 30 -6.35 -13.88 7.87
N ILE A 31 -6.21 -12.70 8.46
CA ILE A 31 -6.23 -12.56 9.91
C ILE A 31 -7.49 -13.15 10.50
N SER A 32 -8.65 -12.81 9.93
CA SER A 32 -9.92 -13.31 10.41
C SER A 32 -9.94 -14.84 10.43
N TYR A 33 -9.18 -15.44 9.53
CA TYR A 33 -9.10 -16.90 9.44
C TYR A 33 -8.29 -17.46 10.60
N GLY A 34 -7.24 -16.75 10.99
CA GLY A 34 -6.40 -17.20 12.09
C GLY A 34 -7.14 -17.23 13.40
N ILE A 35 -8.02 -16.27 13.61
CA ILE A 35 -8.81 -16.19 14.84
C ILE A 35 -9.74 -17.39 14.97
N ARG A 36 -10.22 -17.88 13.84
CA ARG A 36 -11.13 -19.03 13.83
C ARG A 36 -10.38 -20.32 14.11
N ARG A 37 -9.11 -20.36 13.71
CA ARG A 37 -8.28 -21.54 13.93
C ARG A 37 -8.89 -22.77 13.25
N LEU A 38 -9.67 -22.53 12.19
CA LEU A 38 -10.31 -23.62 11.46
C LEU A 38 -10.74 -23.16 10.07
N ARG B 1 17.01 -4.30 -4.76
CA ARG B 1 15.86 -5.18 -4.94
C ARG B 1 16.29 -6.58 -5.34
N VAL B 2 15.60 -7.58 -4.82
CA VAL B 2 15.92 -8.98 -5.13
C VAL B 2 14.67 -9.76 -5.50
N GLN B 3 14.83 -11.06 -5.73
CA GLN B 3 13.71 -11.92 -6.10
C GLN B 3 13.11 -11.49 -7.44
N LEU B 4 12.58 -12.45 -8.17
CA LEU B 4 11.97 -12.17 -9.48
C LEU B 4 12.96 -11.47 -10.40
N ALA B 5 12.50 -11.10 -11.58
CA ALA B 5 13.34 -10.41 -12.55
C ALA B 5 12.50 -9.63 -13.56
N HIS B 6 12.00 -8.48 -13.14
CA HIS B 6 11.17 -7.64 -14.00
C HIS B 6 11.98 -7.13 -15.18
N HIS B 7 11.39 -6.21 -15.94
CA HIS B 7 12.06 -5.63 -17.11
C HIS B 7 11.17 -4.60 -17.79
N PHE B 8 10.02 -5.05 -18.30
CA PHE B 8 9.09 -4.17 -18.98
C PHE B 8 8.66 -3.02 -18.06
N SER B 9 8.48 -1.84 -18.65
CA SER B 9 8.09 -0.65 -17.90
C SER B 9 8.95 -0.50 -16.65
N GLU B 10 8.49 0.34 -15.72
CA GLU B 10 9.23 0.58 -14.48
C GLU B 10 8.40 1.42 -13.51
N PRO B 11 8.07 2.66 -13.94
CA PRO B 11 7.28 3.59 -13.12
C PRO B 11 5.83 3.15 -12.99
N GLU B 12 5.59 2.16 -12.13
CA GLU B 12 4.24 1.65 -11.91
C GLU B 12 4.25 0.53 -10.87
N ILE B 13 4.98 -0.53 -11.15
CA ILE B 13 5.07 -1.67 -10.23
C ILE B 13 5.39 -1.20 -8.82
N THR B 14 6.45 -0.40 -8.69
CA THR B 14 6.86 0.12 -7.39
C THR B 14 5.67 0.72 -6.64
N LEU B 15 4.93 1.58 -7.31
CA LEU B 15 3.76 2.22 -6.70
C LEU B 15 2.78 1.18 -6.17
N ILE B 16 2.44 0.20 -6.99
CA ILE B 16 1.53 -0.85 -6.59
C ILE B 16 2.01 -1.56 -5.34
N ILE B 17 3.30 -1.89 -5.31
CA ILE B 17 3.90 -2.57 -4.17
C ILE B 17 3.85 -1.71 -2.92
N PHE B 18 4.30 -0.46 -3.06
CA PHE B 18 4.30 0.48 -1.94
C PHE B 18 2.90 0.60 -1.33
N GLY B 19 1.90 0.78 -2.18
CA GLY B 19 0.54 0.91 -1.71
C GLY B 19 0.10 -0.28 -0.87
N VAL B 20 0.22 -1.48 -1.44
CA VAL B 20 -0.16 -2.70 -0.73
C VAL B 20 0.67 -2.90 0.53
N MET B 21 1.93 -2.48 0.47
CA MET B 21 2.83 -2.60 1.61
C MET B 21 2.37 -1.72 2.77
N ALA B 22 2.01 -0.48 2.46
CA ALA B 22 1.55 0.46 3.47
C ALA B 22 0.22 0.01 4.06
N GLY B 23 -0.72 -0.37 3.20
CA GLY B 23 -2.02 -0.81 3.66
C GLY B 23 -1.94 -2.05 4.53
N VAL B 24 -1.27 -3.07 4.03
CA VAL B 24 -1.11 -4.33 4.77
C VAL B 24 -0.52 -4.07 6.16
N ILE B 25 0.63 -3.42 6.19
CA ILE B 25 1.31 -3.11 7.45
C ILE B 25 0.38 -2.33 8.39
N GLY B 26 -0.33 -1.36 7.83
CA GLY B 26 -1.23 -0.56 8.63
C GLY B 26 -2.28 -1.39 9.34
N THR B 27 -2.96 -2.26 8.59
CA THR B 27 -3.99 -3.11 9.17
C THR B 27 -3.43 -3.97 10.29
N ILE B 28 -2.25 -4.54 10.06
CA ILE B 28 -1.61 -5.39 11.06
C ILE B 28 -1.46 -4.66 12.38
N LEU B 29 -0.89 -3.45 12.33
CA LEU B 29 -0.69 -2.65 13.52
C LEU B 29 -2.01 -2.42 14.25
N LEU B 30 -3.00 -1.91 13.53
CA LEU B 30 -4.30 -1.64 14.11
C LEU B 30 -4.91 -2.91 14.71
N ILE B 31 -4.91 -3.98 13.92
CA ILE B 31 -5.45 -5.26 14.39
C ILE B 31 -4.79 -5.70 15.69
N SER B 32 -3.46 -5.63 15.73
CA SER B 32 -2.71 -6.02 16.91
C SER B 32 -3.19 -5.26 18.15
N TYR B 33 -3.68 -4.04 17.92
CA TYR B 33 -4.17 -3.20 19.01
C TYR B 33 -5.51 -3.74 19.54
N GLY B 34 -6.35 -4.23 18.63
CA GLY B 34 -7.63 -4.75 19.02
C GLY B 34 -7.52 -5.98 19.90
N ILE B 35 -6.54 -6.82 19.62
CA ILE B 35 -6.32 -8.04 20.40
C ILE B 35 -5.91 -7.71 21.83
N ARG B 36 -5.19 -6.60 21.99
CA ARG B 36 -4.74 -6.17 23.30
C ARG B 36 -5.89 -5.59 24.12
N ARG B 37 -6.72 -4.79 23.47
CA ARG B 37 -7.87 -4.17 24.12
C ARG B 37 -7.42 -3.42 25.38
N LEU B 38 -6.18 -2.93 25.37
CA LEU B 38 -5.64 -2.19 26.50
C LEU B 38 -6.18 -0.76 26.53
N ARG A 1 13.56 -5.07 -1.02
CA ARG A 1 13.73 -4.94 -2.47
C ARG A 1 12.68 -4.01 -3.06
N VAL A 2 12.83 -2.71 -2.81
CA VAL A 2 11.89 -1.71 -3.33
C VAL A 2 12.60 -0.39 -3.63
N GLN A 3 12.27 0.19 -4.77
CA GLN A 3 12.87 1.46 -5.18
C GLN A 3 12.26 2.62 -4.42
N LEU A 4 12.78 3.82 -4.66
CA LEU A 4 12.28 5.02 -4.00
C LEU A 4 12.56 6.26 -4.83
N ALA A 5 11.59 6.65 -5.66
CA ALA A 5 11.74 7.82 -6.51
C ALA A 5 10.38 8.28 -7.03
N HIS A 6 9.60 8.92 -6.16
CA HIS A 6 8.28 9.42 -6.53
C HIS A 6 8.40 10.68 -7.39
N HIS A 7 8.36 10.49 -8.70
CA HIS A 7 8.46 11.61 -9.64
C HIS A 7 7.44 12.69 -9.30
N PHE A 8 7.55 13.83 -9.97
CA PHE A 8 6.63 14.94 -9.75
C PHE A 8 5.18 14.48 -9.87
N SER A 9 4.25 15.33 -9.43
CA SER A 9 2.84 15.02 -9.50
C SER A 9 2.56 13.61 -8.94
N GLU A 10 1.37 13.10 -9.23
CA GLU A 10 0.99 11.77 -8.76
C GLU A 10 -0.21 11.24 -9.55
N PRO A 11 0.03 10.96 -10.84
CA PRO A 11 -1.02 10.44 -11.73
C PRO A 11 -1.42 9.01 -11.39
N GLU A 12 -0.51 8.29 -10.72
CA GLU A 12 -0.77 6.90 -10.34
C GLU A 12 -1.61 6.85 -9.07
N ILE A 13 -2.35 7.92 -8.80
CA ILE A 13 -3.20 7.98 -7.62
C ILE A 13 -4.06 6.73 -7.49
N THR A 14 -4.81 6.41 -8.54
CA THR A 14 -5.68 5.24 -8.54
C THR A 14 -4.89 3.99 -8.17
N LEU A 15 -3.71 3.84 -8.76
CA LEU A 15 -2.87 2.68 -8.50
C LEU A 15 -2.57 2.55 -7.00
N ILE A 16 -2.15 3.66 -6.39
CA ILE A 16 -1.84 3.67 -4.98
C ILE A 16 -3.02 3.20 -4.14
N ILE A 17 -4.20 3.72 -4.45
CA ILE A 17 -5.41 3.35 -3.74
C ILE A 17 -5.74 1.87 -3.94
N PHE A 18 -5.73 1.44 -5.19
CA PHE A 18 -6.03 0.04 -5.50
C PHE A 18 -5.11 -0.90 -4.72
N GLY A 19 -3.82 -0.61 -4.75
CA GLY A 19 -2.86 -1.44 -4.05
C GLY A 19 -3.17 -1.57 -2.57
N VAL A 20 -3.30 -0.43 -1.89
CA VAL A 20 -3.61 -0.43 -0.47
C VAL A 20 -4.96 -1.09 -0.19
N MET A 21 -5.89 -0.94 -1.12
CA MET A 21 -7.22 -1.53 -0.99
C MET A 21 -7.14 -3.05 -1.00
N ALA A 22 -6.40 -3.60 -1.96
CA ALA A 22 -6.25 -5.03 -2.07
C ALA A 22 -5.49 -5.61 -0.88
N GLY A 23 -4.41 -4.94 -0.49
CA GLY A 23 -3.61 -5.39 0.64
C GLY A 23 -4.39 -5.37 1.94
N VAL A 24 -5.01 -4.23 2.25
CA VAL A 24 -5.78 -4.09 3.47
C VAL A 24 -6.83 -5.18 3.59
N ILE A 25 -7.74 -5.23 2.61
CA ILE A 25 -8.80 -6.23 2.60
C ILE A 25 -8.22 -7.64 2.68
N GLY A 26 -7.10 -7.85 2.00
CA GLY A 26 -6.46 -9.16 2.01
C GLY A 26 -6.03 -9.59 3.40
N THR A 27 -5.28 -8.73 4.08
CA THR A 27 -4.81 -9.02 5.42
C THR A 27 -5.96 -9.32 6.36
N ILE A 28 -7.02 -8.51 6.27
CA ILE A 28 -8.19 -8.69 7.11
C ILE A 28 -8.75 -10.11 6.99
N LEU A 29 -8.99 -10.53 5.75
CA LEU A 29 -9.51 -11.87 5.49
C LEU A 29 -8.63 -12.94 6.11
N LEU A 30 -7.34 -12.89 5.78
CA LEU A 30 -6.38 -13.86 6.31
C LEU A 30 -6.38 -13.85 7.83
N ILE A 31 -6.28 -12.66 8.41
CA ILE A 31 -6.26 -12.51 9.86
C ILE A 31 -7.48 -13.17 10.49
N SER A 32 -8.65 -12.89 9.94
CA SER A 32 -9.90 -13.45 10.44
C SER A 32 -9.83 -14.97 10.49
N TYR A 33 -9.05 -15.56 9.59
CA TYR A 33 -8.89 -17.00 9.52
C TYR A 33 -8.05 -17.51 10.69
N GLY A 34 -7.03 -16.73 11.06
CA GLY A 34 -6.17 -17.12 12.16
C GLY A 34 -6.91 -17.18 13.48
N ILE A 35 -7.83 -16.24 13.69
CA ILE A 35 -8.61 -16.20 14.92
C ILE A 35 -9.51 -17.43 15.06
N ARG A 36 -9.96 -17.95 13.92
CA ARG A 36 -10.83 -19.12 13.91
C ARG A 36 -10.03 -20.38 14.27
N ARG A 37 -8.81 -20.49 13.74
CA ARG A 37 -7.96 -21.63 13.99
C ARG A 37 -8.67 -22.93 13.61
N LEU A 38 -9.60 -22.83 12.68
CA LEU A 38 -10.36 -24.01 12.22
C LEU A 38 -9.58 -24.76 11.15
N ARG B 1 11.53 34.60 -9.42
CA ARG B 1 11.33 33.18 -9.14
C ARG B 1 11.49 32.35 -10.41
N VAL B 2 12.00 31.13 -10.24
CA VAL B 2 12.19 30.23 -11.37
C VAL B 2 11.70 28.83 -11.05
N GLN B 3 10.80 28.32 -11.89
CA GLN B 3 10.24 26.99 -11.69
C GLN B 3 11.24 25.91 -12.08
N LEU B 4 11.06 24.71 -11.54
CA LEU B 4 11.95 23.59 -11.83
C LEU B 4 11.31 22.27 -11.43
N ALA B 5 12.02 21.17 -11.69
CA ALA B 5 11.53 19.84 -11.36
C ALA B 5 10.38 19.44 -12.28
N HIS B 6 10.69 18.59 -13.26
CA HIS B 6 9.69 18.11 -14.20
C HIS B 6 10.09 16.77 -14.79
N HIS B 7 9.24 15.77 -14.60
CA HIS B 7 9.51 14.42 -15.12
C HIS B 7 8.36 13.48 -14.76
N PHE B 8 7.68 12.98 -15.78
CA PHE B 8 6.57 12.06 -15.58
C PHE B 8 7.02 10.81 -14.84
N SER B 9 6.06 10.01 -14.39
CA SER B 9 6.36 8.78 -13.66
C SER B 9 6.87 7.70 -14.60
N GLU B 10 7.01 6.48 -14.09
CA GLU B 10 7.49 5.36 -14.88
C GLU B 10 7.33 4.04 -14.12
N PRO B 11 8.01 3.94 -12.97
CA PRO B 11 7.96 2.74 -12.13
C PRO B 11 6.60 2.56 -11.45
N GLU B 12 5.65 2.01 -12.18
CA GLU B 12 4.31 1.78 -11.65
C GLU B 12 4.30 0.61 -10.68
N ILE B 13 5.04 -0.45 -11.02
CA ILE B 13 5.12 -1.64 -10.18
C ILE B 13 5.42 -1.26 -8.73
N THR B 14 6.50 -0.52 -8.53
CA THR B 14 6.90 -0.09 -7.20
C THR B 14 5.72 0.51 -6.44
N LEU B 15 4.98 1.39 -7.09
CA LEU B 15 3.83 2.04 -6.47
C LEU B 15 2.83 1.01 -5.98
N ILE B 16 2.50 0.04 -6.84
CA ILE B 16 1.56 -1.01 -6.48
C ILE B 16 2.01 -1.75 -5.22
N ILE B 17 3.28 -2.11 -5.18
CA ILE B 17 3.84 -2.82 -4.03
C ILE B 17 3.80 -1.95 -2.77
N PHE B 18 4.29 -0.72 -2.90
CA PHE B 18 4.30 0.20 -1.77
C PHE B 18 2.91 0.36 -1.18
N GLY B 19 1.92 0.58 -2.05
CA GLY B 19 0.56 0.75 -1.59
C GLY B 19 0.07 -0.44 -0.77
N VAL B 20 0.17 -1.63 -1.34
CA VAL B 20 -0.26 -2.84 -0.66
C VAL B 20 0.53 -3.07 0.62
N MET B 21 1.81 -2.69 0.59
CA MET B 21 2.68 -2.85 1.75
C MET B 21 2.21 -1.98 2.91
N ALA B 22 1.90 -0.72 2.61
CA ALA B 22 1.44 0.22 3.62
C ALA B 22 0.08 -0.19 4.17
N GLY B 23 -0.83 -0.56 3.26
CA GLY B 23 -2.16 -0.98 3.68
C GLY B 23 -2.14 -2.21 4.54
N VAL B 24 -1.48 -3.26 4.06
CA VAL B 24 -1.38 -4.52 4.79
C VAL B 24 -0.86 -4.29 6.20
N ILE B 25 0.33 -3.72 6.31
CA ILE B 25 0.95 -3.44 7.60
C ILE B 25 0.02 -2.61 8.48
N GLY B 26 -0.63 -1.61 7.87
CA GLY B 26 -1.54 -0.76 8.62
C GLY B 26 -2.65 -1.54 9.28
N THR B 27 -3.35 -2.36 8.50
CA THR B 27 -4.45 -3.17 9.01
C THR B 27 -3.99 -4.05 10.17
N ILE B 28 -2.84 -4.71 9.98
CA ILE B 28 -2.29 -5.58 11.00
C ILE B 28 -2.15 -4.86 12.34
N LEU B 29 -1.52 -3.70 12.31
CA LEU B 29 -1.33 -2.91 13.52
C LEU B 29 -2.66 -2.61 14.20
N LEU B 30 -3.60 -2.05 13.43
CA LEU B 30 -4.92 -1.71 13.94
C LEU B 30 -5.61 -2.94 14.52
N ILE B 31 -5.65 -4.01 13.73
CA ILE B 31 -6.28 -5.26 14.16
C ILE B 31 -5.67 -5.75 15.47
N SER B 32 -4.35 -5.80 15.53
CA SER B 32 -3.65 -6.25 16.72
C SER B 32 -4.07 -5.45 17.94
N TYR B 33 -4.46 -4.19 17.71
CA TYR B 33 -4.89 -3.31 18.79
C TYR B 33 -6.27 -3.71 19.31
N GLY B 34 -7.13 -4.15 18.40
CA GLY B 34 -8.46 -4.56 18.78
C GLY B 34 -8.46 -5.79 19.68
N ILE B 35 -7.56 -6.72 19.40
CA ILE B 35 -7.46 -7.95 20.19
C ILE B 35 -7.02 -7.65 21.61
N ARG B 36 -6.21 -6.60 21.77
CA ARG B 36 -5.72 -6.21 23.09
C ARG B 36 -6.82 -5.52 23.90
N ARG B 37 -7.61 -4.70 23.22
CA ARG B 37 -8.69 -3.98 23.87
C ARG B 37 -8.17 -3.13 25.02
N LEU B 38 -6.92 -2.71 24.92
CA LEU B 38 -6.29 -1.88 25.94
C LEU B 38 -6.68 -0.42 25.78
N ARG A 1 17.85 -0.60 -18.90
CA ARG A 1 17.56 -1.51 -17.80
C ARG A 1 18.32 -1.11 -16.54
N VAL A 2 18.58 0.19 -16.40
CA VAL A 2 19.30 0.71 -15.25
C VAL A 2 18.37 1.44 -14.29
N GLN A 3 17.60 0.67 -13.53
CA GLN A 3 16.66 1.25 -12.57
C GLN A 3 15.59 2.07 -13.29
N LEU A 4 14.40 2.11 -12.70
CA LEU A 4 13.29 2.87 -13.29
C LEU A 4 12.19 3.09 -12.26
N ALA A 5 12.59 3.39 -11.03
CA ALA A 5 11.63 3.64 -9.96
C ALA A 5 12.23 4.52 -8.87
N HIS A 6 12.10 5.83 -9.03
CA HIS A 6 12.63 6.78 -8.05
C HIS A 6 11.86 8.09 -8.10
N HIS A 7 10.57 8.01 -8.40
CA HIS A 7 9.73 9.20 -8.47
C HIS A 7 8.27 8.81 -8.73
N PHE A 8 7.44 8.93 -7.70
CA PHE A 8 6.03 8.58 -7.81
C PHE A 8 5.35 9.43 -8.89
N SER A 9 4.48 8.80 -9.67
CA SER A 9 3.77 9.48 -10.74
C SER A 9 2.67 10.37 -10.18
N GLU A 10 2.02 11.13 -11.05
CA GLU A 10 0.94 12.03 -10.64
C GLU A 10 -0.41 11.32 -10.73
N PRO A 11 -0.79 10.94 -11.95
CA PRO A 11 -2.06 10.25 -12.21
C PRO A 11 -2.08 8.83 -11.65
N GLU A 12 -0.99 8.45 -10.99
CA GLU A 12 -0.88 7.12 -10.41
C GLU A 12 -1.65 7.04 -9.09
N ILE A 13 -2.59 7.96 -8.90
CA ILE A 13 -3.40 7.99 -7.69
C ILE A 13 -4.20 6.70 -7.53
N THR A 14 -5.06 6.42 -8.50
CA THR A 14 -5.88 5.22 -8.47
C THR A 14 -5.05 3.98 -8.16
N LEU A 15 -3.87 3.91 -8.76
CA LEU A 15 -2.98 2.78 -8.56
C LEU A 15 -2.63 2.61 -7.08
N ILE A 16 -2.17 3.68 -6.46
CA ILE A 16 -1.82 3.66 -5.04
C ILE A 16 -2.99 3.19 -4.19
N ILE A 17 -4.17 3.73 -4.48
CA ILE A 17 -5.38 3.36 -3.75
C ILE A 17 -5.71 1.89 -3.92
N PHE A 18 -5.72 1.44 -5.17
CA PHE A 18 -6.02 0.04 -5.47
C PHE A 18 -5.09 -0.90 -4.70
N GLY A 19 -3.79 -0.60 -4.73
CA GLY A 19 -2.82 -1.42 -4.02
C GLY A 19 -3.14 -1.54 -2.55
N VAL A 20 -3.27 -0.40 -1.88
CA VAL A 20 -3.57 -0.40 -0.45
C VAL A 20 -4.91 -1.05 -0.16
N MET A 21 -5.85 -0.88 -1.09
CA MET A 21 -7.19 -1.47 -0.93
C MET A 21 -7.11 -2.99 -0.96
N ALA A 22 -6.40 -3.52 -1.94
CA ALA A 22 -6.25 -4.97 -2.08
C ALA A 22 -5.48 -5.56 -0.90
N GLY A 23 -4.38 -4.91 -0.53
CA GLY A 23 -3.57 -5.38 0.57
C GLY A 23 -4.33 -5.39 1.88
N VAL A 24 -4.94 -4.25 2.21
CA VAL A 24 -5.70 -4.14 3.45
C VAL A 24 -6.75 -5.24 3.56
N ILE A 25 -7.63 -5.30 2.58
CA ILE A 25 -8.69 -6.31 2.57
C ILE A 25 -8.11 -7.71 2.68
N GLY A 26 -7.02 -7.95 1.96
CA GLY A 26 -6.37 -9.26 1.99
C GLY A 26 -5.96 -9.66 3.40
N THR A 27 -5.22 -8.79 4.07
CA THR A 27 -4.76 -9.07 5.43
C THR A 27 -5.93 -9.37 6.35
N ILE A 28 -6.98 -8.56 6.26
CA ILE A 28 -8.17 -8.74 7.09
C ILE A 28 -8.71 -10.16 6.97
N LEU A 29 -8.92 -10.60 5.73
CA LEU A 29 -9.44 -11.94 5.48
C LEU A 29 -8.55 -13.00 6.13
N LEU A 30 -7.26 -12.94 5.82
CA LEU A 30 -6.30 -13.90 6.37
C LEU A 30 -6.33 -13.88 7.89
N ILE A 31 -6.21 -12.68 8.46
CA ILE A 31 -6.23 -12.53 9.91
C ILE A 31 -7.49 -13.15 10.53
N SER A 32 -8.64 -12.83 9.95
CA SER A 32 -9.90 -13.36 10.43
C SER A 32 -9.88 -14.88 10.48
N TYR A 33 -9.10 -15.48 9.59
CA TYR A 33 -8.99 -16.93 9.52
C TYR A 33 -8.18 -17.47 10.70
N GLY A 34 -7.15 -16.73 11.08
CA GLY A 34 -6.31 -17.14 12.19
C GLY A 34 -7.06 -17.17 13.51
N ILE A 35 -7.97 -16.22 13.68
CA ILE A 35 -8.76 -16.15 14.91
C ILE A 35 -9.67 -17.36 15.05
N ARG A 36 -10.13 -17.89 13.92
CA ARG A 36 -11.01 -19.05 13.92
C ARG A 36 -10.23 -20.32 14.24
N ARG A 37 -9.05 -20.46 13.65
CA ARG A 37 -8.21 -21.63 13.87
C ARG A 37 -8.98 -22.91 13.58
N LEU A 38 -9.97 -22.81 12.70
CA LEU A 38 -10.78 -23.97 12.34
C LEU A 38 -11.32 -24.67 13.58
N ARG B 1 -0.52 27.75 -7.57
CA ARG B 1 0.49 28.28 -8.48
C ARG B 1 1.89 27.97 -7.97
N VAL B 2 2.60 27.10 -8.68
CA VAL B 2 3.96 26.73 -8.30
C VAL B 2 4.71 26.11 -9.47
N GLN B 3 5.89 26.64 -9.77
CA GLN B 3 6.70 26.13 -10.87
C GLN B 3 7.36 24.80 -10.49
N LEU B 4 7.68 24.00 -11.49
CA LEU B 4 8.32 22.70 -11.27
C LEU B 4 8.95 22.17 -12.55
N ALA B 5 9.74 21.12 -12.42
CA ALA B 5 10.40 20.51 -13.57
C ALA B 5 10.73 19.05 -13.31
N HIS B 6 9.87 18.38 -12.54
CA HIS B 6 10.07 16.97 -12.21
C HIS B 6 9.76 16.09 -13.41
N HIS B 7 10.59 15.08 -13.63
CA HIS B 7 10.41 14.15 -14.74
C HIS B 7 11.50 13.08 -14.74
N PHE B 8 11.89 12.64 -13.55
CA PHE B 8 12.93 11.62 -13.41
C PHE B 8 12.56 10.36 -14.21
N SER B 9 11.46 9.73 -13.82
CA SER B 9 11.00 8.51 -14.50
C SER B 9 9.50 8.33 -14.30
N GLU B 10 8.99 7.22 -14.82
CA GLU B 10 7.56 6.91 -14.72
C GLU B 10 7.34 5.44 -14.37
N PRO B 11 7.63 5.08 -13.10
CA PRO B 11 7.46 3.71 -12.62
C PRO B 11 6.00 3.30 -12.50
N GLU B 12 5.77 2.13 -11.92
CA GLU B 12 4.41 1.63 -11.76
C GLU B 12 4.38 0.47 -10.75
N ILE B 13 5.10 -0.60 -11.07
CA ILE B 13 5.15 -1.76 -10.19
C ILE B 13 5.46 -1.36 -8.75
N THR B 14 6.55 -0.61 -8.57
CA THR B 14 6.95 -0.15 -7.25
C THR B 14 5.78 0.47 -6.50
N LEU B 15 5.05 1.35 -7.17
CA LEU B 15 3.90 2.02 -6.56
C LEU B 15 2.88 1.00 -6.05
N ILE B 16 2.53 0.05 -6.91
CA ILE B 16 1.57 -0.98 -6.55
C ILE B 16 2.03 -1.74 -5.30
N ILE B 17 3.31 -2.10 -5.27
CA ILE B 17 3.87 -2.82 -4.13
C ILE B 17 3.82 -1.98 -2.86
N PHE B 18 4.30 -0.74 -2.96
CA PHE B 18 4.32 0.17 -1.83
C PHE B 18 2.92 0.32 -1.23
N GLY B 19 1.93 0.54 -2.10
CA GLY B 19 0.57 0.70 -1.63
C GLY B 19 0.09 -0.50 -0.82
N VAL B 20 0.20 -1.68 -1.42
CA VAL B 20 -0.23 -2.90 -0.75
C VAL B 20 0.58 -3.15 0.52
N MET B 21 1.85 -2.77 0.49
CA MET B 21 2.73 -2.95 1.64
C MET B 21 2.27 -2.08 2.81
N ALA B 22 1.97 -0.81 2.53
CA ALA B 22 1.52 0.12 3.55
C ALA B 22 0.17 -0.30 4.10
N GLY B 23 -0.75 -0.63 3.21
CA GLY B 23 -2.09 -1.04 3.62
C GLY B 23 -2.08 -2.29 4.48
N VAL B 24 -1.41 -3.33 3.99
CA VAL B 24 -1.33 -4.59 4.71
C VAL B 24 -0.79 -4.38 6.13
N ILE B 25 0.39 -3.79 6.22
CA ILE B 25 1.01 -3.52 7.52
C ILE B 25 0.09 -2.71 8.41
N GLY B 26 -0.57 -1.71 7.82
CA GLY B 26 -1.48 -0.86 8.58
C GLY B 26 -2.60 -1.66 9.23
N THR B 27 -3.28 -2.47 8.44
CA THR B 27 -4.38 -3.28 8.95
C THR B 27 -3.92 -4.19 10.10
N ILE B 28 -2.76 -4.81 9.90
CA ILE B 28 -2.20 -5.69 10.92
C ILE B 28 -2.07 -4.99 12.26
N LEU B 29 -1.44 -3.82 12.25
CA LEU B 29 -1.26 -3.04 13.47
C LEU B 29 -2.59 -2.75 14.14
N LEU B 30 -3.52 -2.18 13.37
CA LEU B 30 -4.85 -1.85 13.90
C LEU B 30 -5.53 -3.09 14.45
N ILE B 31 -5.54 -4.16 13.67
CA ILE B 31 -6.17 -5.41 14.09
C ILE B 31 -5.60 -5.89 15.42
N SER B 32 -4.27 -5.91 15.51
CA SER B 32 -3.61 -6.35 16.74
C SER B 32 -4.09 -5.55 17.94
N TYR B 33 -4.50 -4.31 17.69
CA TYR B 33 -4.98 -3.44 18.76
C TYR B 33 -6.37 -3.88 19.23
N GLY B 34 -7.19 -4.33 18.28
CA GLY B 34 -8.54 -4.76 18.63
C GLY B 34 -8.53 -5.99 19.53
N ILE B 35 -7.60 -6.90 19.28
CA ILE B 35 -7.48 -8.12 20.07
C ILE B 35 -7.11 -7.82 21.51
N ARG B 36 -6.34 -6.74 21.70
CA ARG B 36 -5.91 -6.34 23.03
C ARG B 36 -7.06 -5.71 23.81
N ARG B 37 -8.01 -5.13 23.08
CA ARG B 37 -9.17 -4.48 23.69
C ARG B 37 -8.73 -3.29 24.55
N LEU B 38 -7.60 -2.69 24.20
CA LEU B 38 -7.07 -1.55 24.93
C LEU B 38 -6.11 -0.74 24.07
N ARG A 1 17.30 5.94 -8.47
CA ARG A 1 18.31 5.32 -9.33
C ARG A 1 18.74 6.27 -10.43
N VAL A 2 17.86 7.20 -10.80
CA VAL A 2 18.15 8.17 -11.83
C VAL A 2 17.16 9.33 -11.81
N GLN A 3 17.61 10.50 -12.24
CA GLN A 3 16.76 11.69 -12.26
C GLN A 3 16.30 12.06 -10.85
N LEU A 4 16.11 13.36 -10.61
CA LEU A 4 15.68 13.85 -9.31
C LEU A 4 15.17 15.28 -9.41
N ALA A 5 14.26 15.64 -8.51
CA ALA A 5 13.70 16.98 -8.50
C ALA A 5 12.74 17.20 -9.67
N HIS A 6 12.12 16.12 -10.11
CA HIS A 6 11.18 16.19 -11.23
C HIS A 6 9.86 16.81 -10.79
N HIS A 7 9.06 17.24 -11.77
CA HIS A 7 7.77 17.87 -11.48
C HIS A 7 6.95 16.99 -10.54
N PHE A 8 6.88 17.38 -9.28
CA PHE A 8 6.13 16.62 -8.28
C PHE A 8 4.68 16.42 -8.73
N SER A 9 4.20 15.19 -8.59
CA SER A 9 2.84 14.86 -8.99
C SER A 9 2.44 13.48 -8.47
N GLU A 10 1.24 13.04 -8.84
CA GLU A 10 0.74 11.74 -8.41
C GLU A 10 -0.35 11.24 -9.35
N PRO A 11 0.05 10.93 -10.60
CA PRO A 11 -0.88 10.44 -11.62
C PRO A 11 -1.37 9.02 -11.32
N GLU A 12 -0.52 8.23 -10.68
CA GLU A 12 -0.85 6.85 -10.34
C GLU A 12 -1.71 6.81 -9.07
N ILE A 13 -2.39 7.91 -8.78
CA ILE A 13 -3.24 7.99 -7.60
C ILE A 13 -4.11 6.75 -7.47
N THR A 14 -4.82 6.41 -8.53
CA THR A 14 -5.69 5.24 -8.53
C THR A 14 -4.92 3.98 -8.15
N LEU A 15 -3.75 3.80 -8.75
CA LEU A 15 -2.90 2.64 -8.47
C LEU A 15 -2.60 2.54 -6.97
N ILE A 16 -2.19 3.65 -6.38
CA ILE A 16 -1.87 3.69 -4.96
C ILE A 16 -3.05 3.22 -4.12
N ILE A 17 -4.24 3.74 -4.43
CA ILE A 17 -5.44 3.37 -3.70
C ILE A 17 -5.76 1.89 -3.88
N PHE A 18 -5.77 1.44 -5.13
CA PHE A 18 -6.06 0.05 -5.45
C PHE A 18 -5.14 -0.89 -4.67
N GLY A 19 -3.84 -0.59 -4.70
CA GLY A 19 -2.88 -1.42 -4.01
C GLY A 19 -3.19 -1.54 -2.53
N VAL A 20 -3.32 -0.41 -1.85
CA VAL A 20 -3.62 -0.41 -0.43
C VAL A 20 -4.97 -1.07 -0.15
N MET A 21 -5.91 -0.91 -1.06
CA MET A 21 -7.23 -1.49 -0.91
C MET A 21 -7.16 -3.02 -0.95
N ALA A 22 -6.42 -3.54 -1.92
CA ALA A 22 -6.27 -4.99 -2.07
C ALA A 22 -5.50 -5.58 -0.89
N GLY A 23 -4.42 -4.93 -0.50
CA GLY A 23 -3.61 -5.41 0.61
C GLY A 23 -4.38 -5.40 1.92
N VAL A 24 -4.98 -4.27 2.26
CA VAL A 24 -5.75 -4.15 3.49
C VAL A 24 -6.81 -5.24 3.59
N ILE A 25 -7.69 -5.29 2.60
CA ILE A 25 -8.76 -6.30 2.57
C ILE A 25 -8.18 -7.70 2.67
N GLY A 26 -7.08 -7.93 1.96
CA GLY A 26 -6.45 -9.24 1.99
C GLY A 26 -6.01 -9.65 3.38
N THR A 27 -5.24 -8.79 4.04
CA THR A 27 -4.75 -9.07 5.38
C THR A 27 -5.91 -9.38 6.32
N ILE A 28 -6.98 -8.60 6.22
CA ILE A 28 -8.15 -8.80 7.07
C ILE A 28 -8.71 -10.22 6.92
N LEU A 29 -8.88 -10.66 5.68
CA LEU A 29 -9.40 -11.98 5.41
C LEU A 29 -8.52 -13.06 6.05
N LEU A 30 -7.23 -13.03 5.72
CA LEU A 30 -6.29 -14.00 6.27
C LEU A 30 -6.28 -13.95 7.79
N ILE A 31 -6.14 -12.75 8.34
CA ILE A 31 -6.11 -12.56 9.79
C ILE A 31 -7.38 -13.13 10.44
N SER A 32 -8.53 -12.78 9.87
CA SER A 32 -9.81 -13.26 10.39
C SER A 32 -9.83 -14.78 10.47
N TYR A 33 -9.09 -15.42 9.58
CA TYR A 33 -9.02 -16.88 9.55
C TYR A 33 -8.22 -17.42 10.73
N GLY A 34 -7.16 -16.69 11.08
CA GLY A 34 -6.32 -17.11 12.19
C GLY A 34 -7.06 -17.10 13.52
N ILE A 35 -7.92 -16.10 13.70
CA ILE A 35 -8.69 -15.97 14.93
C ILE A 35 -9.67 -17.13 15.09
N ARG A 36 -10.16 -17.65 13.96
CA ARG A 36 -11.10 -18.75 13.98
C ARG A 36 -10.39 -20.06 14.32
N ARG A 37 -9.11 -20.13 14.00
CA ARG A 37 -8.31 -21.33 14.27
C ARG A 37 -8.87 -22.53 13.51
N LEU A 38 -9.55 -22.26 12.40
CA LEU A 38 -10.13 -23.31 11.58
C LEU A 38 -9.09 -23.90 10.63
N ARG B 1 26.61 22.56 -16.49
CA ARG B 1 27.82 22.06 -17.16
C ARG B 1 28.03 20.58 -16.85
N VAL B 2 27.54 20.14 -15.70
CA VAL B 2 27.68 18.75 -15.29
C VAL B 2 26.43 18.27 -14.56
N GLN B 3 25.35 18.07 -15.31
CA GLN B 3 24.09 17.60 -14.74
C GLN B 3 24.17 16.11 -14.39
N LEU B 4 23.10 15.59 -13.79
CA LEU B 4 23.05 14.19 -13.42
C LEU B 4 21.62 13.75 -13.13
N ALA B 5 20.69 14.19 -13.97
CA ALA B 5 19.28 13.85 -13.82
C ALA B 5 18.54 13.96 -15.14
N HIS B 6 18.50 12.85 -15.89
CA HIS B 6 17.81 12.82 -17.18
C HIS B 6 17.38 11.40 -17.52
N HIS B 7 16.11 11.09 -17.23
CA HIS B 7 15.57 9.76 -17.51
C HIS B 7 14.11 9.68 -17.08
N PHE B 8 13.21 9.72 -18.06
CA PHE B 8 11.78 9.65 -17.79
C PHE B 8 11.43 8.36 -17.04
N SER B 9 11.84 7.23 -17.60
CA SER B 9 11.57 5.94 -16.99
C SER B 9 10.10 5.57 -17.10
N GLU B 10 9.67 4.56 -16.35
CA GLU B 10 8.28 4.12 -16.37
C GLU B 10 7.92 3.42 -15.06
N PRO B 11 7.88 4.19 -13.97
CA PRO B 11 7.55 3.67 -12.63
C PRO B 11 6.08 3.27 -12.53
N GLU B 12 5.82 2.18 -11.80
CA GLU B 12 4.46 1.70 -11.61
C GLU B 12 4.43 0.54 -10.61
N ILE B 13 5.16 -0.52 -10.92
CA ILE B 13 5.22 -1.69 -10.04
C ILE B 13 5.51 -1.28 -8.60
N THR B 14 6.58 -0.52 -8.41
CA THR B 14 6.97 -0.06 -7.09
C THR B 14 5.79 0.55 -6.34
N LEU B 15 5.06 1.43 -7.02
CA LEU B 15 3.90 2.09 -6.42
C LEU B 15 2.89 1.05 -5.92
N ILE B 16 2.57 0.10 -6.78
CA ILE B 16 1.62 -0.95 -6.42
C ILE B 16 2.06 -1.69 -5.16
N ILE B 17 3.34 -2.05 -5.11
CA ILE B 17 3.89 -2.75 -3.96
C ILE B 17 3.83 -1.89 -2.70
N PHE B 18 4.31 -0.65 -2.81
CA PHE B 18 4.31 0.27 -1.69
C PHE B 18 2.90 0.42 -1.10
N GLY B 19 1.94 0.66 -1.98
CA GLY B 19 0.56 0.81 -1.53
C GLY B 19 0.07 -0.38 -0.73
N VAL B 20 0.17 -1.56 -1.31
CA VAL B 20 -0.27 -2.78 -0.64
C VAL B 20 0.53 -3.02 0.65
N MET B 21 1.80 -2.64 0.63
CA MET B 21 2.67 -2.81 1.79
C MET B 21 2.20 -1.93 2.95
N ALA B 22 1.90 -0.67 2.65
CA ALA B 22 1.44 0.27 3.66
C ALA B 22 0.07 -0.13 4.21
N GLY B 23 -0.83 -0.49 3.30
CA GLY B 23 -2.17 -0.89 3.70
C GLY B 23 -2.16 -2.14 4.57
N VAL B 24 -1.51 -3.19 4.08
CA VAL B 24 -1.42 -4.44 4.82
C VAL B 24 -0.90 -4.22 6.23
N ILE B 25 0.30 -3.66 6.33
CA ILE B 25 0.91 -3.38 7.62
C ILE B 25 -0.01 -2.54 8.50
N GLY B 26 -0.65 -1.55 7.89
CA GLY B 26 -1.55 -0.68 8.62
C GLY B 26 -2.68 -1.44 9.28
N THR B 27 -3.39 -2.25 8.50
CA THR B 27 -4.50 -3.04 9.02
C THR B 27 -4.06 -3.94 10.16
N ILE B 28 -2.91 -4.57 10.00
CA ILE B 28 -2.37 -5.46 11.03
C ILE B 28 -2.24 -4.74 12.36
N LEU B 29 -1.59 -3.58 12.34
CA LEU B 29 -1.39 -2.79 13.55
C LEU B 29 -2.72 -2.46 14.21
N LEU B 30 -3.64 -1.89 13.44
CA LEU B 30 -4.96 -1.54 13.94
C LEU B 30 -5.67 -2.76 14.51
N ILE B 31 -5.72 -3.83 13.72
CA ILE B 31 -6.37 -5.06 14.15
C ILE B 31 -5.80 -5.55 15.48
N SER B 32 -4.47 -5.59 15.57
CA SER B 32 -3.81 -6.05 16.78
C SER B 32 -4.26 -5.24 17.99
N TYR B 33 -4.66 -3.99 17.75
CA TYR B 33 -5.12 -3.11 18.81
C TYR B 33 -6.50 -3.53 19.30
N GLY B 34 -7.35 -3.97 18.37
CA GLY B 34 -8.68 -4.39 18.73
C GLY B 34 -8.69 -5.61 19.62
N ILE B 35 -7.77 -6.54 19.38
CA ILE B 35 -7.67 -7.76 20.17
C ILE B 35 -7.28 -7.44 21.60
N ARG B 36 -6.50 -6.38 21.79
CA ARG B 36 -6.06 -5.98 23.12
C ARG B 36 -7.19 -5.31 23.89
N ARG B 37 -7.94 -4.46 23.21
CA ARG B 37 -9.05 -3.76 23.83
C ARG B 37 -8.60 -3.02 25.09
N LEU B 38 -7.34 -2.64 25.12
CA LEU B 38 -6.78 -1.93 26.26
C LEU B 38 -7.08 -2.67 27.57
N ARG A 1 -10.08 5.69 7.19
CA ARG A 1 -9.14 6.75 7.54
C ARG A 1 -8.33 7.19 6.33
N VAL A 2 -8.15 6.28 5.37
CA VAL A 2 -7.41 6.57 4.16
C VAL A 2 -8.22 7.42 3.19
N GLN A 3 -7.65 7.71 2.03
CA GLN A 3 -8.32 8.51 1.02
C GLN A 3 -9.41 7.70 0.32
N LEU A 4 -10.39 8.41 -0.24
CA LEU A 4 -11.49 7.75 -0.94
C LEU A 4 -12.08 8.68 -2.02
N ALA A 5 -13.15 8.22 -2.65
CA ALA A 5 -13.81 9.00 -3.69
C ALA A 5 -12.97 9.04 -4.96
N HIS A 6 -13.35 8.23 -5.95
CA HIS A 6 -12.63 8.17 -7.21
C HIS A 6 -12.72 9.51 -7.95
N HIS A 7 -12.14 9.56 -9.14
CA HIS A 7 -12.16 10.77 -9.95
C HIS A 7 -11.42 10.56 -11.26
N PHE A 8 -11.86 11.26 -12.31
CA PHE A 8 -11.24 11.14 -13.62
C PHE A 8 -9.76 11.49 -13.57
N SER A 9 -9.05 11.20 -14.65
CA SER A 9 -7.62 11.47 -14.72
C SER A 9 -6.90 10.98 -13.46
N GLU A 10 -5.67 11.44 -13.27
CA GLU A 10 -4.89 11.03 -12.10
C GLU A 10 -4.84 9.52 -11.97
N PRO A 11 -4.14 8.86 -12.91
CA PRO A 11 -4.02 7.40 -12.92
C PRO A 11 -3.15 6.88 -11.78
N GLU A 12 -2.09 7.62 -11.48
CA GLU A 12 -1.18 7.23 -10.40
C GLU A 12 -1.93 7.06 -9.08
N ILE A 13 -2.68 8.09 -8.70
CA ILE A 13 -3.45 8.04 -7.46
C ILE A 13 -4.28 6.77 -7.37
N THR A 14 -5.05 6.50 -8.41
CA THR A 14 -5.89 5.31 -8.45
C THR A 14 -5.09 4.06 -8.09
N LEU A 15 -3.92 3.91 -8.72
CA LEU A 15 -3.07 2.77 -8.46
C LEU A 15 -2.73 2.65 -6.99
N ILE A 16 -2.32 3.76 -6.39
CA ILE A 16 -1.97 3.78 -4.98
C ILE A 16 -3.13 3.28 -4.11
N ILE A 17 -4.33 3.77 -4.40
CA ILE A 17 -5.52 3.38 -3.66
C ILE A 17 -5.83 1.89 -3.87
N PHE A 18 -5.86 1.48 -5.13
CA PHE A 18 -6.15 0.08 -5.46
C PHE A 18 -5.19 -0.85 -4.74
N GLY A 19 -3.90 -0.55 -4.82
CA GLY A 19 -2.90 -1.37 -4.16
C GLY A 19 -3.16 -1.54 -2.68
N VAL A 20 -3.26 -0.43 -1.97
CA VAL A 20 -3.52 -0.46 -0.54
C VAL A 20 -4.84 -1.15 -0.23
N MET A 21 -5.81 -0.98 -1.12
CA MET A 21 -7.12 -1.59 -0.94
C MET A 21 -7.03 -3.11 -0.98
N ALA A 22 -6.28 -3.62 -1.96
CA ALA A 22 -6.12 -5.06 -2.11
C ALA A 22 -5.33 -5.64 -0.94
N GLY A 23 -4.24 -4.99 -0.58
CA GLY A 23 -3.43 -5.46 0.53
C GLY A 23 -4.17 -5.46 1.85
N VAL A 24 -4.75 -4.32 2.19
CA VAL A 24 -5.51 -4.18 3.43
C VAL A 24 -6.58 -5.26 3.54
N ILE A 25 -7.46 -5.31 2.56
CA ILE A 25 -8.55 -6.30 2.55
C ILE A 25 -7.99 -7.71 2.65
N GLY A 26 -6.90 -7.97 1.94
CA GLY A 26 -6.29 -9.29 1.98
C GLY A 26 -5.89 -9.70 3.38
N THR A 27 -5.14 -8.84 4.06
CA THR A 27 -4.68 -9.13 5.41
C THR A 27 -5.86 -9.41 6.34
N ILE A 28 -6.89 -8.57 6.25
CA ILE A 28 -8.08 -8.73 7.08
C ILE A 28 -8.66 -10.13 6.95
N LEU A 29 -8.86 -10.57 5.72
CA LEU A 29 -9.41 -11.90 5.46
C LEU A 29 -8.56 -12.98 6.10
N LEU A 30 -7.26 -12.95 5.81
CA LEU A 30 -6.33 -13.93 6.37
C LEU A 30 -6.36 -13.91 7.89
N ILE A 31 -6.21 -12.71 8.46
CA ILE A 31 -6.23 -12.55 9.91
C ILE A 31 -7.50 -13.14 10.51
N SER A 32 -8.63 -12.81 9.92
CA SER A 32 -9.92 -13.31 10.39
C SER A 32 -9.92 -14.83 10.47
N TYR A 33 -9.15 -15.47 9.59
CA TYR A 33 -9.06 -16.91 9.55
C TYR A 33 -8.28 -17.45 10.75
N GLY A 34 -7.25 -16.72 11.15
CA GLY A 34 -6.44 -17.13 12.28
C GLY A 34 -7.23 -17.13 13.58
N ILE A 35 -8.10 -16.15 13.75
CA ILE A 35 -8.93 -16.05 14.95
C ILE A 35 -9.88 -17.22 15.07
N ARG A 36 -10.33 -17.73 13.92
CA ARG A 36 -11.25 -18.86 13.89
C ARG A 36 -10.57 -20.14 14.37
N ARG A 37 -9.26 -20.20 14.18
CA ARG A 37 -8.49 -21.37 14.59
C ARG A 37 -8.69 -22.52 13.60
N LEU A 38 -9.93 -22.75 13.20
CA LEU A 38 -10.25 -23.82 12.26
C LEU A 38 -10.07 -23.36 10.83
N ARG B 1 17.38 24.26 -19.74
CA ARG B 1 17.16 24.19 -18.30
C ARG B 1 15.74 23.72 -17.98
N VAL B 2 15.20 22.88 -18.86
CA VAL B 2 13.85 22.36 -18.68
C VAL B 2 13.74 20.92 -19.17
N GLN B 3 14.32 19.99 -18.41
CA GLN B 3 14.29 18.58 -18.77
C GLN B 3 12.98 17.93 -18.31
N LEU B 4 12.54 16.92 -19.05
CA LEU B 4 11.32 16.21 -18.73
C LEU B 4 11.26 14.84 -19.42
N ALA B 5 10.59 13.90 -18.80
CA ALA B 5 10.46 12.56 -19.35
C ALA B 5 9.32 11.80 -18.70
N HIS B 6 9.57 11.26 -17.51
CA HIS B 6 8.56 10.50 -16.77
C HIS B 6 7.86 9.51 -17.69
N HIS B 7 8.46 8.34 -17.86
CA HIS B 7 7.89 7.30 -18.72
C HIS B 7 8.74 6.03 -18.67
N PHE B 8 10.03 6.18 -18.91
CA PHE B 8 10.95 5.05 -18.90
C PHE B 8 10.90 4.32 -17.55
N SER B 9 11.51 3.14 -17.49
CA SER B 9 11.53 2.35 -16.27
C SER B 9 10.15 1.77 -15.97
N GLU B 10 9.98 1.28 -14.75
CA GLU B 10 8.71 0.70 -14.33
C GLU B 10 8.24 1.28 -13.01
N PRO B 11 7.85 2.57 -13.04
CA PRO B 11 7.38 3.28 -11.85
C PRO B 11 6.02 2.77 -11.37
N GLU B 12 5.16 2.45 -12.32
CA GLU B 12 3.82 1.95 -12.01
C GLU B 12 3.89 0.78 -11.03
N ILE B 13 4.64 -0.25 -11.40
CA ILE B 13 4.79 -1.43 -10.55
C ILE B 13 5.16 -1.04 -9.12
N THR B 14 6.20 -0.23 -8.99
CA THR B 14 6.66 0.22 -7.69
C THR B 14 5.50 0.77 -6.86
N LEU B 15 4.71 1.64 -7.46
CA LEU B 15 3.56 2.24 -6.78
C LEU B 15 2.63 1.16 -6.24
N ILE B 16 2.29 0.19 -7.09
CA ILE B 16 1.40 -0.89 -6.70
C ILE B 16 1.95 -1.62 -5.47
N ILE B 17 3.24 -1.93 -5.49
CA ILE B 17 3.87 -2.61 -4.38
C ILE B 17 3.87 -1.76 -3.11
N PHE B 18 4.32 -0.51 -3.26
CA PHE B 18 4.37 0.41 -2.12
C PHE B 18 3.00 0.53 -1.47
N GLY B 19 1.98 0.76 -2.29
CA GLY B 19 0.63 0.89 -1.77
C GLY B 19 0.20 -0.31 -0.94
N VAL B 20 0.26 -1.49 -1.53
CA VAL B 20 -0.11 -2.71 -0.84
C VAL B 20 0.76 -2.93 0.40
N MET B 21 2.01 -2.53 0.32
CA MET B 21 2.94 -2.68 1.43
C MET B 21 2.50 -1.82 2.62
N ALA B 22 2.13 -0.58 2.34
CA ALA B 22 1.69 0.34 3.39
C ALA B 22 0.38 -0.13 4.01
N GLY B 23 -0.58 -0.50 3.16
CA GLY B 23 -1.86 -0.96 3.64
C GLY B 23 -1.75 -2.23 4.47
N VAL B 24 -1.11 -3.25 3.92
CA VAL B 24 -0.94 -4.52 4.61
C VAL B 24 -0.32 -4.31 5.98
N ILE B 25 0.86 -3.70 6.02
CA ILE B 25 1.55 -3.44 7.27
C ILE B 25 0.68 -2.65 8.23
N GLY B 26 -0.05 -1.67 7.69
CA GLY B 26 -0.92 -0.85 8.51
C GLY B 26 -1.97 -1.66 9.23
N THR B 27 -2.70 -2.49 8.49
CA THR B 27 -3.74 -3.32 9.07
C THR B 27 -3.18 -4.23 10.16
N ILE B 28 -2.03 -4.85 9.88
CA ILE B 28 -1.39 -5.74 10.84
C ILE B 28 -1.19 -5.04 12.18
N LEU B 29 -0.59 -3.85 12.14
CA LEU B 29 -0.33 -3.08 13.36
C LEU B 29 -1.62 -2.82 14.11
N LEU B 30 -2.62 -2.28 13.42
CA LEU B 30 -3.91 -1.99 14.03
C LEU B 30 -4.52 -3.24 14.63
N ILE B 31 -4.60 -4.30 13.83
CA ILE B 31 -5.17 -5.57 14.28
C ILE B 31 -4.47 -6.06 15.54
N SER B 32 -3.14 -6.05 15.52
CA SER B 32 -2.35 -6.50 16.66
C SER B 32 -2.73 -5.74 17.92
N TYR B 33 -3.21 -4.51 17.75
CA TYR B 33 -3.61 -3.69 18.88
C TYR B 33 -4.93 -4.18 19.48
N GLY B 34 -5.83 -4.64 18.61
CA GLY B 34 -7.11 -5.14 19.07
C GLY B 34 -6.97 -6.37 19.94
N ILE B 35 -6.04 -7.25 19.57
CA ILE B 35 -5.81 -8.48 20.31
C ILE B 35 -5.30 -8.19 21.72
N ARG B 36 -4.55 -7.10 21.85
CA ARG B 36 -3.99 -6.70 23.14
C ARG B 36 -5.07 -6.11 24.04
N ARG B 37 -5.91 -5.24 23.46
CA ARG B 37 -6.99 -4.61 24.21
C ARG B 37 -6.44 -3.92 25.46
N LEU B 38 -5.19 -3.50 25.40
CA LEU B 38 -4.55 -2.83 26.53
C LEU B 38 -4.72 -3.64 27.82
N ARG A 1 8.35 17.48 11.80
CA ARG A 1 6.91 17.30 11.96
C ARG A 1 6.14 18.04 10.88
N VAL A 2 6.58 19.25 10.57
CA VAL A 2 5.93 20.07 9.55
C VAL A 2 6.44 19.71 8.15
N GLN A 3 6.15 18.49 7.72
CA GLN A 3 6.58 18.02 6.40
C GLN A 3 5.73 18.65 5.30
N LEU A 4 6.30 18.73 4.10
CA LEU A 4 5.59 19.31 2.97
C LEU A 4 6.14 18.77 1.65
N ALA A 5 6.47 17.47 1.64
CA ALA A 5 7.01 16.84 0.44
C ALA A 5 5.91 16.55 -0.56
N HIS A 6 5.19 17.59 -0.98
CA HIS A 6 4.11 17.45 -1.94
C HIS A 6 4.64 16.98 -3.29
N HIS A 7 4.61 15.68 -3.51
CA HIS A 7 5.10 15.10 -4.76
C HIS A 7 4.40 15.74 -5.96
N PHE A 8 4.82 15.36 -7.15
CA PHE A 8 4.23 15.90 -8.39
C PHE A 8 2.76 15.55 -8.48
N SER A 9 2.17 15.79 -9.64
CA SER A 9 0.76 15.49 -9.86
C SER A 9 0.44 14.05 -9.47
N GLU A 10 1.31 13.13 -9.85
CA GLU A 10 1.12 11.72 -9.52
C GLU A 10 -0.27 11.25 -9.94
N PRO A 11 -0.47 11.07 -11.25
CA PRO A 11 -1.75 10.62 -11.80
C PRO A 11 -2.06 9.17 -11.45
N GLU A 12 -1.10 8.49 -10.84
CA GLU A 12 -1.26 7.10 -10.45
C GLU A 12 -2.04 6.99 -9.15
N ILE A 13 -2.84 8.02 -8.86
CA ILE A 13 -3.63 8.04 -7.63
C ILE A 13 -4.44 6.75 -7.48
N THR A 14 -5.25 6.44 -8.48
CA THR A 14 -6.06 5.22 -8.45
C THR A 14 -5.21 3.99 -8.13
N LEU A 15 -4.05 3.89 -8.77
CA LEU A 15 -3.15 2.77 -8.54
C LEU A 15 -2.79 2.65 -7.07
N ILE A 16 -2.38 3.76 -6.47
CA ILE A 16 -2.01 3.78 -5.06
C ILE A 16 -3.15 3.26 -4.19
N ILE A 17 -4.36 3.75 -4.45
CA ILE A 17 -5.53 3.33 -3.68
C ILE A 17 -5.81 1.85 -3.87
N PHE A 18 -5.85 1.41 -5.14
CA PHE A 18 -6.12 0.02 -5.46
C PHE A 18 -5.13 -0.90 -4.73
N GLY A 19 -3.85 -0.57 -4.80
CA GLY A 19 -2.84 -1.37 -4.14
C GLY A 19 -3.09 -1.52 -2.66
N VAL A 20 -3.22 -0.41 -1.95
CA VAL A 20 -3.46 -0.43 -0.52
C VAL A 20 -4.77 -1.13 -0.20
N MET A 21 -5.75 -1.00 -1.09
CA MET A 21 -7.06 -1.62 -0.91
C MET A 21 -6.95 -3.14 -0.95
N ALA A 22 -6.17 -3.64 -1.92
CA ALA A 22 -5.99 -5.07 -2.07
C ALA A 22 -5.21 -5.66 -0.89
N GLY A 23 -4.13 -4.99 -0.51
CA GLY A 23 -3.34 -5.45 0.61
C GLY A 23 -4.10 -5.43 1.92
N VAL A 24 -4.67 -4.28 2.25
CA VAL A 24 -5.43 -4.14 3.49
C VAL A 24 -6.52 -5.21 3.59
N ILE A 25 -7.42 -5.23 2.61
CA ILE A 25 -8.51 -6.21 2.59
C ILE A 25 -7.97 -7.63 2.69
N GLY A 26 -6.87 -7.88 2.00
CA GLY A 26 -6.26 -9.21 2.02
C GLY A 26 -5.88 -9.65 3.42
N THR A 27 -5.12 -8.79 4.11
CA THR A 27 -4.68 -9.10 5.47
C THR A 27 -5.86 -9.37 6.39
N ILE A 28 -6.89 -8.52 6.29
CA ILE A 28 -8.08 -8.68 7.10
C ILE A 28 -8.68 -10.07 6.97
N LEU A 29 -8.89 -10.50 5.73
CA LEU A 29 -9.45 -11.82 5.45
C LEU A 29 -8.60 -12.91 6.10
N LEU A 30 -7.31 -12.90 5.79
CA LEU A 30 -6.39 -13.89 6.34
C LEU A 30 -6.42 -13.88 7.87
N ILE A 31 -6.30 -12.69 8.45
CA ILE A 31 -6.31 -12.54 9.90
C ILE A 31 -7.57 -13.16 10.50
N SER A 32 -8.71 -12.84 9.91
CA SER A 32 -9.98 -13.36 10.40
C SER A 32 -9.97 -14.88 10.44
N TYR A 33 -9.17 -15.48 9.57
CA TYR A 33 -9.06 -16.94 9.49
C TYR A 33 -8.28 -17.48 10.68
N GLY A 34 -7.25 -16.74 11.10
CA GLY A 34 -6.43 -17.16 12.22
C GLY A 34 -7.22 -17.20 13.52
N ILE A 35 -8.12 -16.23 13.71
CA ILE A 35 -8.93 -16.16 14.91
C ILE A 35 -9.88 -17.36 15.00
N ARG A 36 -10.31 -17.86 13.85
CA ARG A 36 -11.22 -18.99 13.80
C ARG A 36 -10.48 -20.30 14.12
N ARG A 37 -9.18 -20.32 13.84
CA ARG A 37 -8.36 -21.49 14.10
C ARG A 37 -8.88 -22.70 13.32
N LEU A 38 -9.51 -22.44 12.18
CA LEU A 38 -10.05 -23.50 11.34
C LEU A 38 -10.24 -23.02 9.91
N ARG B 1 12.71 18.48 -0.64
CA ARG B 1 11.56 18.92 -1.41
C ARG B 1 11.89 18.94 -2.91
N VAL B 2 13.16 19.14 -3.23
CA VAL B 2 13.59 19.17 -4.62
C VAL B 2 13.16 17.92 -5.37
N GLN B 3 12.11 18.06 -6.17
CA GLN B 3 11.57 16.93 -6.94
C GLN B 3 12.33 16.79 -8.26
N LEU B 4 12.20 15.62 -8.88
CA LEU B 4 12.87 15.36 -10.15
C LEU B 4 14.37 15.60 -10.04
N ALA B 5 15.07 15.45 -11.16
CA ALA B 5 16.52 15.65 -11.19
C ALA B 5 16.99 16.03 -12.58
N HIS B 6 17.13 15.03 -13.44
CA HIS B 6 17.58 15.27 -14.81
C HIS B 6 17.29 14.05 -15.69
N HIS B 7 16.11 13.46 -15.51
CA HIS B 7 15.71 12.29 -16.29
C HIS B 7 14.29 11.88 -15.94
N PHE B 8 13.33 12.37 -16.72
CA PHE B 8 11.93 12.05 -16.50
C PHE B 8 11.68 10.55 -16.65
N SER B 9 10.49 10.11 -16.26
CA SER B 9 10.12 8.70 -16.34
C SER B 9 8.62 8.51 -16.12
N GLU B 10 8.22 7.27 -15.93
CA GLU B 10 6.81 6.95 -15.72
C GLU B 10 6.65 5.55 -15.15
N PRO B 11 7.00 5.38 -13.87
CA PRO B 11 6.90 4.09 -13.17
C PRO B 11 5.47 3.67 -12.93
N GLU B 12 5.28 2.50 -12.32
CA GLU B 12 3.95 1.98 -12.03
C GLU B 12 4.02 0.83 -11.03
N ILE B 13 4.78 -0.21 -11.40
CA ILE B 13 4.93 -1.38 -10.54
C ILE B 13 5.28 -0.97 -9.11
N THR B 14 6.33 -0.15 -8.98
CA THR B 14 6.77 0.31 -7.67
C THR B 14 5.60 0.87 -6.86
N LEU B 15 4.81 1.73 -7.49
CA LEU B 15 3.65 2.32 -6.83
C LEU B 15 2.72 1.26 -6.28
N ILE B 16 2.39 0.28 -7.12
CA ILE B 16 1.51 -0.81 -6.72
C ILE B 16 2.04 -1.52 -5.48
N ILE B 17 3.34 -1.83 -5.49
CA ILE B 17 3.96 -2.51 -4.37
C ILE B 17 3.94 -1.64 -3.11
N PHE B 18 4.38 -0.40 -3.26
CA PHE B 18 4.41 0.54 -2.14
C PHE B 18 3.03 0.65 -1.49
N GLY B 19 2.01 0.82 -2.32
CA GLY B 19 0.65 0.94 -1.80
C GLY B 19 0.24 -0.25 -0.96
N VAL B 20 0.34 -1.44 -1.54
CA VAL B 20 -0.02 -2.67 -0.84
C VAL B 20 0.84 -2.86 0.40
N MET B 21 2.10 -2.44 0.32
CA MET B 21 3.02 -2.56 1.44
C MET B 21 2.58 -1.70 2.61
N ALA B 22 2.20 -0.46 2.32
CA ALA B 22 1.75 0.47 3.35
C ALA B 22 0.45 -0.01 3.99
N GLY B 23 -0.50 -0.44 3.15
CA GLY B 23 -1.78 -0.91 3.66
C GLY B 23 -1.64 -2.16 4.50
N VAL B 24 -0.99 -3.18 3.95
CA VAL B 24 -0.78 -4.44 4.65
C VAL B 24 -0.15 -4.20 6.02
N ILE B 25 1.04 -3.62 6.01
CA ILE B 25 1.76 -3.34 7.25
C ILE B 25 0.91 -2.51 8.21
N GLY B 26 0.17 -1.56 7.65
CA GLY B 26 -0.69 -0.72 8.48
C GLY B 26 -1.72 -1.51 9.25
N THR B 27 -2.47 -2.35 8.53
CA THR B 27 -3.50 -3.17 9.15
C THR B 27 -2.92 -4.05 10.25
N ILE B 28 -1.78 -4.67 9.97
CA ILE B 28 -1.12 -5.54 10.93
C ILE B 28 -0.88 -4.81 12.25
N LEU B 29 -0.26 -3.64 12.17
CA LEU B 29 0.02 -2.84 13.36
C LEU B 29 -1.25 -2.55 14.15
N LEU B 30 -2.26 -2.02 13.46
CA LEU B 30 -3.54 -1.71 14.09
C LEU B 30 -4.15 -2.94 14.74
N ILE B 31 -4.25 -4.02 13.97
CA ILE B 31 -4.81 -5.27 14.46
C ILE B 31 -4.07 -5.76 15.69
N SER B 32 -2.74 -5.76 15.62
CA SER B 32 -1.92 -6.20 16.74
C SER B 32 -2.24 -5.42 18.00
N TYR B 33 -2.69 -4.19 17.82
CA TYR B 33 -3.04 -3.32 18.94
C TYR B 33 -4.34 -3.78 19.60
N GLY B 34 -5.28 -4.23 18.77
CA GLY B 34 -6.56 -4.70 19.29
C GLY B 34 -6.42 -5.92 20.16
N ILE B 35 -5.52 -6.83 19.78
CA ILE B 35 -5.29 -8.05 20.54
C ILE B 35 -4.72 -7.74 21.92
N ARG B 36 -3.91 -6.70 22.00
CA ARG B 36 -3.30 -6.29 23.26
C ARG B 36 -4.32 -5.62 24.17
N ARG B 37 -5.30 -4.95 23.56
CA ARG B 37 -6.34 -4.26 24.31
C ARG B 37 -5.75 -3.14 25.15
N LEU B 38 -4.63 -2.59 24.69
CA LEU B 38 -3.95 -1.50 25.39
C LEU B 38 -4.67 -0.17 25.15
N ARG A 1 -19.29 7.61 -7.30
CA ARG A 1 -17.90 7.17 -7.16
C ARG A 1 -17.24 7.03 -8.52
N VAL A 2 -15.94 6.76 -8.51
CA VAL A 2 -15.18 6.59 -9.74
C VAL A 2 -15.16 7.88 -10.55
N GLN A 3 -14.16 8.02 -11.42
CA GLN A 3 -14.03 9.20 -12.26
C GLN A 3 -13.80 10.45 -11.40
N LEU A 4 -13.07 11.41 -11.94
CA LEU A 4 -12.78 12.64 -11.23
C LEU A 4 -12.40 13.76 -12.20
N ALA A 5 -13.12 13.84 -13.31
CA ALA A 5 -12.87 14.86 -14.31
C ALA A 5 -11.58 14.57 -15.08
N HIS A 6 -11.72 14.04 -16.29
CA HIS A 6 -10.56 13.71 -17.11
C HIS A 6 -9.85 14.98 -17.58
N HIS A 7 -8.64 15.20 -17.07
CA HIS A 7 -7.87 16.39 -17.44
C HIS A 7 -6.52 16.39 -16.73
N PHE A 8 -6.51 15.90 -15.50
CA PHE A 8 -5.28 15.85 -14.71
C PHE A 8 -4.18 15.12 -15.46
N SER A 9 -2.97 15.15 -14.90
CA SER A 9 -1.82 14.49 -15.53
C SER A 9 -2.06 12.98 -15.64
N GLU A 10 -0.99 12.25 -15.95
CA GLU A 10 -1.08 10.80 -16.08
C GLU A 10 -1.69 10.17 -14.83
N PRO A 11 -2.22 8.96 -14.98
CA PRO A 11 -2.84 8.22 -13.87
C PRO A 11 -1.82 7.75 -12.85
N GLU A 12 -2.26 7.56 -11.61
CA GLU A 12 -1.38 7.11 -10.54
C GLU A 12 -2.17 6.90 -9.24
N ILE A 13 -2.83 7.96 -8.79
CA ILE A 13 -3.61 7.89 -7.56
C ILE A 13 -4.41 6.59 -7.49
N THR A 14 -5.13 6.28 -8.56
CA THR A 14 -5.93 5.06 -8.62
C THR A 14 -5.11 3.84 -8.21
N LEU A 15 -3.94 3.70 -8.82
CA LEU A 15 -3.05 2.57 -8.52
C LEU A 15 -2.73 2.51 -7.04
N ILE A 16 -2.36 3.66 -6.46
CA ILE A 16 -2.03 3.74 -5.05
C ILE A 16 -3.19 3.24 -4.19
N ILE A 17 -4.40 3.70 -4.51
CA ILE A 17 -5.58 3.30 -3.77
C ILE A 17 -5.85 1.80 -3.92
N PHE A 18 -5.87 1.34 -5.16
CA PHE A 18 -6.11 -0.07 -5.44
C PHE A 18 -5.14 -0.96 -4.67
N GLY A 19 -3.85 -0.63 -4.75
CA GLY A 19 -2.84 -1.41 -4.06
C GLY A 19 -3.12 -1.52 -2.57
N VAL A 20 -3.28 -0.38 -1.90
CA VAL A 20 -3.55 -0.36 -0.47
C VAL A 20 -4.86 -1.08 -0.16
N MET A 21 -5.83 -0.95 -1.05
CA MET A 21 -7.13 -1.59 -0.87
C MET A 21 -6.99 -3.10 -0.90
N ALA A 22 -6.23 -3.61 -1.85
CA ALA A 22 -6.01 -5.05 -1.98
C ALA A 22 -5.26 -5.61 -0.79
N GLY A 23 -4.17 -4.93 -0.41
CA GLY A 23 -3.38 -5.38 0.72
C GLY A 23 -4.15 -5.36 2.02
N VAL A 24 -4.74 -4.21 2.34
CA VAL A 24 -5.51 -4.07 3.57
C VAL A 24 -6.59 -5.15 3.66
N ILE A 25 -7.49 -5.17 2.68
CA ILE A 25 -8.56 -6.14 2.66
C ILE A 25 -8.02 -7.57 2.74
N GLY A 26 -6.90 -7.80 2.06
CA GLY A 26 -6.30 -9.12 2.08
C GLY A 26 -5.89 -9.57 3.46
N THR A 27 -5.13 -8.72 4.16
CA THR A 27 -4.67 -9.03 5.51
C THR A 27 -5.84 -9.31 6.44
N ILE A 28 -6.88 -8.48 6.34
CA ILE A 28 -8.07 -8.64 7.17
C ILE A 28 -8.66 -10.05 7.02
N LEU A 29 -8.90 -10.45 5.78
CA LEU A 29 -9.46 -11.77 5.49
C LEU A 29 -8.60 -12.86 6.09
N LEU A 30 -7.31 -12.84 5.79
CA LEU A 30 -6.37 -13.83 6.30
C LEU A 30 -6.39 -13.85 7.82
N ILE A 31 -6.24 -12.68 8.44
CA ILE A 31 -6.24 -12.57 9.89
C ILE A 31 -7.50 -13.18 10.48
N SER A 32 -8.65 -12.81 9.91
CA SER A 32 -9.94 -13.31 10.39
C SER A 32 -9.95 -14.84 10.40
N TYR A 33 -9.21 -15.44 9.47
CA TYR A 33 -9.14 -16.89 9.38
C TYR A 33 -8.33 -17.48 10.53
N GLY A 34 -7.26 -16.77 10.91
CA GLY A 34 -6.41 -17.23 11.99
C GLY A 34 -7.15 -17.28 13.32
N ILE A 35 -8.04 -16.31 13.53
CA ILE A 35 -8.80 -16.24 14.77
C ILE A 35 -9.74 -17.43 14.91
N ARG A 36 -10.22 -17.93 13.77
CA ARG A 36 -11.12 -19.08 13.77
C ARG A 36 -10.37 -20.37 14.09
N ARG A 37 -9.19 -20.52 13.50
CA ARG A 37 -8.37 -21.71 13.72
C ARG A 37 -9.17 -22.97 13.44
N LEU A 38 -10.14 -22.87 12.53
CA LEU A 38 -10.98 -24.00 12.17
C LEU A 38 -11.64 -23.79 10.82
N ARG B 1 11.60 23.97 -1.70
CA ARG B 1 12.15 24.13 -3.05
C ARG B 1 13.10 22.98 -3.39
N VAL B 2 12.58 21.75 -3.32
CA VAL B 2 13.37 20.57 -3.62
C VAL B 2 12.79 19.80 -4.81
N GLN B 3 13.20 20.19 -6.02
CA GLN B 3 12.71 19.54 -7.23
C GLN B 3 13.52 18.29 -7.53
N LEU B 4 13.10 17.55 -8.56
CA LEU B 4 13.79 16.33 -8.95
C LEU B 4 13.90 15.36 -7.78
N ALA B 5 12.81 14.65 -7.51
CA ALA B 5 12.80 13.68 -6.41
C ALA B 5 11.67 12.68 -6.59
N HIS B 6 11.95 11.58 -7.29
CA HIS B 6 10.96 10.55 -7.54
C HIS B 6 9.64 11.15 -7.99
N HIS B 7 9.53 11.41 -9.30
CA HIS B 7 8.32 12.00 -9.85
C HIS B 7 8.45 12.18 -11.36
N PHE B 8 9.66 12.52 -11.80
CA PHE B 8 9.92 12.73 -13.22
C PHE B 8 9.57 11.48 -14.03
N SER B 9 10.04 10.33 -13.57
CA SER B 9 9.78 9.07 -14.25
C SER B 9 8.31 8.67 -14.13
N GLU B 10 7.89 7.75 -14.98
CA GLU B 10 6.49 7.28 -14.97
C GLU B 10 6.41 5.80 -14.63
N PRO B 11 6.74 5.47 -13.38
CA PRO B 11 6.71 4.08 -12.89
C PRO B 11 5.29 3.54 -12.78
N GLU B 12 5.16 2.35 -12.17
CA GLU B 12 3.85 1.73 -12.00
C GLU B 12 3.93 0.61 -10.98
N ILE B 13 4.69 -0.44 -11.30
CA ILE B 13 4.85 -1.57 -10.40
C ILE B 13 5.20 -1.13 -8.99
N THR B 14 6.22 -0.30 -8.88
CA THR B 14 6.67 0.21 -7.58
C THR B 14 5.49 0.77 -6.78
N LEU B 15 4.69 1.60 -7.43
CA LEU B 15 3.53 2.21 -6.79
C LEU B 15 2.60 1.13 -6.23
N ILE B 16 2.28 0.14 -7.05
CA ILE B 16 1.41 -0.94 -6.63
C ILE B 16 1.94 -1.62 -5.37
N ILE B 17 3.24 -1.91 -5.36
CA ILE B 17 3.87 -2.56 -4.23
C ILE B 17 3.83 -1.66 -2.99
N PHE B 18 4.28 -0.42 -3.15
CA PHE B 18 4.29 0.54 -2.05
C PHE B 18 2.91 0.66 -1.42
N GLY B 19 1.89 0.82 -2.25
CA GLY B 19 0.53 0.94 -1.76
C GLY B 19 0.12 -0.23 -0.90
N VAL B 20 0.24 -1.43 -1.44
CA VAL B 20 -0.12 -2.64 -0.71
C VAL B 20 0.72 -2.79 0.55
N MET B 21 1.98 -2.38 0.47
CA MET B 21 2.89 -2.46 1.61
C MET B 21 2.42 -1.56 2.74
N ALA B 22 2.05 -0.33 2.40
CA ALA B 22 1.59 0.64 3.38
C ALA B 22 0.27 0.20 4.01
N GLY B 23 -0.66 -0.23 3.17
CA GLY B 23 -1.96 -0.67 3.67
C GLY B 23 -1.85 -1.89 4.57
N VAL B 24 -1.19 -2.93 4.07
CA VAL B 24 -1.03 -4.16 4.84
C VAL B 24 -0.42 -3.87 6.22
N ILE B 25 0.76 -3.26 6.22
CA ILE B 25 1.44 -2.92 7.47
C ILE B 25 0.55 -2.08 8.37
N GLY B 26 -0.17 -1.14 7.77
CA GLY B 26 -1.06 -0.27 8.53
C GLY B 26 -2.11 -1.05 9.28
N THR B 27 -2.82 -1.91 8.57
CA THR B 27 -3.87 -2.72 9.19
C THR B 27 -3.33 -3.56 10.33
N ILE B 28 -2.16 -4.15 10.12
CA ILE B 28 -1.53 -4.98 11.15
C ILE B 28 -1.35 -4.21 12.45
N LEU B 29 -0.74 -3.03 12.34
CA LEU B 29 -0.50 -2.18 13.51
C LEU B 29 -1.81 -1.88 14.23
N LEU B 30 -2.79 -1.37 13.50
CA LEU B 30 -4.09 -1.04 14.07
C LEU B 30 -4.73 -2.26 14.72
N ILE B 31 -4.78 -3.36 13.98
CA ILE B 31 -5.36 -4.60 14.50
C ILE B 31 -4.64 -5.05 15.77
N SER B 32 -3.31 -5.07 15.72
CA SER B 32 -2.52 -5.48 16.88
C SER B 32 -2.87 -4.66 18.11
N TYR B 33 -3.27 -3.41 17.88
CA TYR B 33 -3.64 -2.51 18.97
C TYR B 33 -4.98 -2.91 19.59
N GLY B 34 -5.89 -3.37 18.74
CA GLY B 34 -7.20 -3.79 19.22
C GLY B 34 -7.13 -5.00 20.13
N ILE B 35 -6.23 -5.92 19.81
CA ILE B 35 -6.06 -7.13 20.61
C ILE B 35 -5.55 -6.80 22.00
N ARG B 36 -4.75 -5.75 22.11
CA ARG B 36 -4.19 -5.33 23.38
C ARG B 36 -5.25 -4.63 24.23
N ARG B 37 -6.03 -3.76 23.60
CA ARG B 37 -7.08 -3.02 24.29
C ARG B 37 -6.51 -2.29 25.51
N LEU B 38 -5.23 -1.94 25.43
CA LEU B 38 -4.57 -1.24 26.52
C LEU B 38 -4.80 -1.94 27.86
N ARG A 1 10.68 4.92 -18.49
CA ARG A 1 11.53 3.74 -18.67
C ARG A 1 12.92 3.99 -18.11
N VAL A 2 13.58 5.03 -18.59
CA VAL A 2 14.92 5.37 -18.14
C VAL A 2 15.19 6.86 -18.30
N GLN A 3 16.15 7.37 -17.53
CA GLN A 3 16.50 8.78 -17.57
C GLN A 3 15.33 9.66 -17.15
N LEU A 4 15.63 10.80 -16.56
CA LEU A 4 14.60 11.73 -16.11
C LEU A 4 15.19 13.11 -15.81
N ALA A 5 14.46 14.15 -16.17
CA ALA A 5 14.91 15.52 -15.94
C ALA A 5 13.75 16.50 -16.07
N HIS A 6 12.72 16.31 -15.26
CA HIS A 6 11.55 17.19 -15.27
C HIS A 6 10.84 17.18 -13.93
N HIS A 7 9.87 18.07 -13.77
CA HIS A 7 9.12 18.17 -12.53
C HIS A 7 8.58 16.80 -12.12
N PHE A 8 8.57 16.54 -10.81
CA PHE A 8 8.08 15.28 -10.29
C PHE A 8 6.56 15.30 -10.13
N SER A 9 5.94 14.12 -10.26
CA SER A 9 4.50 14.01 -10.14
C SER A 9 4.10 12.60 -9.70
N GLU A 10 2.79 12.36 -9.61
CA GLU A 10 2.28 11.06 -9.20
C GLU A 10 0.85 10.86 -9.71
N PRO A 11 0.70 10.74 -11.03
CA PRO A 11 -0.60 10.53 -11.67
C PRO A 11 -1.19 9.16 -11.36
N GLU A 12 -0.36 8.26 -10.83
CA GLU A 12 -0.80 6.92 -10.50
C GLU A 12 -1.59 6.90 -9.19
N ILE A 13 -2.56 7.81 -9.09
CA ILE A 13 -3.39 7.90 -7.90
C ILE A 13 -4.19 6.62 -7.68
N THR A 14 -5.08 6.32 -8.62
CA THR A 14 -5.91 5.13 -8.53
C THR A 14 -5.07 3.90 -8.22
N LEU A 15 -3.89 3.82 -8.82
CA LEU A 15 -2.99 2.69 -8.60
C LEU A 15 -2.65 2.55 -7.12
N ILE A 16 -2.18 3.64 -6.52
CA ILE A 16 -1.83 3.63 -5.11
C ILE A 16 -3.01 3.18 -4.24
N ILE A 17 -4.19 3.73 -4.53
CA ILE A 17 -5.39 3.38 -3.78
C ILE A 17 -5.71 1.89 -3.93
N PHE A 18 -5.72 1.41 -5.16
CA PHE A 18 -6.02 0.01 -5.43
C PHE A 18 -5.09 -0.91 -4.64
N GLY A 19 -3.79 -0.60 -4.68
CA GLY A 19 -2.82 -1.40 -3.96
C GLY A 19 -3.13 -1.51 -2.48
N VAL A 20 -3.28 -0.36 -1.83
CA VAL A 20 -3.59 -0.33 -0.40
C VAL A 20 -4.93 -0.99 -0.11
N MET A 21 -5.88 -0.83 -1.03
CA MET A 21 -7.20 -1.42 -0.87
C MET A 21 -7.13 -2.93 -0.91
N ALA A 22 -6.42 -3.47 -1.88
CA ALA A 22 -6.27 -4.91 -2.02
C ALA A 22 -5.49 -5.51 -0.86
N GLY A 23 -4.38 -4.86 -0.50
CA GLY A 23 -3.56 -5.34 0.60
C GLY A 23 -4.31 -5.36 1.92
N VAL A 24 -4.94 -4.23 2.25
CA VAL A 24 -5.70 -4.12 3.50
C VAL A 24 -6.74 -5.22 3.60
N ILE A 25 -7.62 -5.30 2.61
CA ILE A 25 -8.66 -6.32 2.59
C ILE A 25 -8.07 -7.71 2.70
N GLY A 26 -6.98 -7.95 1.98
CA GLY A 26 -6.33 -9.25 2.02
C GLY A 26 -5.93 -9.66 3.42
N THR A 27 -5.20 -8.78 4.10
CA THR A 27 -4.74 -9.06 5.45
C THR A 27 -5.91 -9.37 6.38
N ILE A 28 -6.96 -8.55 6.29
CA ILE A 28 -8.15 -8.75 7.12
C ILE A 28 -8.68 -10.17 6.99
N LEU A 29 -8.88 -10.60 5.75
CA LEU A 29 -9.40 -11.95 5.48
C LEU A 29 -8.50 -13.01 6.13
N LEU A 30 -7.21 -12.94 5.84
CA LEU A 30 -6.25 -13.90 6.39
C LEU A 30 -6.29 -13.88 7.91
N ILE A 31 -6.16 -12.69 8.49
CA ILE A 31 -6.19 -12.55 9.94
C ILE A 31 -7.45 -13.15 10.53
N SER A 32 -8.60 -12.79 9.97
CA SER A 32 -9.88 -13.30 10.43
C SER A 32 -9.90 -14.82 10.45
N TYR A 33 -9.14 -15.42 9.53
CA TYR A 33 -9.07 -16.88 9.43
C TYR A 33 -8.26 -17.46 10.59
N GLY A 34 -7.22 -16.74 10.99
CA GLY A 34 -6.38 -17.20 12.08
C GLY A 34 -7.12 -17.25 13.41
N ILE A 35 -8.00 -16.28 13.62
CA ILE A 35 -8.77 -16.21 14.86
C ILE A 35 -9.74 -17.39 14.96
N ARG A 36 -10.22 -17.85 13.81
CA ARG A 36 -11.14 -18.98 13.78
C ARG A 36 -10.41 -20.30 14.04
N ARG A 37 -9.24 -20.44 13.44
CA ARG A 37 -8.44 -21.65 13.59
C ARG A 37 -9.17 -22.86 13.03
N LEU A 38 -9.99 -22.62 12.02
CA LEU A 38 -10.75 -23.70 11.39
C LEU A 38 -9.86 -24.52 10.46
N ARG B 1 -1.99 15.14 -27.89
CA ARG B 1 -0.92 14.16 -28.08
C ARG B 1 -0.11 14.49 -29.33
N VAL B 2 0.11 15.79 -29.57
CA VAL B 2 0.87 16.23 -30.72
C VAL B 2 2.28 16.66 -30.33
N GLN B 3 3.25 15.79 -30.57
CA GLN B 3 4.64 16.08 -30.24
C GLN B 3 4.82 16.26 -28.74
N LEU B 4 5.99 15.92 -28.23
CA LEU B 4 6.29 16.06 -26.81
C LEU B 4 5.25 15.32 -25.97
N ALA B 5 5.52 14.05 -25.70
CA ALA B 5 4.61 13.24 -24.89
C ALA B 5 5.33 12.05 -24.28
N HIS B 6 6.56 12.27 -23.83
CA HIS B 6 7.35 11.21 -23.22
C HIS B 6 6.75 10.75 -21.90
N HIS B 7 6.70 9.45 -21.70
CA HIS B 7 6.13 8.88 -20.47
C HIS B 7 6.76 9.53 -19.24
N PHE B 8 5.96 10.30 -18.52
CA PHE B 8 6.44 10.99 -17.32
C PHE B 8 6.84 9.97 -16.24
N SER B 9 5.85 9.22 -15.75
CA SER B 9 6.09 8.23 -14.72
C SER B 9 6.97 7.10 -15.25
N GLU B 10 7.03 6.00 -14.50
CA GLU B 10 7.82 4.85 -14.89
C GLU B 10 7.70 3.72 -13.87
N PRO B 11 8.07 4.01 -12.62
CA PRO B 11 8.01 3.04 -11.53
C PRO B 11 6.58 2.71 -11.13
N GLU B 12 5.88 1.95 -11.98
CA GLU B 12 4.50 1.58 -11.72
C GLU B 12 4.44 0.47 -10.66
N ILE B 13 5.14 -0.62 -10.93
CA ILE B 13 5.17 -1.75 -10.01
C ILE B 13 5.48 -1.30 -8.59
N THR B 14 6.56 -0.55 -8.43
CA THR B 14 6.97 -0.05 -7.13
C THR B 14 5.80 0.57 -6.39
N LEU B 15 5.09 1.47 -7.06
CA LEU B 15 3.94 2.14 -6.47
C LEU B 15 2.92 1.13 -5.96
N ILE B 16 2.56 0.19 -6.82
CA ILE B 16 1.59 -0.85 -6.47
C ILE B 16 2.03 -1.61 -5.23
N ILE B 17 3.31 -1.97 -5.18
CA ILE B 17 3.86 -2.70 -4.04
C ILE B 17 3.79 -1.86 -2.76
N PHE B 18 4.28 -0.62 -2.86
CA PHE B 18 4.28 0.28 -1.72
C PHE B 18 2.87 0.42 -1.13
N GLY B 19 1.90 0.64 -2.02
CA GLY B 19 0.53 0.78 -1.57
C GLY B 19 0.04 -0.41 -0.77
N VAL B 20 0.16 -1.59 -1.35
CA VAL B 20 -0.27 -2.82 -0.69
C VAL B 20 0.52 -3.06 0.59
N MET B 21 1.80 -2.67 0.57
CA MET B 21 2.66 -2.85 1.73
C MET B 21 2.20 -1.97 2.89
N ALA B 22 1.91 -0.71 2.60
CA ALA B 22 1.45 0.23 3.61
C ALA B 22 0.08 -0.17 4.15
N GLY B 23 -0.83 -0.51 3.25
CA GLY B 23 -2.17 -0.90 3.65
C GLY B 23 -2.17 -2.14 4.52
N VAL B 24 -1.50 -3.19 4.04
CA VAL B 24 -1.43 -4.45 4.78
C VAL B 24 -0.92 -4.22 6.19
N ILE B 25 0.26 -3.63 6.30
CA ILE B 25 0.87 -3.35 7.60
C ILE B 25 -0.06 -2.53 8.48
N GLY B 26 -0.71 -1.53 7.87
CA GLY B 26 -1.62 -0.68 8.62
C GLY B 26 -2.75 -1.47 9.26
N THR B 27 -3.42 -2.28 8.47
CA THR B 27 -4.53 -3.09 8.97
C THR B 27 -4.08 -3.99 10.12
N ILE B 28 -2.92 -4.62 9.96
CA ILE B 28 -2.39 -5.49 10.99
C ILE B 28 -2.27 -4.77 12.32
N LEU B 29 -1.64 -3.61 12.30
CA LEU B 29 -1.47 -2.81 13.52
C LEU B 29 -2.82 -2.50 14.18
N LEU B 30 -3.74 -1.95 13.40
CA LEU B 30 -5.06 -1.63 13.90
C LEU B 30 -5.76 -2.86 14.46
N ILE B 31 -5.77 -3.93 13.68
CA ILE B 31 -6.40 -5.17 14.09
C ILE B 31 -5.85 -5.65 15.43
N SER B 32 -4.52 -5.66 15.55
CA SER B 32 -3.86 -6.08 16.78
C SER B 32 -4.37 -5.29 17.98
N TYR B 33 -4.78 -4.06 17.72
CA TYR B 33 -5.29 -3.19 18.77
C TYR B 33 -6.67 -3.65 19.24
N GLY B 34 -7.49 -4.10 18.29
CA GLY B 34 -8.83 -4.56 18.62
C GLY B 34 -8.81 -5.79 19.52
N ILE B 35 -7.84 -6.68 19.29
CA ILE B 35 -7.72 -7.89 20.09
C ILE B 35 -7.39 -7.57 21.54
N ARG B 36 -6.64 -6.49 21.74
CA ARG B 36 -6.25 -6.07 23.08
C ARG B 36 -7.42 -5.43 23.82
N ARG B 37 -8.21 -4.64 23.09
CA ARG B 37 -9.37 -3.97 23.69
C ARG B 37 -8.95 -3.11 24.87
N LEU B 38 -7.70 -2.67 24.86
CA LEU B 38 -7.17 -1.83 25.94
C LEU B 38 -7.56 -0.37 25.75
N ARG A 1 17.89 6.87 -13.98
CA ARG A 1 16.43 6.85 -14.00
C ARG A 1 15.87 6.72 -12.58
N VAL A 2 16.47 7.44 -11.64
CA VAL A 2 16.04 7.39 -10.25
C VAL A 2 16.18 8.76 -9.60
N GLN A 3 15.29 9.05 -8.64
CA GLN A 3 15.32 10.32 -7.93
C GLN A 3 15.06 11.47 -8.89
N LEU A 4 14.44 12.54 -8.37
CA LEU A 4 14.14 13.71 -9.18
C LEU A 4 13.78 14.90 -8.30
N ALA A 5 13.86 16.10 -8.87
CA ALA A 5 13.55 17.32 -8.14
C ALA A 5 13.24 18.47 -9.09
N HIS A 6 12.56 18.15 -10.19
CA HIS A 6 12.20 19.17 -11.18
C HIS A 6 10.98 18.73 -11.97
N HIS A 7 10.15 17.89 -11.37
CA HIS A 7 8.95 17.39 -12.03
C HIS A 7 8.19 16.43 -11.11
N PHE A 8 8.22 16.71 -9.82
CA PHE A 8 7.53 15.87 -8.84
C PHE A 8 6.04 15.80 -9.14
N SER A 9 5.48 14.60 -9.04
CA SER A 9 4.06 14.39 -9.30
C SER A 9 3.62 13.01 -8.81
N GLU A 10 2.35 12.68 -9.06
CA GLU A 10 1.80 11.39 -8.66
C GLU A 10 0.50 11.10 -9.38
N PRO A 11 0.60 10.89 -10.71
CA PRO A 11 -0.57 10.59 -11.55
C PRO A 11 -1.16 9.21 -11.27
N GLU A 12 -0.33 8.31 -10.74
CA GLU A 12 -0.76 6.96 -10.41
C GLU A 12 -1.57 6.94 -9.12
N ILE A 13 -2.54 7.83 -9.02
CA ILE A 13 -3.39 7.92 -7.83
C ILE A 13 -4.18 6.63 -7.63
N THR A 14 -5.06 6.34 -8.58
CA THR A 14 -5.88 5.13 -8.50
C THR A 14 -5.03 3.91 -8.18
N LEU A 15 -3.84 3.84 -8.77
CA LEU A 15 -2.94 2.72 -8.55
C LEU A 15 -2.62 2.57 -7.06
N ILE A 16 -2.15 3.66 -6.44
CA ILE A 16 -1.82 3.64 -5.04
C ILE A 16 -3.00 3.19 -4.19
N ILE A 17 -4.18 3.73 -4.49
CA ILE A 17 -5.39 3.37 -3.76
C ILE A 17 -5.71 1.89 -3.92
N PHE A 18 -5.71 1.41 -5.16
CA PHE A 18 -6.00 0.01 -5.44
C PHE A 18 -5.08 -0.91 -4.66
N GLY A 19 -3.78 -0.61 -4.69
CA GLY A 19 -2.81 -1.42 -3.98
C GLY A 19 -3.13 -1.54 -2.50
N VAL A 20 -3.29 -0.39 -1.84
CA VAL A 20 -3.60 -0.36 -0.42
C VAL A 20 -4.94 -1.03 -0.13
N MET A 21 -5.88 -0.87 -1.06
CA MET A 21 -7.21 -1.45 -0.91
C MET A 21 -7.14 -2.97 -0.94
N ALA A 22 -6.41 -3.50 -1.91
CA ALA A 22 -6.27 -4.95 -2.06
C ALA A 22 -5.49 -5.54 -0.88
N GLY A 23 -4.40 -4.89 -0.51
CA GLY A 23 -3.58 -5.36 0.59
C GLY A 23 -4.34 -5.38 1.91
N VAL A 24 -4.96 -4.24 2.24
CA VAL A 24 -5.72 -4.12 3.47
C VAL A 24 -6.77 -5.22 3.58
N ILE A 25 -7.66 -5.30 2.60
CA ILE A 25 -8.71 -6.30 2.59
C ILE A 25 -8.12 -7.71 2.69
N GLY A 26 -7.02 -7.93 1.98
CA GLY A 26 -6.38 -9.24 2.00
C GLY A 26 -5.96 -9.65 3.41
N THR A 27 -5.23 -8.77 4.09
CA THR A 27 -4.77 -9.05 5.44
C THR A 27 -5.94 -9.37 6.37
N ILE A 28 -6.99 -8.56 6.27
CA ILE A 28 -8.17 -8.74 7.10
C ILE A 28 -8.72 -10.17 6.97
N LEU A 29 -8.92 -10.60 5.74
CA LEU A 29 -9.44 -11.95 5.48
C LEU A 29 -8.56 -13.01 6.11
N LEU A 30 -7.26 -12.95 5.81
CA LEU A 30 -6.30 -13.90 6.36
C LEU A 30 -6.33 -13.88 7.89
N ILE A 31 -6.21 -12.69 8.45
CA ILE A 31 -6.22 -12.54 9.91
C ILE A 31 -7.48 -13.15 10.51
N SER A 32 -8.63 -12.84 9.91
CA SER A 32 -9.90 -13.36 10.40
C SER A 32 -9.87 -14.88 10.47
N TYR A 33 -9.16 -15.50 9.53
CA TYR A 33 -9.06 -16.95 9.49
C TYR A 33 -8.22 -17.48 10.64
N GLY A 34 -7.18 -16.71 11.00
CA GLY A 34 -6.30 -17.12 12.08
C GLY A 34 -7.01 -17.13 13.42
N ILE A 35 -7.90 -16.18 13.64
CA ILE A 35 -8.65 -16.08 14.87
C ILE A 35 -9.58 -17.28 15.05
N ARG A 36 -10.07 -17.80 13.94
CA ARG A 36 -10.96 -18.95 13.97
C ARG A 36 -10.21 -20.23 14.33
N ARG A 37 -9.01 -20.38 13.78
CA ARG A 37 -8.19 -21.54 14.05
C ARG A 37 -8.69 -22.75 13.25
N LEU A 38 -10.01 -22.95 13.25
CA LEU A 38 -10.61 -24.06 12.53
C LEU A 38 -9.94 -25.37 12.90
N ARG B 1 11.98 25.42 -16.10
CA ARG B 1 11.56 24.78 -17.33
C ARG B 1 10.38 23.83 -17.08
N VAL B 2 9.60 23.58 -18.12
CA VAL B 2 8.44 22.69 -18.01
C VAL B 2 8.15 22.00 -19.34
N GLN B 3 7.71 20.75 -19.26
CA GLN B 3 7.39 19.99 -20.46
C GLN B 3 8.63 19.79 -21.33
N LEU B 4 8.67 18.68 -22.05
CA LEU B 4 9.80 18.36 -22.92
C LEU B 4 11.12 18.43 -22.15
N ALA B 5 11.41 17.35 -21.43
CA ALA B 5 12.65 17.28 -20.65
C ALA B 5 12.96 15.84 -20.27
N HIS B 6 13.12 14.98 -21.27
CA HIS B 6 13.43 13.58 -21.04
C HIS B 6 12.53 12.99 -19.96
N HIS B 7 11.33 12.56 -20.37
CA HIS B 7 10.38 11.98 -19.43
C HIS B 7 11.02 10.88 -18.60
N PHE B 8 11.14 11.12 -17.30
CA PHE B 8 11.75 10.14 -16.40
C PHE B 8 11.01 8.81 -16.47
N SER B 9 11.61 7.78 -15.87
CA SER B 9 11.01 6.44 -15.88
C SER B 9 9.65 6.46 -15.20
N GLU B 10 8.84 5.44 -15.48
CA GLU B 10 7.51 5.32 -14.90
C GLU B 10 7.38 4.05 -14.07
N PRO B 11 8.00 4.06 -12.89
CA PRO B 11 7.97 2.91 -11.97
C PRO B 11 6.59 2.70 -11.36
N GLU B 12 5.69 2.11 -12.14
CA GLU B 12 4.33 1.85 -11.67
C GLU B 12 4.31 0.67 -10.70
N ILE B 13 5.05 -0.38 -11.04
CA ILE B 13 5.12 -1.58 -10.20
C ILE B 13 5.42 -1.21 -8.75
N THR B 14 6.50 -0.46 -8.54
CA THR B 14 6.91 -0.05 -7.20
C THR B 14 5.73 0.56 -6.45
N LEU B 15 5.00 1.46 -7.11
CA LEU B 15 3.86 2.11 -6.50
C LEU B 15 2.84 1.08 -6.00
N ILE B 16 2.50 0.13 -6.86
CA ILE B 16 1.55 -0.91 -6.51
C ILE B 16 1.99 -1.66 -5.26
N ILE B 17 3.27 -2.04 -5.23
CA ILE B 17 3.81 -2.77 -4.09
C ILE B 17 3.76 -1.92 -2.82
N PHE B 18 4.26 -0.69 -2.92
CA PHE B 18 4.27 0.22 -1.78
C PHE B 18 2.86 0.37 -1.19
N GLY B 19 1.88 0.58 -2.06
CA GLY B 19 0.51 0.74 -1.60
C GLY B 19 0.03 -0.45 -0.80
N VAL B 20 0.15 -1.65 -1.37
CA VAL B 20 -0.27 -2.87 -0.70
C VAL B 20 0.53 -3.11 0.57
N MET B 21 1.80 -2.72 0.54
CA MET B 21 2.67 -2.89 1.70
C MET B 21 2.22 -2.02 2.86
N ALA B 22 1.92 -0.75 2.56
CA ALA B 22 1.46 0.19 3.58
C ALA B 22 0.10 -0.22 4.13
N GLY B 23 -0.81 -0.57 3.23
CA GLY B 23 -2.15 -0.98 3.65
C GLY B 23 -2.13 -2.23 4.50
N VAL B 24 -1.47 -3.27 4.02
CA VAL B 24 -1.39 -4.53 4.75
C VAL B 24 -0.87 -4.31 6.17
N ILE B 25 0.33 -3.73 6.27
CA ILE B 25 0.93 -3.46 7.57
C ILE B 25 0.01 -2.63 8.45
N GLY B 26 -0.64 -1.63 7.84
CA GLY B 26 -1.54 -0.77 8.58
C GLY B 26 -2.67 -1.55 9.24
N THR B 27 -3.36 -2.36 8.46
CA THR B 27 -4.47 -3.17 8.96
C THR B 27 -4.02 -4.06 10.11
N ILE B 28 -2.86 -4.69 9.94
CA ILE B 28 -2.31 -5.58 10.96
C ILE B 28 -2.19 -4.87 12.30
N LEU B 29 -1.55 -3.69 12.28
CA LEU B 29 -1.37 -2.90 13.50
C LEU B 29 -2.71 -2.61 14.16
N LEU B 30 -3.62 -2.04 13.38
CA LEU B 30 -4.95 -1.70 13.90
C LEU B 30 -5.66 -2.94 14.46
N ILE B 31 -5.68 -4.01 13.67
CA ILE B 31 -6.31 -5.25 14.10
C ILE B 31 -5.75 -5.73 15.43
N SER B 32 -4.42 -5.74 15.54
CA SER B 32 -3.76 -6.18 16.77
C SER B 32 -4.26 -5.38 17.96
N TYR B 33 -4.70 -4.16 17.71
CA TYR B 33 -5.20 -3.29 18.77
C TYR B 33 -6.56 -3.77 19.27
N GLY B 34 -7.39 -4.25 18.35
CA GLY B 34 -8.70 -4.75 18.72
C GLY B 34 -8.64 -5.94 19.65
N ILE B 35 -7.74 -6.87 19.36
CA ILE B 35 -7.58 -8.07 20.17
C ILE B 35 -7.09 -7.71 21.57
N ARG B 36 -6.20 -6.73 21.64
CA ARG B 36 -5.65 -6.30 22.93
C ARG B 36 -6.66 -5.48 23.71
N ARG B 37 -7.41 -4.63 23.00
CA ARG B 37 -8.42 -3.79 23.63
C ARG B 37 -7.77 -2.60 24.32
N LEU B 38 -6.69 -2.87 25.05
CA LEU B 38 -5.98 -1.82 25.78
C LEU B 38 -6.95 -1.00 26.63
N ARG A 1 24.74 16.99 -1.84
CA ARG A 1 25.22 16.35 -3.05
C ARG A 1 24.12 16.29 -4.12
N VAL A 2 22.87 16.30 -3.66
CA VAL A 2 21.74 16.25 -4.58
C VAL A 2 20.51 16.90 -3.95
N GLN A 3 19.66 17.47 -4.80
CA GLN A 3 18.44 18.14 -4.34
C GLN A 3 17.39 17.11 -3.95
N LEU A 4 16.36 17.57 -3.23
CA LEU A 4 15.28 16.69 -2.79
C LEU A 4 13.98 17.48 -2.60
N ALA A 5 12.99 16.83 -2.00
CA ALA A 5 11.70 17.47 -1.76
C ALA A 5 10.91 17.64 -3.05
N HIS A 6 11.10 16.70 -3.97
CA HIS A 6 10.40 16.75 -5.26
C HIS A 6 8.95 16.33 -5.10
N HIS A 7 8.18 16.50 -6.17
CA HIS A 7 6.76 16.13 -6.14
C HIS A 7 6.14 16.30 -7.53
N PHE A 8 6.74 15.65 -8.52
CA PHE A 8 6.25 15.72 -9.89
C PHE A 8 4.85 15.12 -10.00
N SER A 9 4.26 15.23 -11.19
CA SER A 9 2.92 14.70 -11.42
C SER A 9 2.84 13.23 -11.00
N GLU A 10 1.72 12.87 -10.36
CA GLU A 10 1.52 11.51 -9.90
C GLU A 10 0.13 11.00 -10.29
N PRO A 11 -0.07 10.75 -11.58
CA PRO A 11 -1.36 10.26 -12.10
C PRO A 11 -1.66 8.83 -11.67
N GLU A 12 -0.69 8.20 -11.01
CA GLU A 12 -0.85 6.83 -10.55
C GLU A 12 -1.64 6.79 -9.24
N ILE A 13 -2.46 7.81 -9.02
CA ILE A 13 -3.27 7.89 -7.81
C ILE A 13 -4.11 6.63 -7.63
N THR A 14 -4.93 6.33 -8.63
CA THR A 14 -5.78 5.14 -8.57
C THR A 14 -4.99 3.90 -8.20
N LEU A 15 -3.81 3.76 -8.80
CA LEU A 15 -2.95 2.61 -8.52
C LEU A 15 -2.63 2.51 -7.03
N ILE A 16 -2.20 3.63 -6.45
CA ILE A 16 -1.86 3.67 -5.03
C ILE A 16 -3.05 3.22 -4.18
N ILE A 17 -4.22 3.74 -4.49
CA ILE A 17 -5.43 3.39 -3.75
C ILE A 17 -5.76 1.90 -3.91
N PHE A 18 -5.76 1.43 -5.15
CA PHE A 18 -6.06 0.03 -5.44
C PHE A 18 -5.12 -0.89 -4.64
N GLY A 19 -3.83 -0.60 -4.69
CA GLY A 19 -2.86 -1.41 -3.99
C GLY A 19 -3.17 -1.52 -2.50
N VAL A 20 -3.33 -0.38 -1.85
CA VAL A 20 -3.63 -0.35 -0.42
C VAL A 20 -4.97 -1.02 -0.13
N MET A 21 -5.91 -0.86 -1.04
CA MET A 21 -7.24 -1.46 -0.88
C MET A 21 -7.16 -2.98 -0.92
N ALA A 22 -6.42 -3.50 -1.89
CA ALA A 22 -6.26 -4.95 -2.03
C ALA A 22 -5.49 -5.53 -0.86
N GLY A 23 -4.39 -4.89 -0.50
CA GLY A 23 -3.58 -5.36 0.61
C GLY A 23 -4.33 -5.37 1.92
N VAL A 24 -4.94 -4.24 2.26
CA VAL A 24 -5.70 -4.13 3.49
C VAL A 24 -6.75 -5.23 3.61
N ILE A 25 -7.63 -5.29 2.61
CA ILE A 25 -8.68 -6.31 2.60
C ILE A 25 -8.10 -7.71 2.70
N GLY A 26 -7.00 -7.94 1.99
CA GLY A 26 -6.36 -9.24 2.01
C GLY A 26 -5.94 -9.65 3.42
N THR A 27 -5.20 -8.78 4.09
CA THR A 27 -4.74 -9.06 5.44
C THR A 27 -5.90 -9.37 6.37
N ILE A 28 -6.96 -8.57 6.26
CA ILE A 28 -8.14 -8.76 7.10
C ILE A 28 -8.68 -10.19 6.97
N LEU A 29 -8.89 -10.62 5.73
CA LEU A 29 -9.41 -11.96 5.47
C LEU A 29 -8.51 -13.02 6.11
N LEU A 30 -7.22 -12.96 5.80
CA LEU A 30 -6.26 -13.91 6.35
C LEU A 30 -6.27 -13.89 7.87
N ILE A 31 -6.17 -12.69 8.44
CA ILE A 31 -6.17 -12.53 9.89
C ILE A 31 -7.43 -13.13 10.51
N SER A 32 -8.58 -12.77 9.94
CA SER A 32 -9.86 -13.25 10.44
C SER A 32 -9.88 -14.78 10.46
N TYR A 33 -9.14 -15.39 9.54
CA TYR A 33 -9.07 -16.84 9.45
C TYR A 33 -8.26 -17.43 10.60
N GLY A 34 -7.21 -16.72 10.98
CA GLY A 34 -6.36 -17.18 12.07
C GLY A 34 -7.08 -17.22 13.40
N ILE A 35 -7.96 -16.24 13.62
CA ILE A 35 -8.72 -16.16 14.86
C ILE A 35 -9.68 -17.34 14.99
N ARG A 36 -10.17 -17.82 13.85
CA ARG A 36 -11.11 -18.93 13.83
C ARG A 36 -10.38 -20.25 14.11
N ARG A 37 -9.21 -20.42 13.51
CA ARG A 37 -8.41 -21.63 13.69
C ARG A 37 -9.17 -22.84 13.17
N LEU A 38 -9.18 -23.01 11.85
CA LEU A 38 -9.86 -24.14 11.21
C LEU A 38 -9.05 -25.42 11.40
N ARG B 1 18.87 18.00 -8.22
CA ARG B 1 18.46 17.36 -9.46
C ARG B 1 17.91 18.40 -10.45
N VAL B 2 18.47 18.42 -11.64
CA VAL B 2 18.03 19.36 -12.67
C VAL B 2 16.96 18.75 -13.56
N GLN B 3 15.78 18.52 -12.98
CA GLN B 3 14.67 17.94 -13.73
C GLN B 3 15.02 16.53 -14.21
N LEU B 4 14.00 15.68 -14.32
CA LEU B 4 14.20 14.31 -14.77
C LEU B 4 15.24 13.59 -13.92
N ALA B 5 14.79 12.95 -12.85
CA ALA B 5 15.67 12.23 -11.94
C ALA B 5 14.90 11.26 -11.06
N HIS B 6 13.79 10.74 -11.59
CA HIS B 6 12.96 9.80 -10.84
C HIS B 6 12.15 8.94 -11.79
N HIS B 7 12.61 7.72 -12.02
CA HIS B 7 11.92 6.78 -12.91
C HIS B 7 12.65 5.45 -12.98
N PHE B 8 13.15 4.99 -11.84
CA PHE B 8 13.88 3.73 -11.78
C PHE B 8 13.08 2.60 -12.44
N SER B 9 13.74 1.47 -12.65
CA SER B 9 13.09 0.32 -13.28
C SER B 9 11.79 -0.02 -12.56
N GLU B 10 10.80 -0.48 -13.33
CA GLU B 10 9.51 -0.85 -12.77
C GLU B 10 8.96 0.28 -11.91
N PRO B 11 8.59 1.39 -12.57
CA PRO B 11 8.04 2.57 -11.88
C PRO B 11 6.63 2.31 -11.32
N GLU B 12 5.77 1.76 -12.17
CA GLU B 12 4.40 1.46 -11.76
C GLU B 12 4.37 0.35 -10.71
N ILE B 13 5.09 -0.73 -10.97
CA ILE B 13 5.16 -1.85 -10.05
C ILE B 13 5.46 -1.38 -8.63
N THR B 14 6.51 -0.58 -8.48
CA THR B 14 6.91 -0.07 -7.18
C THR B 14 5.72 0.55 -6.45
N LEU B 15 4.98 1.41 -7.14
CA LEU B 15 3.82 2.06 -6.55
C LEU B 15 2.83 1.03 -6.04
N ILE B 16 2.49 0.05 -6.87
CA ILE B 16 1.55 -0.99 -6.48
C ILE B 16 2.01 -1.71 -5.23
N ILE B 17 3.30 -2.04 -5.18
CA ILE B 17 3.87 -2.74 -4.03
C ILE B 17 3.81 -1.86 -2.78
N PHE B 18 4.27 -0.63 -2.90
CA PHE B 18 4.26 0.31 -1.78
C PHE B 18 2.85 0.44 -1.19
N GLY B 19 1.87 0.66 -2.07
CA GLY B 19 0.50 0.81 -1.62
C GLY B 19 0.03 -0.38 -0.80
N VAL B 20 0.16 -1.58 -1.37
CA VAL B 20 -0.25 -2.80 -0.68
C VAL B 20 0.55 -3.00 0.60
N MET B 21 1.82 -2.61 0.57
CA MET B 21 2.69 -2.76 1.72
C MET B 21 2.22 -1.88 2.88
N ALA B 22 1.91 -0.62 2.57
CA ALA B 22 1.45 0.33 3.58
C ALA B 22 0.08 -0.09 4.13
N GLY B 23 -0.82 -0.46 3.23
CA GLY B 23 -2.15 -0.87 3.64
C GLY B 23 -2.13 -2.10 4.51
N VAL B 24 -1.47 -3.15 4.04
CA VAL B 24 -1.38 -4.40 4.79
C VAL B 24 -0.86 -4.16 6.21
N ILE B 25 0.33 -3.57 6.30
CA ILE B 25 0.94 -3.28 7.60
C ILE B 25 0.01 -2.44 8.46
N GLY B 26 -0.63 -1.46 7.83
CA GLY B 26 -1.54 -0.59 8.55
C GLY B 26 -2.67 -1.36 9.22
N THR B 27 -3.36 -2.18 8.44
CA THR B 27 -4.48 -2.97 8.96
C THR B 27 -4.03 -3.85 10.12
N ILE B 28 -2.87 -4.48 9.96
CA ILE B 28 -2.33 -5.35 11.00
C ILE B 28 -2.20 -4.62 12.33
N LEU B 29 -1.57 -3.45 12.30
CA LEU B 29 -1.39 -2.65 13.50
C LEU B 29 -2.73 -2.32 14.15
N LEU B 30 -3.65 -1.78 13.36
CA LEU B 30 -4.97 -1.42 13.87
C LEU B 30 -5.68 -2.65 14.45
N ILE B 31 -5.70 -3.72 13.67
CA ILE B 31 -6.35 -4.96 14.11
C ILE B 31 -5.75 -5.45 15.42
N SER B 32 -4.42 -5.51 15.47
CA SER B 32 -3.73 -5.97 16.67
C SER B 32 -4.16 -5.15 17.89
N TYR B 33 -4.51 -3.90 17.67
CA TYR B 33 -4.94 -3.02 18.74
C TYR B 33 -6.33 -3.39 19.24
N GLY B 34 -7.19 -3.81 18.32
CA GLY B 34 -8.54 -4.20 18.69
C GLY B 34 -8.57 -5.43 19.57
N ILE B 35 -7.65 -6.36 19.31
CA ILE B 35 -7.58 -7.60 20.10
C ILE B 35 -7.20 -7.30 21.54
N ARG B 36 -6.41 -6.24 21.73
CA ARG B 36 -5.97 -5.85 23.07
C ARG B 36 -7.11 -5.20 23.85
N ARG B 37 -7.84 -4.31 23.19
CA ARG B 37 -8.95 -3.61 23.82
C ARG B 37 -8.45 -2.50 24.75
N LEU B 38 -7.43 -2.81 25.54
CA LEU B 38 -6.85 -1.85 26.46
C LEU B 38 -6.01 -0.82 25.71
N ARG A 1 15.39 -1.54 -6.44
CA ARG A 1 14.04 -2.05 -6.34
C ARG A 1 13.37 -1.58 -5.05
N VAL A 2 12.06 -1.35 -5.12
CA VAL A 2 11.31 -0.89 -3.96
C VAL A 2 11.79 0.48 -3.48
N GLN A 3 11.39 1.52 -4.20
CA GLN A 3 11.77 2.88 -3.86
C GLN A 3 10.84 3.47 -2.81
N LEU A 4 11.21 4.63 -2.27
CA LEU A 4 10.40 5.29 -1.26
C LEU A 4 10.81 6.76 -1.12
N ALA A 5 10.00 7.52 -0.39
CA ALA A 5 10.28 8.94 -0.18
C ALA A 5 10.66 9.63 -1.48
N HIS A 6 10.02 9.20 -2.57
CA HIS A 6 10.29 9.79 -3.89
C HIS A 6 9.14 9.51 -4.85
N HIS A 7 8.27 10.51 -5.02
CA HIS A 7 7.12 10.39 -5.91
C HIS A 7 6.36 11.70 -6.00
N PHE A 8 6.89 12.65 -6.77
CA PHE A 8 6.27 13.95 -6.94
C PHE A 8 4.87 13.81 -7.52
N SER A 9 3.99 14.74 -7.18
CA SER A 9 2.62 14.72 -7.67
C SER A 9 2.01 13.33 -7.51
N GLU A 10 0.86 13.11 -8.14
CA GLU A 10 0.17 11.83 -8.06
C GLU A 10 -0.23 11.34 -9.44
N PRO A 11 0.78 10.99 -10.26
CA PRO A 11 0.57 10.50 -11.62
C PRO A 11 -0.05 9.10 -11.64
N GLU A 12 -0.39 8.60 -10.46
CA GLU A 12 -1.00 7.27 -10.35
C GLU A 12 -1.76 7.14 -9.03
N ILE A 13 -2.74 8.00 -8.84
CA ILE A 13 -3.55 7.98 -7.62
C ILE A 13 -4.32 6.66 -7.50
N THR A 14 -5.24 6.43 -8.42
CA THR A 14 -6.04 5.21 -8.42
C THR A 14 -5.18 3.99 -8.14
N LEU A 15 -4.01 3.93 -8.77
CA LEU A 15 -3.09 2.81 -8.58
C LEU A 15 -2.73 2.65 -7.11
N ILE A 16 -2.25 3.73 -6.50
CA ILE A 16 -1.87 3.70 -5.09
C ILE A 16 -3.03 3.23 -4.21
N ILE A 17 -4.22 3.74 -4.50
CA ILE A 17 -5.41 3.37 -3.74
C ILE A 17 -5.73 1.88 -3.90
N PHE A 18 -5.76 1.43 -5.16
CA PHE A 18 -6.05 0.03 -5.45
C PHE A 18 -5.10 -0.89 -4.69
N GLY A 19 -3.81 -0.58 -4.74
CA GLY A 19 -2.82 -1.40 -4.06
C GLY A 19 -3.10 -1.52 -2.58
N VAL A 20 -3.23 -0.38 -1.90
CA VAL A 20 -3.51 -0.38 -0.47
C VAL A 20 -4.84 -1.05 -0.17
N MET A 21 -5.80 -0.88 -1.06
CA MET A 21 -7.12 -1.48 -0.88
C MET A 21 -7.05 -3.00 -0.93
N ALA A 22 -6.32 -3.51 -1.92
CA ALA A 22 -6.17 -4.96 -2.07
C ALA A 22 -5.39 -5.56 -0.91
N GLY A 23 -4.27 -4.92 -0.56
CA GLY A 23 -3.45 -5.41 0.54
C GLY A 23 -4.20 -5.42 1.87
N VAL A 24 -4.80 -4.28 2.22
CA VAL A 24 -5.55 -4.17 3.46
C VAL A 24 -6.61 -5.26 3.57
N ILE A 25 -7.49 -5.33 2.56
CA ILE A 25 -8.54 -6.33 2.53
C ILE A 25 -7.98 -7.73 2.67
N GLY A 26 -6.90 -8.01 1.94
CA GLY A 26 -6.28 -9.32 2.00
C GLY A 26 -5.89 -9.71 3.41
N THR A 27 -5.17 -8.83 4.10
CA THR A 27 -4.73 -9.10 5.46
C THR A 27 -5.92 -9.39 6.37
N ILE A 28 -6.96 -8.58 6.26
CA ILE A 28 -8.16 -8.75 7.07
C ILE A 28 -8.70 -10.17 6.94
N LEU A 29 -8.89 -10.62 5.70
CA LEU A 29 -9.41 -11.95 5.45
C LEU A 29 -8.54 -13.02 6.12
N LEU A 30 -7.24 -12.97 5.84
CA LEU A 30 -6.30 -13.92 6.42
C LEU A 30 -6.36 -13.89 7.95
N ILE A 31 -6.24 -12.69 8.51
CA ILE A 31 -6.28 -12.52 9.95
C ILE A 31 -7.55 -13.13 10.54
N SER A 32 -8.69 -12.81 9.94
CA SER A 32 -9.97 -13.33 10.42
C SER A 32 -9.95 -14.85 10.46
N TYR A 33 -9.19 -15.47 9.57
CA TYR A 33 -9.08 -16.91 9.52
C TYR A 33 -8.27 -17.45 10.69
N GLY A 34 -7.23 -16.70 11.07
CA GLY A 34 -6.39 -17.12 12.18
C GLY A 34 -7.14 -17.14 13.49
N ILE A 35 -8.05 -16.19 13.67
CA ILE A 35 -8.84 -16.10 14.90
C ILE A 35 -9.76 -17.31 15.05
N ARG A 36 -10.22 -17.84 13.92
CA ARG A 36 -11.12 -18.99 13.93
C ARG A 36 -10.34 -20.27 14.24
N ARG A 37 -9.09 -20.31 13.81
CA ARG A 37 -8.24 -21.48 14.04
C ARG A 37 -8.88 -22.73 13.46
N LEU A 38 -9.67 -22.56 12.41
CA LEU A 38 -10.35 -23.68 11.76
C LEU A 38 -10.76 -23.33 10.34
N ARG B 1 15.67 19.90 -13.29
CA ARG B 1 17.08 19.53 -13.37
C ARG B 1 17.28 18.08 -12.93
N VAL B 2 17.59 17.22 -13.90
CA VAL B 2 17.81 15.80 -13.62
C VAL B 2 18.90 15.23 -14.52
N GLN B 3 19.44 14.09 -14.12
CA GLN B 3 20.49 13.43 -14.89
C GLN B 3 19.91 12.76 -16.13
N LEU B 4 20.77 12.47 -17.10
CA LEU B 4 20.35 11.81 -18.33
C LEU B 4 19.23 12.61 -19.01
N ALA B 5 18.71 12.06 -20.10
CA ALA B 5 17.63 12.72 -20.84
C ALA B 5 16.30 12.55 -20.13
N HIS B 6 16.24 13.00 -18.87
CA HIS B 6 15.01 12.89 -18.09
C HIS B 6 14.42 11.49 -18.20
N HIS B 7 14.90 10.58 -17.36
CA HIS B 7 14.41 9.20 -17.36
C HIS B 7 12.89 9.17 -17.28
N PHE B 8 12.31 8.00 -17.56
CA PHE B 8 10.87 7.84 -17.52
C PHE B 8 10.35 7.98 -16.09
N SER B 9 11.12 7.48 -15.13
CA SER B 9 10.74 7.55 -13.73
C SER B 9 9.29 7.09 -13.53
N GLU B 10 8.74 7.39 -12.36
CA GLU B 10 7.36 7.01 -12.05
C GLU B 10 7.15 5.51 -12.29
N PRO B 11 7.78 4.70 -11.44
CA PRO B 11 7.67 3.23 -11.52
C PRO B 11 6.29 2.73 -11.13
N GLU B 12 5.48 2.42 -12.14
CA GLU B 12 4.13 1.93 -11.89
C GLU B 12 4.15 0.74 -10.93
N ILE B 13 4.88 -0.30 -11.30
CA ILE B 13 4.98 -1.50 -10.47
C ILE B 13 5.32 -1.14 -9.02
N THR B 14 6.40 -0.38 -8.84
CA THR B 14 6.82 0.04 -7.52
C THR B 14 5.67 0.62 -6.73
N LEU B 15 4.92 1.52 -7.36
CA LEU B 15 3.78 2.15 -6.71
C LEU B 15 2.79 1.11 -6.19
N ILE B 16 2.43 0.17 -7.05
CA ILE B 16 1.51 -0.89 -6.68
C ILE B 16 1.99 -1.65 -5.45
N ILE B 17 3.26 -2.01 -5.45
CA ILE B 17 3.86 -2.73 -4.34
C ILE B 17 3.84 -1.90 -3.06
N PHE B 18 4.32 -0.66 -3.17
CA PHE B 18 4.35 0.24 -2.02
C PHE B 18 2.97 0.38 -1.40
N GLY B 19 1.95 0.60 -2.23
CA GLY B 19 0.60 0.74 -1.75
C GLY B 19 0.15 -0.45 -0.93
N VAL B 20 0.25 -1.64 -1.51
CA VAL B 20 -0.15 -2.87 -0.84
C VAL B 20 0.69 -3.09 0.42
N MET B 21 1.96 -2.72 0.35
CA MET B 21 2.87 -2.88 1.48
C MET B 21 2.44 -2.00 2.65
N ALA B 22 2.12 -0.74 2.35
CA ALA B 22 1.69 0.20 3.38
C ALA B 22 0.37 -0.21 3.99
N GLY B 23 -0.60 -0.56 3.14
CA GLY B 23 -1.90 -0.96 3.61
C GLY B 23 -1.84 -2.22 4.47
N VAL B 24 -1.21 -3.26 3.95
CA VAL B 24 -1.09 -4.52 4.69
C VAL B 24 -0.50 -4.29 6.08
N ILE B 25 0.71 -3.72 6.11
CA ILE B 25 1.38 -3.45 7.37
C ILE B 25 0.51 -2.60 8.28
N GLY B 26 -0.16 -1.60 7.70
CA GLY B 26 -1.02 -0.73 8.48
C GLY B 26 -2.12 -1.49 9.19
N THR B 27 -2.85 -2.30 8.45
CA THR B 27 -3.94 -3.08 9.01
C THR B 27 -3.45 -3.97 10.15
N ILE B 28 -2.33 -4.64 9.93
CA ILE B 28 -1.74 -5.53 10.94
C ILE B 28 -1.55 -4.79 12.26
N LEU B 29 -0.90 -3.63 12.20
CA LEU B 29 -0.65 -2.83 13.39
C LEU B 29 -1.95 -2.50 14.11
N LEU B 30 -2.90 -1.94 13.37
CA LEU B 30 -4.19 -1.57 13.95
C LEU B 30 -4.87 -2.79 14.57
N ILE B 31 -4.97 -3.87 13.78
CA ILE B 31 -5.61 -5.10 14.25
C ILE B 31 -4.96 -5.59 15.53
N SER B 32 -3.62 -5.63 15.55
CA SER B 32 -2.89 -6.09 16.72
C SER B 32 -3.28 -5.28 17.95
N TYR B 33 -3.60 -4.02 17.74
CA TYR B 33 -3.99 -3.13 18.85
C TYR B 33 -5.37 -3.49 19.37
N GLY B 34 -6.25 -3.90 18.47
CA GLY B 34 -7.60 -4.27 18.86
C GLY B 34 -7.63 -5.51 19.73
N ILE B 35 -6.76 -6.46 19.43
CA ILE B 35 -6.68 -7.70 20.19
C ILE B 35 -6.24 -7.44 21.62
N ARG B 36 -5.40 -6.41 21.80
CA ARG B 36 -4.90 -6.06 23.12
C ARG B 36 -5.98 -5.37 23.94
N ARG B 37 -6.92 -4.72 23.26
CA ARG B 37 -8.01 -4.02 23.93
C ARG B 37 -7.52 -2.70 24.51
N LEU B 38 -6.36 -2.73 25.16
CA LEU B 38 -5.79 -1.53 25.76
C LEU B 38 -5.07 -0.68 24.72
N ARG A 1 17.12 6.76 -19.81
CA ARG A 1 15.92 7.56 -19.59
C ARG A 1 16.22 8.75 -18.68
N VAL A 2 16.52 9.90 -19.28
CA VAL A 2 16.82 11.10 -18.52
C VAL A 2 15.54 11.80 -18.06
N GLN A 3 15.62 12.48 -16.92
CA GLN A 3 14.47 13.19 -16.37
C GLN A 3 14.32 14.56 -17.01
N LEU A 4 13.08 15.03 -17.12
CA LEU A 4 12.81 16.34 -17.72
C LEU A 4 11.41 16.81 -17.35
N ALA A 5 10.98 17.91 -17.98
CA ALA A 5 9.65 18.46 -17.72
C ALA A 5 9.58 19.11 -16.36
N HIS A 6 9.65 20.44 -16.33
CA HIS A 6 9.60 21.19 -15.07
C HIS A 6 8.17 21.24 -14.54
N HIS A 7 7.60 20.07 -14.27
CA HIS A 7 6.23 19.99 -13.76
C HIS A 7 5.86 18.55 -13.42
N PHE A 8 6.51 18.00 -12.41
CA PHE A 8 6.25 16.63 -12.00
C PHE A 8 4.80 16.46 -11.53
N SER A 9 4.38 15.21 -11.35
CA SER A 9 3.02 14.91 -10.92
C SER A 9 2.91 13.49 -10.38
N GLU A 10 1.68 13.03 -10.20
CA GLU A 10 1.45 11.67 -9.70
C GLU A 10 0.05 11.20 -10.08
N PRO A 11 -0.17 10.98 -11.38
CA PRO A 11 -1.46 10.52 -11.90
C PRO A 11 -1.77 9.07 -11.51
N GLU A 12 -0.78 8.41 -10.88
CA GLU A 12 -0.95 7.04 -10.46
C GLU A 12 -1.71 6.96 -9.14
N ILE A 13 -2.53 7.97 -8.88
CA ILE A 13 -3.31 8.02 -7.66
C ILE A 13 -4.16 6.76 -7.49
N THR A 14 -4.99 6.47 -8.48
CA THR A 14 -5.85 5.30 -8.45
C THR A 14 -5.04 4.05 -8.12
N LEU A 15 -3.88 3.91 -8.74
CA LEU A 15 -3.01 2.76 -8.51
C LEU A 15 -2.68 2.62 -7.03
N ILE A 16 -2.23 3.71 -6.43
CA ILE A 16 -1.88 3.72 -5.01
C ILE A 16 -3.05 3.24 -4.15
N ILE A 17 -4.24 3.78 -4.44
CA ILE A 17 -5.44 3.40 -3.69
C ILE A 17 -5.77 1.93 -3.88
N PHE A 18 -5.80 1.49 -5.14
CA PHE A 18 -6.10 0.10 -5.46
C PHE A 18 -5.17 -0.85 -4.71
N GLY A 19 -3.87 -0.56 -4.76
CA GLY A 19 -2.89 -1.40 -4.10
C GLY A 19 -3.18 -1.54 -2.61
N VAL A 20 -3.29 -0.41 -1.93
CA VAL A 20 -3.57 -0.42 -0.49
C VAL A 20 -4.90 -1.08 -0.19
N MET A 21 -5.86 -0.91 -1.09
CA MET A 21 -7.18 -1.49 -0.92
C MET A 21 -7.12 -3.02 -0.97
N ALA A 22 -6.39 -3.55 -1.95
CA ALA A 22 -6.24 -4.98 -2.10
C ALA A 22 -5.47 -5.58 -0.94
N GLY A 23 -4.35 -4.94 -0.58
CA GLY A 23 -3.54 -5.42 0.51
C GLY A 23 -4.28 -5.42 1.84
N VAL A 24 -4.88 -4.29 2.18
CA VAL A 24 -5.62 -4.18 3.43
C VAL A 24 -6.68 -5.27 3.54
N ILE A 25 -7.57 -5.33 2.56
CA ILE A 25 -8.63 -6.34 2.55
C ILE A 25 -8.05 -7.75 2.66
N GLY A 26 -6.97 -7.99 1.93
CA GLY A 26 -6.34 -9.30 1.97
C GLY A 26 -5.91 -9.71 3.36
N THR A 27 -5.17 -8.84 4.03
CA THR A 27 -4.70 -9.11 5.38
C THR A 27 -5.87 -9.40 6.33
N ILE A 28 -6.92 -8.60 6.24
CA ILE A 28 -8.09 -8.78 7.08
C ILE A 28 -8.65 -10.19 6.95
N LEU A 29 -8.86 -10.63 5.71
CA LEU A 29 -9.39 -11.97 5.45
C LEU A 29 -8.50 -13.03 6.10
N LEU A 30 -7.21 -12.98 5.79
CA LEU A 30 -6.26 -13.95 6.34
C LEU A 30 -6.28 -13.92 7.87
N ILE A 31 -6.14 -12.72 8.43
CA ILE A 31 -6.15 -12.56 9.88
C ILE A 31 -7.42 -13.15 10.50
N SER A 32 -8.56 -12.80 9.92
CA SER A 32 -9.84 -13.30 10.41
C SER A 32 -9.86 -14.82 10.46
N TYR A 33 -9.06 -15.45 9.60
CA TYR A 33 -8.98 -16.90 9.55
C TYR A 33 -8.24 -17.45 10.76
N GLY A 34 -7.22 -16.72 11.20
CA GLY A 34 -6.43 -17.15 12.34
C GLY A 34 -7.25 -17.19 13.62
N ILE A 35 -8.09 -16.16 13.82
CA ILE A 35 -8.92 -16.08 15.01
C ILE A 35 -9.95 -17.21 15.03
N ARG A 36 -10.48 -17.53 13.85
CA ARG A 36 -11.48 -18.58 13.74
C ARG A 36 -10.85 -19.96 13.92
N ARG A 37 -9.64 -20.12 13.39
CA ARG A 37 -8.91 -21.38 13.49
C ARG A 37 -9.68 -22.50 12.79
N LEU A 38 -10.50 -22.12 11.81
CA LEU A 38 -11.29 -23.09 11.07
C LEU A 38 -10.47 -23.71 9.93
N ARG B 1 0.33 5.72 -33.20
CA ARG B 1 1.01 6.64 -32.29
C ARG B 1 2.52 6.59 -32.49
N VAL B 2 3.10 5.43 -32.24
CA VAL B 2 4.54 5.23 -32.39
C VAL B 2 5.31 6.41 -31.81
N GLN B 3 6.60 6.50 -32.15
CA GLN B 3 7.44 7.59 -31.66
C GLN B 3 7.56 7.54 -30.14
N LEU B 4 8.71 7.97 -29.63
CA LEU B 4 8.95 7.98 -28.20
C LEU B 4 10.15 8.85 -27.85
N ALA B 5 10.00 9.70 -26.83
CA ALA B 5 11.07 10.58 -26.40
C ALA B 5 10.78 11.16 -25.02
N HIS B 6 9.94 12.19 -24.98
CA HIS B 6 9.58 12.85 -23.73
C HIS B 6 8.76 11.91 -22.85
N HIS B 7 9.39 11.39 -21.80
CA HIS B 7 8.72 10.47 -20.88
C HIS B 7 9.66 10.02 -19.77
N PHE B 8 9.62 10.74 -18.64
CA PHE B 8 10.47 10.41 -17.51
C PHE B 8 10.13 9.04 -16.94
N SER B 9 10.96 8.57 -16.02
CA SER B 9 10.76 7.26 -15.40
C SER B 9 9.37 7.19 -14.75
N GLU B 10 8.70 6.06 -14.93
CA GLU B 10 7.37 5.86 -14.36
C GLU B 10 7.22 4.45 -13.81
N PRO B 11 7.86 4.19 -12.67
CA PRO B 11 7.81 2.88 -12.00
C PRO B 11 6.45 2.58 -11.41
N GLU B 12 5.51 2.18 -12.27
CA GLU B 12 4.16 1.85 -11.83
C GLU B 12 4.17 0.68 -10.86
N ILE B 13 4.90 -0.37 -11.22
CA ILE B 13 4.99 -1.56 -10.38
C ILE B 13 5.32 -1.19 -8.93
N THR B 14 6.40 -0.43 -8.76
CA THR B 14 6.83 0.00 -7.43
C THR B 14 5.67 0.59 -6.65
N LEU B 15 4.91 1.47 -7.29
CA LEU B 15 3.77 2.11 -6.64
C LEU B 15 2.78 1.08 -6.13
N ILE B 16 2.44 0.12 -6.99
CA ILE B 16 1.50 -0.94 -6.61
C ILE B 16 1.98 -1.69 -5.38
N ILE B 17 3.27 -2.03 -5.37
CA ILE B 17 3.84 -2.75 -4.24
C ILE B 17 3.82 -1.90 -2.98
N PHE B 18 4.31 -0.67 -3.09
CA PHE B 18 4.33 0.25 -1.95
C PHE B 18 2.95 0.39 -1.33
N GLY B 19 1.95 0.62 -2.17
CA GLY B 19 0.59 0.78 -1.69
C GLY B 19 0.12 -0.41 -0.88
N VAL B 20 0.21 -1.61 -1.48
CA VAL B 20 -0.20 -2.83 -0.80
C VAL B 20 0.62 -3.08 0.46
N MET B 21 1.89 -2.69 0.41
CA MET B 21 2.79 -2.86 1.54
C MET B 21 2.35 -2.00 2.73
N ALA B 22 2.03 -0.74 2.45
CA ALA B 22 1.59 0.18 3.49
C ALA B 22 0.24 -0.24 4.06
N GLY B 23 -0.69 -0.59 3.17
CA GLY B 23 -2.01 -1.01 3.61
C GLY B 23 -1.97 -2.27 4.45
N VAL B 24 -1.32 -3.31 3.94
CA VAL B 24 -1.21 -4.58 4.65
C VAL B 24 -0.65 -4.37 6.05
N ILE B 25 0.53 -3.77 6.13
CA ILE B 25 1.17 -3.52 7.42
C ILE B 25 0.25 -2.72 8.34
N GLY B 26 -0.42 -1.71 7.77
CA GLY B 26 -1.31 -0.89 8.55
C GLY B 26 -2.41 -1.69 9.22
N THR B 27 -3.11 -2.49 8.43
CA THR B 27 -4.20 -3.32 8.95
C THR B 27 -3.71 -4.23 10.07
N ILE B 28 -2.55 -4.85 9.86
CA ILE B 28 -1.97 -5.74 10.86
C ILE B 28 -1.83 -5.05 12.20
N LEU B 29 -1.21 -3.87 12.19
CA LEU B 29 -1.00 -3.10 13.41
C LEU B 29 -2.33 -2.82 14.11
N LEU B 30 -3.27 -2.25 13.37
CA LEU B 30 -4.59 -1.94 13.91
C LEU B 30 -5.26 -3.19 14.47
N ILE B 31 -5.28 -4.26 13.67
CA ILE B 31 -5.89 -5.51 14.08
C ILE B 31 -5.29 -6.00 15.40
N SER B 32 -3.97 -6.00 15.48
CA SER B 32 -3.27 -6.46 16.68
C SER B 32 -3.75 -5.68 17.91
N TYR B 33 -4.17 -4.44 17.69
CA TYR B 33 -4.65 -3.60 18.78
C TYR B 33 -6.02 -4.07 19.26
N GLY B 34 -6.85 -4.52 18.32
CA GLY B 34 -8.19 -4.99 18.68
C GLY B 34 -8.14 -6.23 19.55
N ILE B 35 -7.20 -7.12 19.27
CA ILE B 35 -7.06 -8.35 20.04
C ILE B 35 -6.66 -8.06 21.48
N ARG B 36 -5.92 -6.98 21.68
CA ARG B 36 -5.47 -6.59 23.01
C ARG B 36 -6.63 -6.01 23.82
N ARG B 37 -7.59 -5.41 23.12
CA ARG B 37 -8.74 -4.81 23.79
C ARG B 37 -8.31 -3.71 24.75
N LEU B 38 -7.16 -3.11 24.49
CA LEU B 38 -6.64 -2.05 25.34
C LEU B 38 -7.29 -0.71 25.00
N ARG A 1 15.38 3.01 -1.60
CA ARG A 1 15.68 1.72 -2.22
C ARG A 1 14.68 1.40 -3.31
N VAL A 2 15.17 0.79 -4.39
CA VAL A 2 14.31 0.42 -5.52
C VAL A 2 13.70 1.67 -6.17
N GLN A 3 13.32 1.53 -7.44
CA GLN A 3 12.73 2.63 -8.18
C GLN A 3 13.72 3.78 -8.33
N LEU A 4 13.60 4.52 -9.42
CA LEU A 4 14.49 5.65 -9.69
C LEU A 4 13.89 6.58 -10.73
N ALA A 5 14.59 7.68 -11.00
CA ALA A 5 14.12 8.65 -11.98
C ALA A 5 12.93 9.45 -11.45
N HIS A 6 13.20 10.65 -10.96
CA HIS A 6 12.15 11.51 -10.42
C HIS A 6 11.15 11.91 -11.52
N HIS A 7 10.09 12.60 -11.12
CA HIS A 7 9.07 13.04 -12.06
C HIS A 7 8.01 13.89 -11.36
N PHE A 8 7.51 14.90 -12.07
CA PHE A 8 6.50 15.79 -11.51
C PHE A 8 5.11 15.16 -11.64
N SER A 9 4.22 15.51 -10.71
CA SER A 9 2.86 14.98 -10.72
C SER A 9 2.86 13.48 -10.49
N GLU A 10 1.71 12.96 -10.07
CA GLU A 10 1.57 11.52 -9.81
C GLU A 10 0.19 11.03 -10.20
N PRO A 11 -0.01 10.78 -11.51
CA PRO A 11 -1.29 10.30 -12.04
C PRO A 11 -1.60 8.87 -11.60
N GLU A 12 -0.63 8.23 -10.95
CA GLU A 12 -0.79 6.86 -10.49
C GLU A 12 -1.60 6.81 -9.19
N ILE A 13 -2.41 7.84 -8.97
CA ILE A 13 -3.23 7.92 -7.77
C ILE A 13 -4.07 6.66 -7.59
N THR A 14 -4.89 6.36 -8.60
CA THR A 14 -5.74 5.17 -8.56
C THR A 14 -4.95 3.93 -8.18
N LEU A 15 -3.77 3.79 -8.78
CA LEU A 15 -2.91 2.64 -8.51
C LEU A 15 -2.60 2.53 -7.02
N ILE A 16 -2.17 3.64 -6.42
CA ILE A 16 -1.84 3.66 -5.01
C ILE A 16 -3.03 3.21 -4.16
N ILE A 17 -4.21 3.73 -4.48
CA ILE A 17 -5.42 3.37 -3.75
C ILE A 17 -5.74 1.89 -3.92
N PHE A 18 -5.76 1.43 -5.16
CA PHE A 18 -6.05 0.03 -5.46
C PHE A 18 -5.13 -0.89 -4.67
N GLY A 19 -3.83 -0.61 -4.71
CA GLY A 19 -2.86 -1.43 -4.00
C GLY A 19 -3.18 -1.54 -2.52
N VAL A 20 -3.32 -0.39 -1.86
CA VAL A 20 -3.62 -0.37 -0.43
C VAL A 20 -4.97 -1.03 -0.14
N MET A 21 -5.91 -0.87 -1.06
CA MET A 21 -7.23 -1.46 -0.90
C MET A 21 -7.16 -2.98 -0.94
N ALA A 22 -6.43 -3.52 -1.91
CA ALA A 22 -6.29 -4.96 -2.05
C ALA A 22 -5.52 -5.55 -0.87
N GLY A 23 -4.41 -4.89 -0.51
CA GLY A 23 -3.60 -5.36 0.59
C GLY A 23 -4.36 -5.37 1.91
N VAL A 24 -4.97 -4.23 2.24
CA VAL A 24 -5.73 -4.11 3.48
C VAL A 24 -6.78 -5.21 3.60
N ILE A 25 -7.68 -5.28 2.62
CA ILE A 25 -8.73 -6.28 2.60
C ILE A 25 -8.15 -7.68 2.70
N GLY A 26 -7.05 -7.91 1.99
CA GLY A 26 -6.41 -9.21 2.00
C GLY A 26 -5.97 -9.63 3.39
N THR A 27 -5.23 -8.76 4.07
CA THR A 27 -4.75 -9.05 5.42
C THR A 27 -5.91 -9.36 6.36
N ILE A 28 -6.98 -8.56 6.26
CA ILE A 28 -8.15 -8.76 7.10
C ILE A 28 -8.70 -10.17 6.97
N LEU A 29 -8.91 -10.60 5.73
CA LEU A 29 -9.44 -11.93 5.46
C LEU A 29 -8.54 -13.00 6.09
N LEU A 30 -7.25 -12.94 5.78
CA LEU A 30 -6.29 -13.90 6.31
C LEU A 30 -6.30 -13.89 7.83
N ILE A 31 -6.17 -12.70 8.41
CA ILE A 31 -6.17 -12.55 9.85
C ILE A 31 -7.42 -13.15 10.48
N SER A 32 -8.57 -12.81 9.92
CA SER A 32 -9.84 -13.33 10.42
C SER A 32 -9.85 -14.85 10.46
N TYR A 33 -9.07 -15.45 9.56
CA TYR A 33 -8.98 -16.90 9.49
C TYR A 33 -8.17 -17.46 10.67
N GLY A 34 -7.13 -16.73 11.06
CA GLY A 34 -6.31 -17.17 12.17
C GLY A 34 -7.06 -17.19 13.48
N ILE A 35 -7.95 -16.23 13.68
CA ILE A 35 -8.73 -16.15 14.90
C ILE A 35 -9.68 -17.33 15.02
N ARG A 36 -10.15 -17.84 13.88
CA ARG A 36 -11.06 -18.96 13.85
C ARG A 36 -10.33 -20.26 14.17
N ARG A 37 -9.10 -20.38 13.68
CA ARG A 37 -8.29 -21.57 13.91
C ARG A 37 -9.01 -22.82 13.41
N LEU A 38 -9.84 -22.66 12.40
CA LEU A 38 -10.60 -23.76 11.83
C LEU A 38 -9.71 -24.64 10.95
N ARG B 1 10.13 24.61 -23.89
CA ARG B 1 11.12 24.73 -24.94
C ARG B 1 10.98 23.60 -25.96
N VAL B 2 9.75 23.22 -26.24
CA VAL B 2 9.47 22.14 -27.19
C VAL B 2 10.51 21.03 -27.07
N GLN B 3 10.85 20.67 -25.83
CA GLN B 3 11.82 19.62 -25.59
C GLN B 3 11.19 18.24 -25.74
N LEU B 4 12.01 17.20 -25.60
CA LEU B 4 11.52 15.83 -25.73
C LEU B 4 12.41 14.87 -24.93
N ALA B 5 11.78 14.12 -24.03
CA ALA B 5 12.52 13.16 -23.20
C ALA B 5 11.57 12.17 -22.54
N HIS B 6 11.36 11.03 -23.19
CA HIS B 6 10.47 9.99 -22.66
C HIS B 6 11.06 9.36 -21.41
N HIS B 7 10.40 9.56 -20.27
CA HIS B 7 10.87 9.00 -19.01
C HIS B 7 11.13 7.51 -19.14
N PHE B 8 12.41 7.14 -19.20
CA PHE B 8 12.79 5.74 -19.32
C PHE B 8 12.29 4.93 -18.14
N SER B 9 12.64 3.65 -18.12
CA SER B 9 12.22 2.76 -17.04
C SER B 9 10.73 2.46 -17.12
N GLU B 10 10.18 1.90 -16.05
CA GLU B 10 8.76 1.56 -16.01
C GLU B 10 8.20 1.76 -14.61
N PRO B 11 7.99 3.03 -14.23
CA PRO B 11 7.45 3.39 -12.91
C PRO B 11 5.99 3.01 -12.76
N GLU B 12 5.73 1.96 -11.99
CA GLU B 12 4.37 1.50 -11.76
C GLU B 12 4.33 0.38 -10.73
N ILE B 13 5.05 -0.70 -11.02
CA ILE B 13 5.11 -1.85 -10.12
C ILE B 13 5.41 -1.41 -8.70
N THR B 14 6.48 -0.63 -8.54
CA THR B 14 6.88 -0.15 -7.22
C THR B 14 5.70 0.46 -6.48
N LEU B 15 4.97 1.35 -7.16
CA LEU B 15 3.81 2.00 -6.56
C LEU B 15 2.81 0.98 -6.04
N ILE B 16 2.47 0.01 -6.89
CA ILE B 16 1.52 -1.04 -6.52
C ILE B 16 1.98 -1.77 -5.26
N ILE B 17 3.26 -2.11 -5.21
CA ILE B 17 3.82 -2.82 -4.06
C ILE B 17 3.77 -1.94 -2.81
N PHE B 18 4.24 -0.71 -2.93
CA PHE B 18 4.25 0.23 -1.81
C PHE B 18 2.85 0.37 -1.22
N GLY B 19 1.86 0.60 -2.09
CA GLY B 19 0.50 0.76 -1.64
C GLY B 19 0.02 -0.43 -0.82
N VAL B 20 0.13 -1.63 -1.39
CA VAL B 20 -0.31 -2.84 -0.71
C VAL B 20 0.50 -3.06 0.57
N MET B 21 1.77 -2.68 0.54
CA MET B 21 2.64 -2.84 1.70
C MET B 21 2.17 -1.95 2.85
N ALA B 22 1.88 -0.69 2.54
CA ALA B 22 1.43 0.25 3.55
C ALA B 22 0.06 -0.15 4.11
N GLY B 23 -0.85 -0.50 3.21
CA GLY B 23 -2.19 -0.90 3.61
C GLY B 23 -2.18 -2.14 4.49
N VAL B 24 -1.52 -3.19 4.02
CA VAL B 24 -1.44 -4.44 4.76
C VAL B 24 -0.92 -4.21 6.18
N ILE B 25 0.28 -3.63 6.27
CA ILE B 25 0.90 -3.36 7.57
C ILE B 25 -0.03 -2.50 8.43
N GLY B 26 -0.68 -1.52 7.80
CA GLY B 26 -1.58 -0.64 8.53
C GLY B 26 -2.70 -1.39 9.20
N THR B 27 -3.41 -2.21 8.41
CA THR B 27 -4.53 -2.98 8.93
C THR B 27 -4.09 -3.87 10.09
N ILE B 28 -2.93 -4.52 9.93
CA ILE B 28 -2.41 -5.39 10.98
C ILE B 28 -2.27 -4.66 12.30
N LEU B 29 -1.63 -3.50 12.27
CA LEU B 29 -1.43 -2.70 13.47
C LEU B 29 -2.77 -2.36 14.12
N LEU B 30 -3.67 -1.80 13.34
CA LEU B 30 -5.00 -1.43 13.84
C LEU B 30 -5.71 -2.65 14.43
N ILE B 31 -5.76 -3.73 13.64
CA ILE B 31 -6.40 -4.96 14.09
C ILE B 31 -5.82 -5.46 15.40
N SER B 32 -4.49 -5.53 15.45
CA SER B 32 -3.80 -5.99 16.65
C SER B 32 -4.21 -5.17 17.87
N TYR B 33 -4.58 -3.92 17.63
CA TYR B 33 -4.99 -3.03 18.72
C TYR B 33 -6.37 -3.41 19.23
N GLY B 34 -7.25 -3.83 18.32
CA GLY B 34 -8.59 -4.22 18.71
C GLY B 34 -8.61 -5.44 19.61
N ILE B 35 -7.72 -6.38 19.34
CA ILE B 35 -7.63 -7.60 20.13
C ILE B 35 -7.19 -7.31 21.56
N ARG B 36 -6.38 -6.26 21.71
CA ARG B 36 -5.89 -5.87 23.03
C ARG B 36 -6.99 -5.18 23.84
N ARG B 37 -7.92 -4.56 23.13
CA ARG B 37 -9.03 -3.85 23.78
C ARG B 37 -8.52 -2.71 24.63
N LEU B 38 -7.37 -2.14 24.24
CA LEU B 38 -6.77 -1.03 24.98
C LEU B 38 -7.45 0.28 24.62
N ARG A 1 15.83 3.10 -12.26
CA ARG A 1 15.88 4.10 -13.31
C ARG A 1 14.51 4.75 -13.50
N VAL A 2 14.05 5.48 -12.49
CA VAL A 2 12.76 6.15 -12.56
C VAL A 2 12.66 7.27 -11.53
N GLN A 3 12.37 8.47 -12.00
CA GLN A 3 12.26 9.63 -11.11
C GLN A 3 10.88 9.68 -10.46
N LEU A 4 10.68 10.66 -9.59
CA LEU A 4 9.41 10.82 -8.90
C LEU A 4 9.29 12.22 -8.30
N ALA A 5 8.09 12.55 -7.84
CA ALA A 5 7.84 13.86 -7.24
C ALA A 5 8.43 14.97 -8.09
N HIS A 6 8.16 14.92 -9.40
CA HIS A 6 8.66 15.93 -10.32
C HIS A 6 7.83 15.96 -11.60
N HIS A 7 6.73 16.69 -11.57
CA HIS A 7 5.83 16.80 -12.72
C HIS A 7 4.65 17.70 -12.41
N PHE A 8 4.00 18.19 -13.46
CA PHE A 8 2.84 19.06 -13.30
C PHE A 8 1.74 18.37 -12.50
N SER A 9 1.74 17.05 -12.55
CA SER A 9 0.74 16.25 -11.83
C SER A 9 1.26 14.86 -11.51
N GLU A 10 0.41 14.03 -10.92
CA GLU A 10 0.80 12.67 -10.56
C GLU A 10 -0.38 11.71 -10.77
N PRO A 11 -0.68 11.41 -12.05
CA PRO A 11 -1.77 10.51 -12.40
C PRO A 11 -1.47 9.05 -12.03
N GLU A 12 -1.61 8.74 -10.75
CA GLU A 12 -1.34 7.39 -10.26
C GLU A 12 -2.09 7.12 -8.96
N ILE A 13 -3.15 7.89 -8.72
CA ILE A 13 -3.94 7.74 -7.51
C ILE A 13 -4.62 6.37 -7.47
N THR A 14 -5.35 6.05 -8.53
CA THR A 14 -6.05 4.78 -8.62
C THR A 14 -5.13 3.61 -8.25
N LEU A 15 -3.93 3.61 -8.82
CA LEU A 15 -2.96 2.56 -8.55
C LEU A 15 -2.65 2.47 -7.06
N ILE A 16 -2.23 3.60 -6.48
CA ILE A 16 -1.90 3.65 -5.07
C ILE A 16 -3.07 3.21 -4.21
N ILE A 17 -4.27 3.67 -4.57
CA ILE A 17 -5.47 3.31 -3.84
C ILE A 17 -5.77 1.82 -3.94
N PHE A 18 -5.73 1.30 -5.17
CA PHE A 18 -5.99 -0.11 -5.41
C PHE A 18 -5.04 -0.99 -4.60
N GLY A 19 -3.76 -0.64 -4.63
CA GLY A 19 -2.78 -1.41 -3.89
C GLY A 19 -3.09 -1.49 -2.41
N VAL A 20 -3.25 -0.33 -1.77
CA VAL A 20 -3.56 -0.27 -0.36
C VAL A 20 -4.90 -0.93 -0.05
N MET A 21 -5.84 -0.80 -0.98
CA MET A 21 -7.17 -1.38 -0.81
C MET A 21 -7.09 -2.91 -0.85
N ALA A 22 -6.39 -3.44 -1.85
CA ALA A 22 -6.24 -4.88 -1.99
C ALA A 22 -5.44 -5.47 -0.83
N GLY A 23 -4.35 -4.81 -0.47
CA GLY A 23 -3.53 -5.28 0.62
C GLY A 23 -4.26 -5.29 1.95
N VAL A 24 -4.87 -4.16 2.29
CA VAL A 24 -5.61 -4.04 3.54
C VAL A 24 -6.66 -5.13 3.67
N ILE A 25 -7.60 -5.15 2.73
CA ILE A 25 -8.66 -6.14 2.72
C ILE A 25 -8.09 -7.55 2.76
N GLY A 26 -7.00 -7.77 2.05
CA GLY A 26 -6.37 -9.07 2.01
C GLY A 26 -5.93 -9.55 3.38
N THR A 27 -5.17 -8.71 4.07
CA THR A 27 -4.68 -9.05 5.41
C THR A 27 -5.83 -9.35 6.36
N ILE A 28 -6.87 -8.52 6.30
CA ILE A 28 -8.04 -8.71 7.15
C ILE A 28 -8.61 -10.12 7.00
N LEU A 29 -8.86 -10.51 5.76
CA LEU A 29 -9.42 -11.83 5.48
C LEU A 29 -8.52 -12.93 6.06
N LEU A 30 -7.24 -12.88 5.73
CA LEU A 30 -6.29 -13.86 6.22
C LEU A 30 -6.28 -13.89 7.75
N ILE A 31 -6.12 -12.73 8.35
CA ILE A 31 -6.09 -12.62 9.81
C ILE A 31 -7.36 -13.20 10.42
N SER A 32 -8.51 -12.80 9.90
CA SER A 32 -9.80 -13.28 10.40
C SER A 32 -9.85 -14.80 10.38
N TYR A 33 -9.09 -15.41 9.48
CA TYR A 33 -9.04 -16.86 9.37
C TYR A 33 -8.30 -17.48 10.54
N GLY A 34 -7.26 -16.80 11.00
CA GLY A 34 -6.47 -17.30 12.12
C GLY A 34 -7.28 -17.37 13.40
N ILE A 35 -8.07 -16.33 13.67
CA ILE A 35 -8.89 -16.28 14.87
C ILE A 35 -9.96 -17.36 14.84
N ARG A 36 -10.52 -17.61 13.66
CA ARG A 36 -11.56 -18.61 13.48
C ARG A 36 -10.97 -20.02 13.54
N ARG A 37 -9.69 -20.14 13.17
CA ARG A 37 -9.01 -21.43 13.17
C ARG A 37 -9.77 -22.44 12.32
N LEU A 38 -10.52 -21.94 11.34
CA LEU A 38 -11.30 -22.81 10.45
C LEU A 38 -11.58 -22.11 9.13
N ARG B 1 19.01 22.42 -5.67
CA ARG B 1 20.20 22.13 -6.46
C ARG B 1 20.34 20.64 -6.74
N VAL B 2 19.37 20.09 -7.47
CA VAL B 2 19.37 18.68 -7.82
C VAL B 2 19.29 18.47 -9.33
N GLN B 3 20.17 17.63 -9.85
CA GLN B 3 20.21 17.35 -11.28
C GLN B 3 19.05 16.45 -11.68
N LEU B 4 18.69 16.49 -12.96
CA LEU B 4 17.60 15.67 -13.47
C LEU B 4 17.64 15.59 -15.00
N ALA B 5 18.85 15.47 -15.54
CA ALA B 5 19.04 15.37 -16.98
C ALA B 5 18.68 13.99 -17.50
N HIS B 6 17.45 13.57 -17.23
CA HIS B 6 16.97 12.26 -17.67
C HIS B 6 15.46 12.21 -17.72
N HIS B 7 14.91 11.96 -18.91
CA HIS B 7 13.46 11.90 -19.09
C HIS B 7 12.84 10.95 -18.08
N PHE B 8 11.72 11.37 -17.49
CA PHE B 8 11.02 10.56 -16.50
C PHE B 8 10.64 9.21 -17.09
N SER B 9 10.88 8.14 -16.32
CA SER B 9 10.56 6.79 -16.76
C SER B 9 9.06 6.54 -16.71
N GLU B 10 8.67 5.26 -16.83
CA GLU B 10 7.27 4.90 -16.79
C GLU B 10 6.96 4.07 -15.54
N PRO B 11 6.87 4.75 -14.39
CA PRO B 11 6.59 4.09 -13.11
C PRO B 11 5.14 3.59 -13.03
N GLU B 12 4.96 2.48 -12.31
CA GLU B 12 3.63 1.90 -12.16
C GLU B 12 3.65 0.74 -11.17
N ILE B 13 4.35 -0.32 -11.54
CA ILE B 13 4.46 -1.50 -10.69
C ILE B 13 4.86 -1.12 -9.27
N THR B 14 5.93 -0.34 -9.16
CA THR B 14 6.43 0.10 -7.86
C THR B 14 5.30 0.69 -7.02
N LEU B 15 4.53 1.60 -7.62
CA LEU B 15 3.42 2.23 -6.92
C LEU B 15 2.45 1.19 -6.37
N ILE B 16 2.06 0.24 -7.23
CA ILE B 16 1.15 -0.81 -6.83
C ILE B 16 1.67 -1.58 -5.62
N ILE B 17 2.94 -1.95 -5.67
CA ILE B 17 3.57 -2.69 -4.57
C ILE B 17 3.58 -1.85 -3.29
N PHE B 18 4.05 -0.61 -3.41
CA PHE B 18 4.12 0.28 -2.27
C PHE B 18 2.76 0.41 -1.59
N GLY B 19 1.72 0.59 -2.40
CA GLY B 19 0.38 0.72 -1.86
C GLY B 19 -0.03 -0.47 -1.03
N VAL B 20 0.11 -1.67 -1.59
CA VAL B 20 -0.24 -2.90 -0.89
C VAL B 20 0.63 -3.11 0.33
N MET B 21 1.89 -2.72 0.23
CA MET B 21 2.84 -2.87 1.34
C MET B 21 2.45 -1.96 2.50
N ALA B 22 2.08 -0.72 2.19
CA ALA B 22 1.68 0.23 3.21
C ALA B 22 0.38 -0.19 3.90
N GLY B 23 -0.60 -0.58 3.09
CA GLY B 23 -1.88 -1.01 3.64
C GLY B 23 -1.75 -2.26 4.50
N VAL B 24 -1.14 -3.30 3.94
CA VAL B 24 -0.96 -4.55 4.66
C VAL B 24 -0.27 -4.32 6.00
N ILE B 25 0.93 -3.75 5.94
CA ILE B 25 1.70 -3.48 7.14
C ILE B 25 0.89 -2.64 8.13
N GLY B 26 0.16 -1.66 7.61
CA GLY B 26 -0.65 -0.80 8.45
C GLY B 26 -1.67 -1.59 9.26
N THR B 27 -2.45 -2.41 8.58
CA THR B 27 -3.48 -3.21 9.24
C THR B 27 -2.87 -4.09 10.33
N ILE B 28 -1.75 -4.73 10.00
CA ILE B 28 -1.07 -5.61 10.95
C ILE B 28 -0.77 -4.87 12.26
N LEU B 29 -0.15 -3.70 12.14
CA LEU B 29 0.19 -2.89 13.32
C LEU B 29 -1.05 -2.59 14.15
N LEU B 30 -2.07 -2.04 13.49
CA LEU B 30 -3.32 -1.70 14.17
C LEU B 30 -3.93 -2.93 14.84
N ILE B 31 -4.04 -4.01 14.07
CA ILE B 31 -4.60 -5.25 14.59
C ILE B 31 -3.88 -5.71 15.85
N SER B 32 -2.54 -5.70 15.80
CA SER B 32 -1.73 -6.11 16.93
C SER B 32 -2.08 -5.31 18.18
N TYR B 33 -2.54 -4.07 17.97
CA TYR B 33 -2.90 -3.20 19.07
C TYR B 33 -4.22 -3.65 19.71
N GLY B 34 -5.14 -4.12 18.88
CA GLY B 34 -6.43 -4.58 19.37
C GLY B 34 -6.30 -5.79 20.28
N ILE B 35 -5.37 -6.67 19.94
CA ILE B 35 -5.15 -7.88 20.72
C ILE B 35 -4.62 -7.55 22.12
N ARG B 36 -3.86 -6.47 22.22
CA ARG B 36 -3.30 -6.03 23.49
C ARG B 36 -4.37 -5.38 24.36
N ARG B 37 -5.40 -4.83 23.72
CA ARG B 37 -6.49 -4.18 24.44
C ARG B 37 -5.97 -2.99 25.24
N LEU B 38 -4.86 -2.42 24.81
CA LEU B 38 -4.26 -1.28 25.49
C LEU B 38 -5.03 0.00 25.17
N ARG A 1 13.13 3.98 5.89
CA ARG A 1 13.33 4.84 4.72
C ARG A 1 12.03 5.52 4.32
N VAL A 2 11.72 6.62 5.00
CA VAL A 2 10.50 7.37 4.71
C VAL A 2 10.70 8.86 4.91
N GLN A 3 10.97 9.57 3.81
CA GLN A 3 11.20 11.01 3.87
C GLN A 3 9.89 11.76 4.05
N LEU A 4 9.98 13.08 4.18
CA LEU A 4 8.79 13.91 4.36
C LEU A 4 9.05 15.33 3.88
N ALA A 5 8.03 16.19 3.99
CA ALA A 5 8.15 17.57 3.58
C ALA A 5 8.20 17.69 2.05
N HIS A 6 7.52 16.78 1.38
CA HIS A 6 7.48 16.77 -0.08
C HIS A 6 6.28 15.99 -0.59
N HIS A 7 5.98 16.15 -1.88
CA HIS A 7 4.86 15.46 -2.49
C HIS A 7 4.78 15.74 -3.99
N PHE A 8 5.61 15.03 -4.76
CA PHE A 8 5.65 15.21 -6.21
C PHE A 8 4.28 14.93 -6.82
N SER A 9 4.21 14.99 -8.16
CA SER A 9 2.97 14.75 -8.86
C SER A 9 2.56 13.28 -8.76
N GLU A 10 3.33 12.41 -9.41
CA GLU A 10 3.05 10.99 -9.40
C GLU A 10 1.59 10.71 -9.77
N PRO A 11 1.28 10.86 -11.07
CA PRO A 11 -0.07 10.63 -11.59
C PRO A 11 -0.46 9.16 -11.55
N GLU A 12 -0.81 8.67 -10.37
CA GLU A 12 -1.21 7.28 -10.21
C GLU A 12 -2.02 7.09 -8.92
N ILE A 13 -2.78 8.11 -8.55
CA ILE A 13 -3.60 8.06 -7.35
C ILE A 13 -4.40 6.76 -7.29
N THR A 14 -5.17 6.50 -8.34
CA THR A 14 -5.99 5.30 -8.41
C THR A 14 -5.17 4.05 -8.09
N LEU A 15 -4.00 3.94 -8.71
CA LEU A 15 -3.12 2.80 -8.49
C LEU A 15 -2.77 2.66 -7.01
N ILE A 16 -2.35 3.77 -6.40
CA ILE A 16 -1.99 3.78 -4.99
C ILE A 16 -3.14 3.27 -4.12
N ILE A 17 -4.34 3.75 -4.41
CA ILE A 17 -5.52 3.35 -3.65
C ILE A 17 -5.82 1.87 -3.85
N PHE A 18 -5.87 1.45 -5.11
CA PHE A 18 -6.14 0.05 -5.45
C PHE A 18 -5.17 -0.88 -4.72
N GLY A 19 -3.89 -0.55 -4.79
CA GLY A 19 -2.88 -1.37 -4.13
C GLY A 19 -3.14 -1.54 -2.64
N VAL A 20 -3.26 -0.42 -1.94
CA VAL A 20 -3.51 -0.45 -0.50
C VAL A 20 -4.83 -1.15 -0.18
N MET A 21 -5.81 -0.99 -1.08
CA MET A 21 -7.11 -1.61 -0.91
C MET A 21 -7.00 -3.13 -0.96
N ALA A 22 -6.25 -3.63 -1.94
CA ALA A 22 -6.07 -5.06 -2.11
C ALA A 22 -5.29 -5.66 -0.93
N GLY A 23 -4.21 -4.99 -0.55
CA GLY A 23 -3.41 -5.47 0.55
C GLY A 23 -4.16 -5.47 1.87
N VAL A 24 -4.74 -4.33 2.23
CA VAL A 24 -5.49 -4.20 3.46
C VAL A 24 -6.57 -5.28 3.56
N ILE A 25 -7.45 -5.32 2.57
CA ILE A 25 -8.53 -6.30 2.55
C ILE A 25 -7.98 -7.72 2.66
N GLY A 26 -6.89 -7.98 1.95
CA GLY A 26 -6.29 -9.31 1.99
C GLY A 26 -5.89 -9.72 3.39
N THR A 27 -5.12 -8.86 4.06
CA THR A 27 -4.66 -9.15 5.41
C THR A 27 -5.83 -9.44 6.34
N ILE A 28 -6.87 -8.63 6.23
CA ILE A 28 -8.06 -8.80 7.05
C ILE A 28 -8.64 -10.20 6.90
N LEU A 29 -8.78 -10.65 5.66
CA LEU A 29 -9.33 -11.97 5.38
C LEU A 29 -8.49 -13.06 6.04
N LEU A 30 -7.19 -13.06 5.76
CA LEU A 30 -6.28 -14.03 6.33
C LEU A 30 -6.30 -13.98 7.86
N ILE A 31 -6.14 -12.77 8.41
CA ILE A 31 -6.15 -12.59 9.85
C ILE A 31 -7.44 -13.11 10.46
N SER A 32 -8.58 -12.75 9.87
CA SER A 32 -9.87 -13.19 10.36
C SER A 32 -9.93 -14.70 10.45
N TYR A 33 -9.19 -15.38 9.57
CA TYR A 33 -9.16 -16.83 9.56
C TYR A 33 -8.40 -17.39 10.76
N GLY A 34 -7.34 -16.69 11.14
CA GLY A 34 -6.54 -17.12 12.28
C GLY A 34 -7.31 -17.07 13.57
N ILE A 35 -8.15 -16.05 13.74
CA ILE A 35 -8.94 -15.90 14.94
C ILE A 35 -9.96 -17.02 15.08
N ARG A 36 -10.42 -17.55 13.95
CA ARG A 36 -11.38 -18.64 13.95
C ARG A 36 -10.72 -19.96 14.34
N ARG A 37 -9.53 -20.20 13.81
CA ARG A 37 -8.79 -21.42 14.10
C ARG A 37 -9.65 -22.65 13.85
N LEU A 38 -10.58 -22.53 12.90
CA LEU A 38 -11.47 -23.63 12.57
C LEU A 38 -10.79 -24.61 11.61
N ARG B 1 1.36 27.38 -15.15
CA ARG B 1 2.37 27.87 -14.23
C ARG B 1 3.51 26.87 -14.07
N VAL B 2 3.16 25.58 -14.00
CA VAL B 2 4.16 24.53 -13.85
C VAL B 2 4.01 23.49 -14.96
N GLN B 3 4.89 23.56 -15.96
CA GLN B 3 4.85 22.62 -17.07
C GLN B 3 5.40 21.26 -16.66
N LEU B 4 4.87 20.20 -17.26
CA LEU B 4 5.31 18.85 -16.96
C LEU B 4 5.09 17.91 -18.14
N ALA B 5 5.72 16.75 -18.11
CA ALA B 5 5.59 15.77 -19.18
C ALA B 5 5.94 14.38 -18.70
N HIS B 6 5.25 13.93 -17.65
CA HIS B 6 5.50 12.61 -17.08
C HIS B 6 4.88 11.53 -17.96
N HIS B 7 5.43 11.35 -19.16
CA HIS B 7 4.95 10.35 -20.10
C HIS B 7 4.94 8.97 -19.45
N PHE B 8 6.11 8.35 -19.39
CA PHE B 8 6.24 7.01 -18.81
C PHE B 8 6.64 7.10 -17.34
N SER B 9 7.53 8.04 -17.03
CA SER B 9 8.00 8.23 -15.67
C SER B 9 8.41 6.89 -15.05
N GLU B 10 8.61 6.90 -13.72
CA GLU B 10 9.00 5.69 -13.01
C GLU B 10 8.02 4.56 -13.28
N PRO B 11 8.44 3.32 -12.96
CA PRO B 11 7.61 2.13 -13.16
C PRO B 11 6.43 2.07 -12.20
N GLU B 12 5.22 2.04 -12.76
CA GLU B 12 4.01 1.99 -11.95
C GLU B 12 4.06 0.82 -10.96
N ILE B 13 4.79 -0.22 -11.34
CA ILE B 13 4.93 -1.39 -10.49
C ILE B 13 5.29 -1.01 -9.06
N THR B 14 6.35 -0.20 -8.91
CA THR B 14 6.79 0.24 -7.61
C THR B 14 5.63 0.81 -6.79
N LEU B 15 4.84 1.68 -7.40
CA LEU B 15 3.71 2.29 -6.74
C LEU B 15 2.75 1.22 -6.20
N ILE B 16 2.42 0.26 -7.05
CA ILE B 16 1.52 -0.82 -6.67
C ILE B 16 2.04 -1.55 -5.43
N ILE B 17 3.32 -1.87 -5.45
CA ILE B 17 3.95 -2.58 -4.32
C ILE B 17 3.92 -1.72 -3.07
N PHE B 18 4.39 -0.48 -3.20
CA PHE B 18 4.42 0.45 -2.07
C PHE B 18 3.05 0.57 -1.42
N GLY B 19 2.02 0.78 -2.25
CA GLY B 19 0.67 0.91 -1.74
C GLY B 19 0.25 -0.28 -0.90
N VAL B 20 0.33 -1.47 -1.50
CA VAL B 20 -0.06 -2.69 -0.80
C VAL B 20 0.80 -2.91 0.44
N MET B 21 2.06 -2.51 0.37
CA MET B 21 2.99 -2.66 1.48
C MET B 21 2.56 -1.79 2.66
N ALA B 22 2.17 -0.55 2.36
CA ALA B 22 1.73 0.38 3.40
C ALA B 22 0.43 -0.09 4.04
N GLY B 23 -0.53 -0.48 3.21
CA GLY B 23 -1.81 -0.94 3.70
C GLY B 23 -1.68 -2.20 4.54
N VAL B 24 -1.05 -3.22 3.97
CA VAL B 24 -0.87 -4.49 4.66
C VAL B 24 -0.21 -4.28 6.03
N ILE B 25 0.99 -3.70 6.01
CA ILE B 25 1.72 -3.43 7.24
C ILE B 25 0.89 -2.62 8.22
N GLY B 26 0.14 -1.65 7.70
CA GLY B 26 -0.69 -0.82 8.54
C GLY B 26 -1.72 -1.62 9.30
N THR B 27 -2.49 -2.43 8.59
CA THR B 27 -3.53 -3.25 9.21
C THR B 27 -2.94 -4.16 10.28
N ILE B 28 -1.80 -4.77 9.98
CA ILE B 28 -1.14 -5.66 10.91
C ILE B 28 -0.87 -4.96 12.24
N LEU B 29 -0.25 -3.79 12.18
CA LEU B 29 0.05 -3.03 13.38
C LEU B 29 -1.22 -2.73 14.18
N LEU B 30 -2.21 -2.17 13.52
CA LEU B 30 -3.48 -1.85 14.17
C LEU B 30 -4.10 -3.10 14.79
N ILE B 31 -4.18 -4.16 14.01
CA ILE B 31 -4.76 -5.41 14.48
C ILE B 31 -4.07 -5.89 15.75
N SER B 32 -2.74 -5.90 15.73
CA SER B 32 -1.95 -6.34 16.89
C SER B 32 -2.33 -5.53 18.12
N TYR B 33 -2.71 -4.28 17.91
CA TYR B 33 -3.09 -3.41 19.01
C TYR B 33 -4.45 -3.80 19.59
N GLY B 34 -5.35 -4.24 18.72
CA GLY B 34 -6.67 -4.65 19.15
C GLY B 34 -6.63 -5.88 20.03
N ILE B 35 -5.74 -6.81 19.72
CA ILE B 35 -5.60 -8.04 20.49
C ILE B 35 -5.12 -7.74 21.92
N ARG B 36 -4.32 -6.69 22.05
CA ARG B 36 -3.79 -6.30 23.36
C ARG B 36 -4.87 -5.63 24.20
N ARG B 37 -5.64 -4.75 23.57
CA ARG B 37 -6.71 -4.04 24.26
C ARG B 37 -6.19 -3.36 25.53
N LEU B 38 -4.91 -2.98 25.50
CA LEU B 38 -4.28 -2.33 26.64
C LEU B 38 -4.52 -3.12 27.93
N ARG A 1 12.16 -5.42 3.59
CA ARG A 1 11.31 -4.99 2.48
C ARG A 1 10.67 -3.64 2.77
N VAL A 2 11.39 -2.57 2.47
CA VAL A 2 10.90 -1.22 2.70
C VAL A 2 10.89 -0.40 1.41
N GLN A 3 9.70 -0.10 0.92
CA GLN A 3 9.55 0.68 -0.31
C GLN A 3 9.65 2.18 -0.02
N LEU A 4 9.59 2.97 -1.08
CA LEU A 4 9.68 4.42 -0.94
C LEU A 4 9.10 5.12 -2.17
N ALA A 5 9.28 6.44 -2.25
CA ALA A 5 8.77 7.22 -3.36
C ALA A 5 9.59 8.50 -3.54
N HIS A 6 9.30 9.49 -2.72
CA HIS A 6 10.00 10.77 -2.79
C HIS A 6 10.09 11.27 -4.22
N HIS A 7 9.04 11.96 -4.67
CA HIS A 7 9.00 12.49 -6.03
C HIS A 7 7.72 13.29 -6.25
N PHE A 8 7.89 14.53 -6.73
CA PHE A 8 6.75 15.41 -6.99
C PHE A 8 5.79 14.78 -7.98
N SER A 9 4.55 15.25 -7.99
CA SER A 9 3.53 14.72 -8.89
C SER A 9 3.17 13.30 -8.52
N GLU A 10 1.92 12.91 -8.79
CA GLU A 10 1.45 11.57 -8.49
C GLU A 10 0.24 11.21 -9.35
N PRO A 11 0.49 10.92 -10.64
CA PRO A 11 -0.56 10.57 -11.60
C PRO A 11 -1.15 9.19 -11.30
N GLU A 12 -0.32 8.29 -10.77
CA GLU A 12 -0.77 6.94 -10.45
C GLU A 12 -1.57 6.93 -9.16
N ILE A 13 -2.55 7.83 -9.06
CA ILE A 13 -3.39 7.91 -7.87
C ILE A 13 -4.18 6.63 -7.66
N THR A 14 -5.08 6.33 -8.60
CA THR A 14 -5.90 5.13 -8.51
C THR A 14 -5.05 3.90 -8.20
N LEU A 15 -3.87 3.83 -8.80
CA LEU A 15 -2.97 2.71 -8.58
C LEU A 15 -2.64 2.56 -7.10
N ILE A 16 -2.17 3.65 -6.49
CA ILE A 16 -1.83 3.64 -5.08
C ILE A 16 -3.00 3.19 -4.22
N ILE A 17 -4.18 3.72 -4.52
CA ILE A 17 -5.39 3.36 -3.78
C ILE A 17 -5.72 1.88 -3.93
N PHE A 18 -5.71 1.41 -5.17
CA PHE A 18 -6.01 0.01 -5.45
C PHE A 18 -5.08 -0.91 -4.66
N GLY A 19 -3.79 -0.60 -4.69
CA GLY A 19 -2.82 -1.41 -3.97
C GLY A 19 -3.14 -1.52 -2.49
N VAL A 20 -3.29 -0.38 -1.84
CA VAL A 20 -3.59 -0.36 -0.41
C VAL A 20 -4.94 -1.02 -0.13
N MET A 21 -5.88 -0.86 -1.05
CA MET A 21 -7.21 -1.44 -0.90
C MET A 21 -7.13 -2.96 -0.93
N ALA A 22 -6.40 -3.50 -1.90
CA ALA A 22 -6.26 -4.94 -2.05
C ALA A 22 -5.48 -5.53 -0.87
N GLY A 23 -4.38 -4.88 -0.51
CA GLY A 23 -3.57 -5.36 0.60
C GLY A 23 -4.34 -5.37 1.91
N VAL A 24 -4.94 -4.24 2.24
CA VAL A 24 -5.71 -4.12 3.48
C VAL A 24 -6.76 -5.22 3.59
N ILE A 25 -7.64 -5.30 2.60
CA ILE A 25 -8.69 -6.30 2.59
C ILE A 25 -8.10 -7.71 2.69
N GLY A 26 -7.00 -7.94 1.99
CA GLY A 26 -6.36 -9.25 2.02
C GLY A 26 -5.94 -9.65 3.42
N THR A 27 -5.21 -8.76 4.09
CA THR A 27 -4.75 -9.03 5.45
C THR A 27 -5.92 -9.35 6.38
N ILE A 28 -6.97 -8.55 6.27
CA ILE A 28 -8.16 -8.75 7.10
C ILE A 28 -8.69 -10.17 6.97
N LEU A 29 -8.90 -10.60 5.73
CA LEU A 29 -9.41 -11.95 5.48
C LEU A 29 -8.52 -13.01 6.12
N LEU A 30 -7.23 -12.94 5.82
CA LEU A 30 -6.26 -13.90 6.37
C LEU A 30 -6.29 -13.87 7.90
N ILE A 31 -6.19 -12.67 8.46
CA ILE A 31 -6.20 -12.51 9.91
C ILE A 31 -7.44 -13.14 10.52
N SER A 32 -8.61 -12.76 10.01
CA SER A 32 -9.88 -13.28 10.51
C SER A 32 -9.87 -14.81 10.49
N TYR A 33 -9.12 -15.38 9.56
CA TYR A 33 -9.03 -16.83 9.42
C TYR A 33 -8.22 -17.43 10.57
N GLY A 34 -7.20 -16.72 11.01
CA GLY A 34 -6.36 -17.20 12.09
C GLY A 34 -7.12 -17.30 13.39
N ILE A 35 -7.94 -16.30 13.69
CA ILE A 35 -8.73 -16.29 14.92
C ILE A 35 -9.75 -17.42 14.93
N ARG A 36 -10.34 -17.69 13.77
CA ARG A 36 -11.34 -18.74 13.65
C ARG A 36 -10.68 -20.11 13.65
N ARG A 37 -9.54 -20.23 12.97
CA ARG A 37 -8.81 -21.48 12.89
C ARG A 37 -9.69 -22.59 12.32
N LEU A 38 -10.67 -22.19 11.51
CA LEU A 38 -11.58 -23.16 10.90
C LEU A 38 -10.94 -23.82 9.68
N ARG B 1 25.87 20.00 2.58
CA ARG B 1 25.31 18.67 2.75
C ARG B 1 25.97 17.68 1.79
N VAL B 2 25.75 16.39 2.04
CA VAL B 2 26.32 15.35 1.19
C VAL B 2 25.54 15.18 -0.10
N GLN B 3 26.23 15.30 -1.23
CA GLN B 3 25.60 15.18 -2.53
C GLN B 3 25.27 13.72 -2.84
N LEU B 4 24.61 13.49 -3.97
CA LEU B 4 24.24 12.14 -4.37
C LEU B 4 23.86 12.11 -5.86
N ALA B 5 23.32 10.97 -6.30
CA ALA B 5 22.92 10.80 -7.69
C ALA B 5 22.01 9.60 -7.86
N HIS B 6 21.11 9.41 -6.90
CA HIS B 6 20.18 8.28 -6.93
C HIS B 6 19.16 8.46 -8.06
N HIS B 7 18.52 7.37 -8.47
CA HIS B 7 17.53 7.41 -9.53
C HIS B 7 16.94 6.03 -9.78
N PHE B 8 16.58 5.33 -8.69
CA PHE B 8 16.01 3.99 -8.79
C PHE B 8 14.85 3.98 -9.78
N SER B 9 14.58 2.80 -10.34
CA SER B 9 13.50 2.65 -11.31
C SER B 9 12.14 2.66 -10.61
N GLU B 10 11.15 3.21 -11.30
CA GLU B 10 9.79 3.29 -10.75
C GLU B 10 8.75 3.42 -11.87
N PRO B 11 8.59 2.34 -12.63
CA PRO B 11 7.63 2.31 -13.75
C PRO B 11 6.18 2.30 -13.26
N GLU B 12 5.88 1.44 -12.31
CA GLU B 12 4.53 1.35 -11.75
C GLU B 12 4.47 0.28 -10.67
N ILE B 13 5.14 -0.83 -10.89
CA ILE B 13 5.17 -1.93 -9.92
C ILE B 13 5.49 -1.42 -8.52
N THR B 14 6.54 -0.60 -8.42
CA THR B 14 6.94 -0.04 -7.14
C THR B 14 5.76 0.58 -6.40
N LEU B 15 5.04 1.46 -7.08
CA LEU B 15 3.88 2.12 -6.49
C LEU B 15 2.86 1.10 -5.99
N ILE B 16 2.53 0.14 -6.85
CA ILE B 16 1.57 -0.90 -6.48
C ILE B 16 2.02 -1.65 -5.23
N ILE B 17 3.30 -1.99 -5.17
CA ILE B 17 3.86 -2.70 -4.04
C ILE B 17 3.79 -1.86 -2.77
N PHE B 18 4.27 -0.61 -2.87
CA PHE B 18 4.27 0.30 -1.73
C PHE B 18 2.86 0.43 -1.15
N GLY B 19 1.88 0.63 -2.02
CA GLY B 19 0.50 0.77 -1.58
C GLY B 19 0.03 -0.43 -0.78
N VAL B 20 0.16 -1.61 -1.35
CA VAL B 20 -0.26 -2.84 -0.68
C VAL B 20 0.54 -3.07 0.59
N MET B 21 1.81 -2.68 0.57
CA MET B 21 2.68 -2.84 1.72
C MET B 21 2.21 -1.97 2.88
N ALA B 22 1.91 -0.71 2.60
CA ALA B 22 1.45 0.22 3.62
C ALA B 22 0.09 -0.19 4.16
N GLY B 23 -0.82 -0.54 3.25
CA GLY B 23 -2.16 -0.95 3.66
C GLY B 23 -2.14 -2.19 4.52
N VAL B 24 -1.47 -3.23 4.04
CA VAL B 24 -1.39 -4.49 4.77
C VAL B 24 -0.88 -4.27 6.19
N ILE B 25 0.31 -3.68 6.30
CA ILE B 25 0.92 -3.41 7.60
C ILE B 25 -0.02 -2.58 8.47
N GLY B 26 -0.67 -1.59 7.86
CA GLY B 26 -1.58 -0.73 8.59
C GLY B 26 -2.70 -1.51 9.25
N THR B 27 -3.39 -2.34 8.46
CA THR B 27 -4.50 -3.14 8.97
C THR B 27 -4.04 -4.04 10.13
N ILE B 28 -2.89 -4.68 9.96
CA ILE B 28 -2.35 -5.56 10.98
C ILE B 28 -2.23 -4.84 12.32
N LEU B 29 -1.59 -3.67 12.30
CA LEU B 29 -1.42 -2.88 13.51
C LEU B 29 -2.76 -2.58 14.17
N LEU B 30 -3.68 -2.02 13.39
CA LEU B 30 -5.01 -1.69 13.90
C LEU B 30 -5.70 -2.92 14.46
N ILE B 31 -5.73 -3.99 13.68
CA ILE B 31 -6.36 -5.24 14.11
C ILE B 31 -5.77 -5.73 15.43
N SER B 32 -4.45 -5.70 15.52
CA SER B 32 -3.76 -6.13 16.73
C SER B 32 -4.27 -5.39 17.95
N TYR B 33 -4.61 -4.12 17.75
CA TYR B 33 -5.10 -3.28 18.85
C TYR B 33 -6.50 -3.72 19.27
N GLY B 34 -7.30 -4.15 18.30
CA GLY B 34 -8.65 -4.58 18.59
C GLY B 34 -8.69 -5.84 19.44
N ILE B 35 -7.74 -6.75 19.19
CA ILE B 35 -7.67 -8.00 19.94
C ILE B 35 -7.33 -7.74 21.40
N ARG B 36 -6.56 -6.68 21.65
CA ARG B 36 -6.16 -6.32 23.00
C ARG B 36 -7.34 -5.71 23.78
N ARG B 37 -8.09 -4.85 23.10
CA ARG B 37 -9.24 -4.20 23.72
C ARG B 37 -8.83 -3.43 24.97
N LEU B 38 -7.55 -3.05 25.03
CA LEU B 38 -7.03 -2.30 26.16
C LEU B 38 -7.29 -0.80 26.01
#